data_2L5T
#
_entry.id   2L5T
#
_entity_poly.entity_id   1
_entity_poly.type   'polypeptide(L)'
_entity_poly.pdbx_seq_one_letter_code
;MYEFKLPDIGEGVTEGEIVRWDVKEGDMVEKDQDLVEVMTDKVTVKIPSPVRGKIVKILYREGQVVPVGSTLLQIDT
;
_entity_poly.pdbx_strand_id   A
#
# COMPACT_ATOMS: atom_id res chain seq x y z
N MET A 1 10.04 0.00 12.54
CA MET A 1 8.83 0.87 12.55
C MET A 1 8.76 1.65 11.24
N TYR A 2 8.83 0.93 10.14
CA TYR A 2 8.76 1.57 8.82
C TYR A 2 7.32 1.89 8.47
N GLU A 3 7.08 3.14 8.07
CA GLU A 3 5.73 3.58 7.69
C GLU A 3 5.64 3.72 6.17
N PHE A 4 4.76 2.94 5.55
CA PHE A 4 4.59 2.98 4.10
C PHE A 4 3.43 3.90 3.71
N LYS A 5 3.76 4.90 2.89
CA LYS A 5 2.77 5.86 2.42
C LYS A 5 2.74 5.88 0.89
N LEU A 6 1.56 6.08 0.33
CA LEU A 6 1.42 6.11 -1.13
C LEU A 6 2.11 7.35 -1.70
N PRO A 7 3.18 7.22 -2.47
CA PRO A 7 3.89 8.41 -3.03
C PRO A 7 3.15 8.99 -4.24
N ASP A 8 3.31 10.30 -4.45
CA ASP A 8 2.67 10.97 -5.58
C ASP A 8 3.57 10.96 -6.80
N ILE A 9 3.45 9.92 -7.63
CA ILE A 9 4.26 9.82 -8.83
C ILE A 9 3.92 10.96 -9.79
N GLY A 10 2.62 11.23 -9.93
CA GLY A 10 2.15 12.30 -10.80
C GLY A 10 2.06 13.62 -10.04
N GLU A 11 1.37 14.58 -10.62
CA GLU A 11 1.20 15.88 -9.99
C GLU A 11 0.66 15.72 -8.57
N GLY A 12 0.21 16.83 -7.98
CA GLY A 12 -0.34 16.80 -6.62
C GLY A 12 -1.16 15.53 -6.39
N VAL A 13 -2.34 15.48 -7.00
CA VAL A 13 -3.22 14.31 -6.86
C VAL A 13 -3.53 14.08 -5.38
N THR A 14 -4.81 14.18 -5.02
CA THR A 14 -5.25 13.98 -3.63
C THR A 14 -6.32 12.90 -3.56
N GLU A 15 -5.88 11.64 -3.65
CA GLU A 15 -6.82 10.53 -3.57
C GLU A 15 -6.06 9.20 -3.48
N GLY A 16 -6.60 8.26 -2.70
CA GLY A 16 -5.96 6.95 -2.53
C GLY A 16 -7.00 5.84 -2.55
N GLU A 17 -7.01 5.03 -3.61
CA GLU A 17 -7.96 3.92 -3.73
C GLU A 17 -7.22 2.61 -3.99
N ILE A 18 -7.58 1.58 -3.23
CA ILE A 18 -6.96 0.26 -3.37
C ILE A 18 -7.85 -0.70 -4.14
N VAL A 19 -7.34 -1.19 -5.27
CA VAL A 19 -8.09 -2.13 -6.10
C VAL A 19 -7.74 -3.57 -5.75
N ARG A 20 -6.45 -3.86 -5.57
CA ARG A 20 -6.01 -5.22 -5.22
C ARG A 20 -4.90 -5.20 -4.17
N TRP A 21 -4.90 -6.20 -3.29
CA TRP A 21 -3.87 -6.30 -2.23
C TRP A 21 -2.97 -7.52 -2.50
N ASP A 22 -1.67 -7.35 -2.27
CA ASP A 22 -0.71 -8.45 -2.49
C ASP A 22 -0.31 -9.12 -1.18
N VAL A 23 -0.75 -8.57 -0.05
CA VAL A 23 -0.40 -9.13 1.26
C VAL A 23 -1.59 -9.16 2.19
N LYS A 24 -1.50 -10.01 3.23
CA LYS A 24 -2.58 -10.13 4.22
C LYS A 24 -2.00 -10.16 5.64
N GLU A 25 -2.80 -9.67 6.58
CA GLU A 25 -2.39 -9.62 7.99
C GLU A 25 -2.09 -11.01 8.52
N GLY A 26 -1.02 -11.13 9.32
CA GLY A 26 -0.66 -12.42 9.91
C GLY A 26 0.22 -13.27 8.99
N ASP A 27 0.69 -12.68 7.88
CA ASP A 27 1.53 -13.42 6.94
C ASP A 27 2.88 -12.73 6.74
N MET A 28 3.91 -13.53 6.45
CA MET A 28 5.26 -13.00 6.24
C MET A 28 5.44 -12.59 4.77
N VAL A 29 6.35 -11.64 4.52
CA VAL A 29 6.61 -11.18 3.15
C VAL A 29 8.10 -10.99 2.92
N GLU A 30 8.52 -11.13 1.66
CA GLU A 30 9.93 -10.97 1.29
C GLU A 30 10.10 -9.80 0.33
N LYS A 31 11.31 -9.26 0.26
CA LYS A 31 11.59 -8.12 -0.60
C LYS A 31 11.50 -8.52 -2.07
N ASP A 32 10.30 -8.88 -2.54
CA ASP A 32 10.12 -9.29 -3.92
C ASP A 32 8.66 -9.57 -4.24
N GLN A 33 7.85 -8.50 -4.34
CA GLN A 33 6.43 -8.64 -4.66
C GLN A 33 5.94 -7.45 -5.48
N ASP A 34 5.41 -7.71 -6.68
CA ASP A 34 4.91 -6.64 -7.54
C ASP A 34 3.48 -6.93 -7.99
N LEU A 35 2.68 -7.48 -7.07
CA LEU A 35 1.28 -7.81 -7.37
C LEU A 35 0.34 -6.87 -6.61
N VAL A 36 0.78 -5.63 -6.44
CA VAL A 36 -0.02 -4.61 -5.73
C VAL A 36 -0.36 -3.51 -6.73
N GLU A 37 -1.65 -3.18 -6.82
CA GLU A 37 -2.10 -2.14 -7.73
C GLU A 37 -2.72 -0.98 -6.96
N VAL A 38 -2.19 0.21 -7.19
CA VAL A 38 -2.68 1.42 -6.53
C VAL A 38 -3.23 2.37 -7.58
N MET A 39 -4.45 2.86 -7.33
CA MET A 39 -5.14 3.78 -8.24
C MET A 39 -5.21 5.17 -7.63
N THR A 40 -4.74 6.16 -8.38
CA THR A 40 -4.75 7.55 -7.91
C THR A 40 -6.00 8.26 -8.43
N ASP A 41 -5.97 8.65 -9.70
CA ASP A 41 -7.10 9.35 -10.32
C ASP A 41 -7.98 8.36 -11.07
N LYS A 42 -7.50 7.89 -12.22
CA LYS A 42 -8.26 6.91 -13.03
C LYS A 42 -7.30 6.03 -13.83
N VAL A 43 -6.31 5.47 -13.15
CA VAL A 43 -5.33 4.60 -13.82
C VAL A 43 -4.77 3.58 -12.85
N THR A 44 -4.42 2.40 -13.37
CA THR A 44 -3.86 1.33 -12.53
C THR A 44 -2.37 1.16 -12.82
N VAL A 45 -1.55 1.37 -11.80
CA VAL A 45 -0.09 1.25 -11.93
C VAL A 45 0.49 0.25 -10.94
N LYS A 46 1.36 -0.63 -11.43
CA LYS A 46 1.99 -1.66 -10.59
C LYS A 46 3.36 -1.18 -10.11
N ILE A 47 3.65 -1.39 -8.82
CA ILE A 47 4.93 -0.96 -8.25
C ILE A 47 5.51 -2.08 -7.35
N PRO A 48 6.79 -2.40 -7.47
CA PRO A 48 7.41 -3.47 -6.62
C PRO A 48 7.67 -2.96 -5.20
N SER A 49 7.59 -3.87 -4.22
CA SER A 49 7.79 -3.50 -2.82
C SER A 49 9.24 -3.79 -2.37
N PRO A 50 10.07 -2.79 -2.17
CA PRO A 50 11.48 -3.00 -1.71
C PRO A 50 11.57 -3.07 -0.19
N VAL A 51 10.62 -3.77 0.45
CA VAL A 51 10.58 -3.86 1.90
C VAL A 51 10.31 -5.30 2.38
N ARG A 52 10.74 -5.60 3.61
CA ARG A 52 10.55 -6.93 4.18
C ARG A 52 10.51 -6.85 5.71
N GLY A 53 9.76 -7.75 6.36
CA GLY A 53 9.68 -7.75 7.81
C GLY A 53 8.46 -8.53 8.32
N LYS A 54 7.70 -7.95 9.26
CA LYS A 54 6.52 -8.62 9.83
C LYS A 54 5.32 -7.67 9.79
N ILE A 55 4.15 -8.19 9.38
CA ILE A 55 2.96 -7.35 9.30
C ILE A 55 2.18 -7.42 10.62
N VAL A 56 2.00 -6.26 11.26
CA VAL A 56 1.30 -6.20 12.55
C VAL A 56 -0.23 -6.12 12.38
N LYS A 57 -0.72 -5.20 11.55
CA LYS A 57 -2.17 -5.06 11.39
C LYS A 57 -2.53 -4.26 10.15
N ILE A 58 -3.76 -4.47 9.66
CA ILE A 58 -4.26 -3.77 8.47
C ILE A 58 -5.45 -2.88 8.83
N LEU A 59 -5.33 -1.57 8.55
CA LEU A 59 -6.40 -0.62 8.85
C LEU A 59 -7.23 -0.33 7.61
N TYR A 60 -6.71 -0.66 6.44
CA TYR A 60 -7.41 -0.42 5.18
C TYR A 60 -7.93 -1.71 4.56
N ARG A 61 -9.11 -1.61 3.93
CA ARG A 61 -9.75 -2.76 3.28
C ARG A 61 -10.02 -2.47 1.81
N GLU A 62 -10.24 -3.52 1.05
CA GLU A 62 -10.49 -3.38 -0.39
C GLU A 62 -11.71 -2.49 -0.66
N GLY A 63 -11.58 -1.61 -1.64
CA GLY A 63 -12.68 -0.72 -2.01
C GLY A 63 -12.73 0.54 -1.17
N GLN A 64 -11.74 0.74 -0.30
CA GLN A 64 -11.71 1.93 0.57
C GLN A 64 -10.98 3.07 -0.12
N VAL A 65 -11.54 4.28 -0.02
CA VAL A 65 -10.95 5.46 -0.65
C VAL A 65 -10.71 6.57 0.40
N VAL A 66 -9.49 7.13 0.41
CA VAL A 66 -9.13 8.17 1.39
C VAL A 66 -8.13 9.17 0.79
N PRO A 67 -8.24 10.47 1.06
CA PRO A 67 -7.25 11.47 0.53
C PRO A 67 -5.80 11.10 0.86
N VAL A 68 -4.89 11.47 -0.04
CA VAL A 68 -3.47 11.19 0.14
C VAL A 68 -2.91 11.86 1.40
N GLY A 69 -2.17 11.09 2.19
CA GLY A 69 -1.55 11.62 3.42
C GLY A 69 -1.80 10.72 4.63
N SER A 70 -1.54 9.41 4.48
CA SER A 70 -1.74 8.49 5.59
C SER A 70 -0.96 7.20 5.40
N THR A 71 -0.78 6.45 6.48
CA THR A 71 -0.06 5.17 6.42
C THR A 71 -1.07 4.04 6.28
N LEU A 72 -0.97 3.28 5.21
CA LEU A 72 -1.91 2.20 4.94
C LEU A 72 -1.55 0.94 5.71
N LEU A 73 -0.43 0.95 6.42
CA LEU A 73 -0.01 -0.23 7.17
C LEU A 73 1.15 0.11 8.10
N GLN A 74 1.16 -0.48 9.29
CA GLN A 74 2.25 -0.28 10.25
C GLN A 74 3.11 -1.53 10.25
N ILE A 75 4.39 -1.36 9.96
CA ILE A 75 5.31 -2.50 9.87
C ILE A 75 6.55 -2.26 10.71
N ASP A 76 6.86 -3.23 11.57
CA ASP A 76 8.04 -3.15 12.42
C ASP A 76 9.26 -3.73 11.70
N THR A 77 10.42 -3.10 11.86
CA THR A 77 11.65 -3.58 11.23
C THR A 77 12.79 -3.62 12.22
N MET A 1 8.81 0.84 14.10
CA MET A 1 7.61 0.64 13.25
C MET A 1 7.66 1.62 12.08
N TYR A 2 8.10 1.13 10.91
CA TYR A 2 8.20 1.99 9.74
C TYR A 2 6.84 2.08 9.05
N GLU A 3 6.41 3.30 8.77
CA GLU A 3 5.12 3.52 8.12
C GLU A 3 5.27 3.61 6.61
N PHE A 4 4.34 2.99 5.88
CA PHE A 4 4.37 3.03 4.40
C PHE A 4 3.33 4.01 3.91
N LYS A 5 3.79 5.21 3.52
CA LYS A 5 2.89 6.25 3.02
C LYS A 5 3.08 6.43 1.53
N LEU A 6 2.12 5.94 0.74
CA LEU A 6 2.17 6.03 -0.73
C LEU A 6 2.94 7.30 -1.17
N PRO A 7 4.23 7.19 -1.44
CA PRO A 7 5.04 8.37 -1.86
C PRO A 7 4.81 8.74 -3.32
N ASP A 8 5.04 10.01 -3.64
CA ASP A 8 4.85 10.48 -5.02
C ASP A 8 6.10 10.20 -5.86
N ILE A 9 6.17 9.01 -6.43
CA ILE A 9 7.32 8.63 -7.26
C ILE A 9 6.87 7.79 -8.46
N GLY A 10 7.65 7.83 -9.53
CA GLY A 10 7.32 7.06 -10.74
C GLY A 10 6.30 7.80 -11.59
N GLU A 11 5.45 8.60 -10.96
CA GLU A 11 4.43 9.35 -11.67
C GLU A 11 3.72 10.32 -10.73
N GLY A 12 2.61 9.88 -10.14
CA GLY A 12 1.87 10.73 -9.22
C GLY A 12 0.64 10.01 -8.68
N VAL A 13 0.13 10.50 -7.54
CA VAL A 13 -1.07 9.91 -6.92
C VAL A 13 -1.92 11.00 -6.26
N THR A 14 -2.92 11.47 -7.00
CA THR A 14 -3.80 12.51 -6.47
C THR A 14 -4.61 11.97 -5.30
N GLU A 15 -5.01 10.69 -5.40
CA GLU A 15 -5.79 10.04 -4.36
C GLU A 15 -5.40 8.56 -4.30
N GLY A 16 -5.53 7.96 -3.11
CA GLY A 16 -5.17 6.56 -2.94
C GLY A 16 -6.39 5.66 -2.88
N GLU A 17 -6.62 4.86 -3.92
CA GLU A 17 -7.75 3.94 -3.97
C GLU A 17 -7.23 2.52 -4.15
N ILE A 18 -7.66 1.62 -3.27
CA ILE A 18 -7.22 0.23 -3.32
C ILE A 18 -8.26 -0.67 -3.96
N VAL A 19 -7.87 -1.28 -5.09
CA VAL A 19 -8.76 -2.18 -5.81
C VAL A 19 -8.56 -3.62 -5.34
N ARG A 20 -7.29 -4.03 -5.13
CA ARG A 20 -7.00 -5.40 -4.68
C ARG A 20 -5.83 -5.47 -3.71
N TRP A 21 -5.96 -6.36 -2.72
CA TRP A 21 -4.90 -6.61 -1.72
C TRP A 21 -4.38 -8.03 -1.97
N ASP A 22 -3.08 -8.27 -1.77
CA ASP A 22 -2.52 -9.61 -1.99
C ASP A 22 -1.72 -10.08 -0.77
N VAL A 23 -1.99 -9.48 0.38
CA VAL A 23 -1.32 -9.88 1.63
C VAL A 23 -2.35 -9.96 2.76
N LYS A 24 -2.05 -10.77 3.77
CA LYS A 24 -2.96 -10.93 4.91
C LYS A 24 -2.19 -10.87 6.22
N GLU A 25 -2.75 -10.16 7.19
CA GLU A 25 -2.11 -10.03 8.50
C GLU A 25 -1.58 -11.38 8.98
N GLY A 26 -0.35 -11.38 9.51
CA GLY A 26 0.26 -12.61 10.01
C GLY A 26 1.05 -13.34 8.93
N ASP A 27 1.17 -12.72 7.76
CA ASP A 27 1.91 -13.33 6.64
C ASP A 27 3.28 -12.65 6.49
N MET A 28 4.26 -13.40 5.99
CA MET A 28 5.60 -12.86 5.81
C MET A 28 5.75 -12.25 4.41
N VAL A 29 6.54 -11.18 4.31
CA VAL A 29 6.77 -10.49 3.03
C VAL A 29 8.26 -10.37 2.75
N GLU A 30 8.67 -10.72 1.53
CA GLU A 30 10.08 -10.65 1.13
C GLU A 30 10.31 -9.46 0.20
N LYS A 31 11.56 -9.01 0.13
CA LYS A 31 11.91 -7.88 -0.73
C LYS A 31 11.64 -8.20 -2.19
N ASP A 32 11.05 -7.25 -2.92
CA ASP A 32 10.72 -7.44 -4.33
C ASP A 32 9.81 -8.65 -4.54
N GLN A 33 8.87 -8.85 -3.59
CA GLN A 33 7.94 -9.98 -3.68
C GLN A 33 6.56 -9.55 -3.19
N ASP A 34 5.72 -9.04 -4.10
CA ASP A 34 4.38 -8.60 -3.72
C ASP A 34 3.57 -8.23 -4.95
N LEU A 35 2.25 -8.25 -4.82
CA LEU A 35 1.37 -7.90 -5.93
C LEU A 35 0.25 -6.98 -5.45
N VAL A 36 0.54 -5.69 -5.43
CA VAL A 36 -0.42 -4.68 -4.98
C VAL A 36 -0.74 -3.72 -6.13
N GLU A 37 -2.03 -3.41 -6.28
CA GLU A 37 -2.48 -2.51 -7.35
C GLU A 37 -3.23 -1.32 -6.76
N VAL A 38 -2.81 -0.11 -7.15
CA VAL A 38 -3.46 1.10 -6.64
C VAL A 38 -3.86 1.99 -7.83
N MET A 39 -5.12 2.43 -7.82
CA MET A 39 -5.66 3.27 -8.89
C MET A 39 -5.89 4.69 -8.39
N THR A 40 -5.44 5.66 -9.19
CA THR A 40 -5.60 7.08 -8.83
C THR A 40 -6.79 7.69 -9.56
N ASP A 41 -6.54 8.27 -10.72
CA ASP A 41 -7.62 8.89 -11.50
C ASP A 41 -8.34 7.84 -12.35
N LYS A 42 -7.57 7.09 -13.12
CA LYS A 42 -8.13 6.04 -13.97
C LYS A 42 -7.02 5.23 -14.64
N VAL A 43 -6.13 4.65 -13.84
CA VAL A 43 -5.04 3.84 -14.38
C VAL A 43 -4.51 2.88 -13.32
N THR A 44 -3.97 1.75 -13.76
CA THR A 44 -3.43 0.76 -12.83
C THR A 44 -1.90 0.81 -12.82
N VAL A 45 -1.34 1.14 -11.66
CA VAL A 45 0.12 1.21 -11.49
C VAL A 45 0.57 0.24 -10.40
N LYS A 46 1.62 -0.53 -10.72
CA LYS A 46 2.17 -1.52 -9.79
C LYS A 46 3.30 -0.91 -8.96
N ILE A 47 3.28 -1.19 -7.65
CA ILE A 47 4.31 -0.68 -6.73
C ILE A 47 4.74 -1.77 -5.74
N PRO A 48 5.75 -2.56 -6.07
CA PRO A 48 6.26 -3.66 -5.17
C PRO A 48 6.73 -3.11 -3.82
N SER A 49 6.57 -3.91 -2.75
CA SER A 49 6.99 -3.50 -1.41
C SER A 49 8.49 -3.23 -1.36
N PRO A 50 8.95 -2.00 -1.20
CA PRO A 50 10.41 -1.70 -1.16
C PRO A 50 11.14 -2.18 0.11
N VAL A 51 10.40 -2.49 1.18
CA VAL A 51 11.03 -2.94 2.43
C VAL A 51 10.36 -4.22 2.96
N ARG A 52 11.15 -5.28 3.18
CA ARG A 52 10.62 -6.54 3.68
C ARG A 52 10.62 -6.58 5.21
N GLY A 53 9.69 -7.33 5.81
CA GLY A 53 9.62 -7.44 7.26
C GLY A 53 8.40 -8.24 7.70
N LYS A 54 7.81 -7.87 8.84
CA LYS A 54 6.63 -8.58 9.36
C LYS A 54 5.41 -7.67 9.36
N ILE A 55 4.29 -8.21 8.87
CA ILE A 55 3.03 -7.46 8.83
C ILE A 55 2.32 -7.65 10.17
N VAL A 56 2.06 -6.56 10.88
CA VAL A 56 1.41 -6.66 12.20
C VAL A 56 -0.11 -6.60 12.11
N LYS A 57 -0.66 -5.59 11.44
CA LYS A 57 -2.11 -5.45 11.34
C LYS A 57 -2.51 -4.63 10.12
N ILE A 58 -3.78 -4.77 9.71
CA ILE A 58 -4.30 -4.04 8.55
C ILE A 58 -5.23 -2.92 9.00
N LEU A 59 -4.92 -1.69 8.58
CA LEU A 59 -5.73 -0.52 8.95
C LEU A 59 -6.65 -0.10 7.80
N TYR A 60 -6.33 -0.56 6.58
CA TYR A 60 -7.13 -0.23 5.39
C TYR A 60 -7.86 -1.46 4.87
N ARG A 61 -9.07 -1.23 4.32
CA ARG A 61 -9.89 -2.31 3.76
C ARG A 61 -10.21 -2.02 2.29
N GLU A 62 -10.72 -3.03 1.60
CA GLU A 62 -11.04 -2.90 0.18
C GLU A 62 -12.12 -1.83 -0.05
N GLY A 63 -11.96 -1.05 -1.13
CA GLY A 63 -12.94 -0.03 -1.49
C GLY A 63 -12.68 1.30 -0.78
N GLN A 64 -11.57 1.39 -0.03
CA GLN A 64 -11.26 2.62 0.68
C GLN A 64 -10.51 3.62 -0.20
N VAL A 65 -10.94 4.88 -0.13
CA VAL A 65 -10.31 5.96 -0.90
C VAL A 65 -9.99 7.10 0.06
N VAL A 66 -8.73 7.54 0.06
CA VAL A 66 -8.30 8.62 0.95
C VAL A 66 -7.16 9.43 0.31
N PRO A 67 -7.18 10.75 0.37
CA PRO A 67 -6.07 11.58 -0.21
C PRO A 67 -4.69 11.14 0.33
N VAL A 68 -3.69 11.16 -0.55
CA VAL A 68 -2.33 10.78 -0.16
C VAL A 68 -1.87 11.57 1.06
N GLY A 69 -1.39 10.83 2.07
CA GLY A 69 -0.90 11.45 3.31
C GLY A 69 -1.32 10.67 4.56
N SER A 70 -1.12 9.35 4.54
CA SER A 70 -1.49 8.54 5.70
C SER A 70 -0.83 7.17 5.63
N THR A 71 -0.78 6.47 6.78
CA THR A 71 -0.20 5.13 6.82
C THR A 71 -1.29 4.09 6.53
N LEU A 72 -1.02 3.23 5.55
CA LEU A 72 -1.99 2.21 5.17
C LEU A 72 -1.70 0.87 5.83
N LEU A 73 -0.57 0.79 6.54
CA LEU A 73 -0.18 -0.44 7.22
C LEU A 73 1.01 -0.15 8.13
N GLN A 74 1.11 -0.88 9.24
CA GLN A 74 2.23 -0.70 10.18
C GLN A 74 3.22 -1.85 9.97
N ILE A 75 4.49 -1.51 9.73
CA ILE A 75 5.51 -2.51 9.47
C ILE A 75 6.71 -2.35 10.40
N ASP A 76 7.09 -3.44 11.05
CA ASP A 76 8.24 -3.47 11.95
C ASP A 76 9.48 -3.99 11.23
N THR A 77 10.49 -3.14 11.09
CA THR A 77 11.71 -3.54 10.42
C THR A 77 12.42 -4.64 11.20
N MET A 1 11.83 1.94 12.92
CA MET A 1 10.62 1.25 12.38
C MET A 1 10.40 1.69 10.94
N TYR A 2 9.70 0.87 10.17
CA TYR A 2 9.41 1.17 8.77
C TYR A 2 7.94 1.54 8.60
N GLU A 3 7.69 2.58 7.82
CA GLU A 3 6.32 3.06 7.57
C GLU A 3 6.09 3.26 6.07
N PHE A 4 4.99 2.71 5.55
CA PHE A 4 4.67 2.84 4.14
C PHE A 4 3.47 3.78 3.94
N LYS A 5 3.70 4.85 3.19
CA LYS A 5 2.67 5.86 2.93
C LYS A 5 2.54 6.09 1.43
N LEU A 6 1.36 6.51 0.97
CA LEU A 6 1.16 6.75 -0.45
C LEU A 6 1.92 8.02 -0.87
N PRO A 7 2.89 7.93 -1.76
CA PRO A 7 3.66 9.13 -2.21
C PRO A 7 2.87 9.99 -3.19
N ASP A 8 3.15 11.29 -3.20
CA ASP A 8 2.45 12.20 -4.10
C ASP A 8 3.10 12.18 -5.49
N ILE A 9 2.41 11.56 -6.45
CA ILE A 9 2.91 11.48 -7.83
C ILE A 9 1.85 11.93 -8.81
N GLY A 10 2.28 12.36 -9.99
CA GLY A 10 1.35 12.82 -11.01
C GLY A 10 0.75 14.16 -10.60
N GLU A 11 -0.28 14.60 -11.33
CA GLU A 11 -0.95 15.87 -11.02
C GLU A 11 -2.46 15.65 -10.91
N GLY A 12 -3.07 16.28 -9.91
CA GLY A 12 -4.51 16.15 -9.72
C GLY A 12 -4.85 14.88 -8.95
N VAL A 13 -4.59 14.89 -7.64
CA VAL A 13 -4.89 13.72 -6.79
C VAL A 13 -5.68 14.18 -5.57
N THR A 14 -6.95 13.78 -5.51
CA THR A 14 -7.83 14.17 -4.41
C THR A 14 -8.13 12.97 -3.49
N GLU A 15 -7.83 11.77 -3.97
CA GLU A 15 -8.06 10.57 -3.17
C GLU A 15 -7.48 9.33 -3.84
N GLY A 16 -7.07 8.36 -3.03
CA GLY A 16 -6.49 7.12 -3.55
C GLY A 16 -7.40 5.93 -3.21
N GLU A 17 -7.39 4.90 -4.06
CA GLU A 17 -8.23 3.72 -3.84
C GLU A 17 -7.44 2.45 -4.11
N ILE A 18 -7.73 1.39 -3.36
CA ILE A 18 -7.04 0.11 -3.53
C ILE A 18 -7.90 -0.90 -4.29
N VAL A 19 -7.43 -1.29 -5.47
CA VAL A 19 -8.14 -2.26 -6.29
C VAL A 19 -7.76 -3.69 -5.89
N ARG A 20 -6.47 -3.93 -5.67
CA ARG A 20 -5.99 -5.26 -5.27
C ARG A 20 -4.89 -5.16 -4.21
N TRP A 21 -4.84 -6.16 -3.32
CA TRP A 21 -3.83 -6.21 -2.25
C TRP A 21 -2.85 -7.37 -2.48
N ASP A 22 -1.57 -7.13 -2.19
CA ASP A 22 -0.54 -8.16 -2.36
C ASP A 22 -0.09 -8.74 -1.02
N VAL A 23 -0.62 -8.20 0.08
CA VAL A 23 -0.24 -8.67 1.42
C VAL A 23 -1.46 -8.88 2.31
N LYS A 24 -1.29 -9.67 3.38
CA LYS A 24 -2.37 -9.94 4.32
C LYS A 24 -1.86 -9.87 5.76
N GLU A 25 -2.72 -9.45 6.67
CA GLU A 25 -2.36 -9.32 8.08
C GLU A 25 -2.02 -10.69 8.70
N GLY A 26 -0.92 -10.73 9.45
CA GLY A 26 -0.50 -11.96 10.12
C GLY A 26 0.26 -12.90 9.19
N ASP A 27 0.60 -12.42 7.99
CA ASP A 27 1.34 -13.24 7.02
C ASP A 27 2.71 -12.66 6.72
N MET A 28 3.73 -13.50 6.82
CA MET A 28 5.10 -13.06 6.55
C MET A 28 5.21 -12.55 5.10
N VAL A 29 6.12 -11.62 4.87
CA VAL A 29 6.31 -11.05 3.54
C VAL A 29 7.75 -11.22 3.09
N GLU A 30 7.98 -11.15 1.77
CA GLU A 30 9.32 -11.31 1.21
C GLU A 30 9.57 -10.25 0.14
N LYS A 31 10.84 -9.86 0.02
CA LYS A 31 11.22 -8.85 -0.97
C LYS A 31 10.98 -9.39 -2.39
N ASP A 32 10.44 -8.52 -3.25
CA ASP A 32 10.13 -8.86 -4.65
C ASP A 32 8.68 -9.32 -4.79
N GLN A 33 7.76 -8.35 -4.76
CA GLN A 33 6.33 -8.63 -4.89
C GLN A 33 5.65 -7.47 -5.63
N ASP A 34 5.48 -7.61 -6.95
CA ASP A 34 4.85 -6.55 -7.75
C ASP A 34 3.41 -6.93 -8.10
N LEU A 35 2.62 -7.29 -7.10
CA LEU A 35 1.22 -7.66 -7.30
C LEU A 35 0.30 -6.70 -6.57
N VAL A 36 0.75 -5.45 -6.42
CA VAL A 36 -0.04 -4.41 -5.75
C VAL A 36 -0.36 -3.31 -6.76
N GLU A 37 -1.64 -2.97 -6.87
CA GLU A 37 -2.07 -1.93 -7.81
C GLU A 37 -2.78 -0.80 -7.07
N VAL A 38 -2.31 0.43 -7.30
CA VAL A 38 -2.91 1.61 -6.68
C VAL A 38 -3.49 2.49 -7.78
N MET A 39 -4.75 2.89 -7.59
CA MET A 39 -5.45 3.72 -8.58
C MET A 39 -5.53 5.16 -8.10
N THR A 40 -4.81 6.04 -8.77
CA THR A 40 -4.83 7.45 -8.42
C THR A 40 -6.25 7.98 -8.60
N ASP A 41 -6.85 7.69 -9.74
CA ASP A 41 -8.22 8.11 -10.04
C ASP A 41 -8.90 7.05 -10.89
N LYS A 42 -8.42 6.89 -12.13
CA LYS A 42 -8.97 5.89 -13.06
C LYS A 42 -7.83 5.27 -13.88
N VAL A 43 -6.71 4.98 -13.21
CA VAL A 43 -5.56 4.38 -13.89
C VAL A 43 -4.96 3.26 -13.03
N THR A 44 -4.26 2.33 -13.69
CA THR A 44 -3.63 1.21 -12.97
C THR A 44 -2.12 1.39 -12.96
N VAL A 45 -1.56 1.53 -11.78
CA VAL A 45 -0.10 1.74 -11.63
C VAL A 45 0.51 0.66 -10.73
N LYS A 46 1.47 -0.08 -11.28
CA LYS A 46 2.16 -1.13 -10.52
C LYS A 46 3.42 -0.57 -9.88
N ILE A 47 3.69 -0.95 -8.63
CA ILE A 47 4.87 -0.46 -7.91
C ILE A 47 5.58 -1.59 -7.16
N PRO A 48 6.77 -2.02 -7.58
CA PRO A 48 7.51 -3.10 -6.86
C PRO A 48 7.71 -2.76 -5.37
N SER A 49 7.67 -3.79 -4.52
CA SER A 49 7.82 -3.59 -3.07
C SER A 49 9.20 -4.03 -2.57
N PRO A 50 10.13 -3.12 -2.37
CA PRO A 50 11.49 -3.46 -1.86
C PRO A 50 11.49 -3.51 -0.33
N VAL A 51 10.46 -4.15 0.24
CA VAL A 51 10.31 -4.23 1.69
C VAL A 51 10.19 -5.68 2.18
N ARG A 52 10.57 -5.91 3.45
CA ARG A 52 10.51 -7.24 4.04
C ARG A 52 10.54 -7.16 5.57
N GLY A 53 9.63 -7.86 6.23
CA GLY A 53 9.59 -7.85 7.70
C GLY A 53 8.36 -8.57 8.25
N LYS A 54 7.71 -7.97 9.26
CA LYS A 54 6.52 -8.58 9.87
C LYS A 54 5.34 -7.59 9.83
N ILE A 55 4.17 -8.08 9.39
CA ILE A 55 2.99 -7.22 9.30
C ILE A 55 2.21 -7.32 10.60
N VAL A 56 2.01 -6.18 11.28
CA VAL A 56 1.31 -6.18 12.57
C VAL A 56 -0.21 -6.06 12.41
N LYS A 57 -0.68 -5.06 11.66
CA LYS A 57 -2.12 -4.87 11.50
C LYS A 57 -2.47 -4.13 10.21
N ILE A 58 -3.73 -4.25 9.79
CA ILE A 58 -4.19 -3.60 8.57
C ILE A 58 -5.37 -2.66 8.87
N LEU A 59 -5.22 -1.40 8.49
CA LEU A 59 -6.26 -0.39 8.71
C LEU A 59 -7.06 -0.16 7.44
N TYR A 60 -6.51 -0.59 6.29
CA TYR A 60 -7.18 -0.41 4.99
C TYR A 60 -7.74 -1.73 4.47
N ARG A 61 -8.90 -1.64 3.81
CA ARG A 61 -9.58 -2.81 3.24
C ARG A 61 -9.81 -2.62 1.74
N GLU A 62 -10.12 -3.71 1.05
CA GLU A 62 -10.36 -3.65 -0.39
C GLU A 62 -11.51 -2.70 -0.73
N GLY A 63 -11.29 -1.86 -1.74
CA GLY A 63 -12.32 -0.92 -2.18
C GLY A 63 -12.38 0.32 -1.30
N GLN A 64 -11.45 0.44 -0.36
CA GLN A 64 -11.44 1.59 0.54
C GLN A 64 -10.76 2.79 -0.13
N VAL A 65 -11.36 3.98 0.05
CA VAL A 65 -10.83 5.22 -0.53
C VAL A 65 -10.65 6.26 0.57
N VAL A 66 -9.49 6.93 0.60
CA VAL A 66 -9.20 7.93 1.64
C VAL A 66 -8.28 9.05 1.11
N PRO A 67 -8.49 10.30 1.48
CA PRO A 67 -7.58 11.41 1.03
C PRO A 67 -6.12 11.11 1.41
N VAL A 68 -5.19 11.54 0.56
CA VAL A 68 -3.77 11.32 0.80
C VAL A 68 -3.31 12.06 2.05
N GLY A 69 -2.63 11.34 2.93
CA GLY A 69 -2.10 11.91 4.19
C GLY A 69 -2.41 11.01 5.38
N SER A 70 -2.02 9.73 5.28
CA SER A 70 -2.27 8.80 6.39
C SER A 70 -1.35 7.58 6.29
N THR A 71 -1.36 6.77 7.36
CA THR A 71 -0.54 5.55 7.39
C THR A 71 -1.39 4.34 7.05
N LEU A 72 -1.11 3.73 5.91
CA LEU A 72 -1.87 2.56 5.46
C LEU A 72 -1.62 1.34 6.34
N LEU A 73 -0.35 1.11 6.67
CA LEU A 73 0.02 -0.05 7.47
C LEU A 73 1.27 0.24 8.29
N GLN A 74 1.35 -0.33 9.50
CA GLN A 74 2.51 -0.14 10.37
C GLN A 74 3.36 -1.41 10.32
N ILE A 75 4.67 -1.27 10.09
CA ILE A 75 5.55 -2.44 9.97
C ILE A 75 6.80 -2.29 10.84
N ASP A 76 7.05 -3.30 11.66
CA ASP A 76 8.22 -3.29 12.54
C ASP A 76 9.40 -3.96 11.83
N THR A 77 10.60 -3.41 12.01
CA THR A 77 11.77 -3.98 11.38
C THR A 77 12.14 -5.32 12.03
N MET A 1 10.42 1.51 12.68
CA MET A 1 8.99 1.49 12.26
C MET A 1 8.85 2.25 10.94
N TYR A 2 8.72 1.50 9.84
CA TYR A 2 8.59 2.10 8.52
C TYR A 2 7.12 2.14 8.12
N GLU A 3 6.65 3.32 7.73
CA GLU A 3 5.24 3.47 7.33
C GLU A 3 5.15 3.66 5.82
N PHE A 4 4.58 2.67 5.13
CA PHE A 4 4.44 2.76 3.68
C PHE A 4 3.28 3.73 3.36
N LYS A 5 3.65 4.97 3.01
CA LYS A 5 2.66 5.99 2.67
C LYS A 5 2.76 6.33 1.19
N LEU A 6 1.62 6.67 0.59
CA LEU A 6 1.62 7.02 -0.85
C LEU A 6 2.41 8.32 -1.06
N PRO A 7 3.55 8.31 -1.73
CA PRO A 7 4.32 9.58 -1.94
C PRO A 7 3.48 10.67 -2.59
N ASP A 8 3.68 11.90 -2.14
CA ASP A 8 2.94 13.04 -2.66
C ASP A 8 3.76 13.71 -3.78
N ILE A 9 3.31 13.55 -5.02
CA ILE A 9 4.01 14.15 -6.16
C ILE A 9 3.05 14.99 -7.00
N GLY A 10 3.60 16.03 -7.65
CA GLY A 10 2.79 16.90 -8.49
C GLY A 10 1.59 17.45 -7.71
N GLU A 11 0.42 17.43 -8.34
CA GLU A 11 -0.79 17.92 -7.69
C GLU A 11 -2.01 17.25 -8.33
N GLY A 12 -1.76 16.28 -9.21
CA GLY A 12 -2.84 15.58 -9.88
C GLY A 12 -3.36 14.45 -9.00
N VAL A 13 -2.85 14.37 -7.77
CA VAL A 13 -3.27 13.32 -6.83
C VAL A 13 -3.77 13.95 -5.53
N THR A 14 -4.96 13.54 -5.10
CA THR A 14 -5.57 14.07 -3.87
C THR A 14 -6.27 12.96 -3.11
N GLU A 15 -6.38 11.79 -3.74
CA GLU A 15 -7.04 10.63 -3.10
C GLU A 15 -6.35 9.33 -3.49
N GLY A 16 -6.41 8.35 -2.59
CA GLY A 16 -5.80 7.03 -2.83
C GLY A 16 -6.85 5.94 -2.65
N GLU A 17 -6.92 5.01 -3.61
CA GLU A 17 -7.89 3.91 -3.54
C GLU A 17 -7.20 2.58 -3.87
N ILE A 18 -7.61 1.54 -3.15
CA ILE A 18 -7.04 0.20 -3.34
C ILE A 18 -7.95 -0.67 -4.19
N VAL A 19 -7.41 -1.15 -5.31
CA VAL A 19 -8.18 -2.01 -6.22
C VAL A 19 -8.06 -3.48 -5.81
N ARG A 20 -6.83 -3.95 -5.52
CA ARG A 20 -6.63 -5.35 -5.16
C ARG A 20 -5.50 -5.54 -4.14
N TRP A 21 -5.74 -6.43 -3.17
CA TRP A 21 -4.73 -6.76 -2.13
C TRP A 21 -4.18 -8.16 -2.42
N ASP A 22 -2.89 -8.38 -2.16
CA ASP A 22 -2.29 -9.71 -2.37
C ASP A 22 -1.56 -10.18 -1.12
N VAL A 23 -1.83 -9.53 0.02
CA VAL A 23 -1.20 -9.92 1.29
C VAL A 23 -2.23 -9.93 2.40
N LYS A 24 -1.97 -10.71 3.46
CA LYS A 24 -2.89 -10.80 4.60
C LYS A 24 -2.17 -10.58 5.92
N GLU A 25 -2.88 -9.99 6.88
CA GLU A 25 -2.31 -9.72 8.20
C GLU A 25 -1.92 -11.01 8.91
N GLY A 26 -0.77 -10.98 9.58
CA GLY A 26 -0.28 -12.15 10.31
C GLY A 26 0.55 -13.07 9.42
N ASP A 27 0.85 -12.63 8.21
CA ASP A 27 1.64 -13.42 7.26
C ASP A 27 2.95 -12.72 6.91
N MET A 28 4.00 -13.50 6.63
CA MET A 28 5.29 -12.94 6.28
C MET A 28 5.27 -12.44 4.84
N VAL A 29 6.01 -11.37 4.56
CA VAL A 29 6.07 -10.79 3.21
C VAL A 29 7.51 -10.73 2.70
N GLU A 30 7.71 -11.17 1.47
CA GLU A 30 9.02 -11.18 0.83
C GLU A 30 9.17 -9.97 -0.09
N LYS A 31 10.42 -9.54 -0.32
CA LYS A 31 10.69 -8.39 -1.19
C LYS A 31 11.02 -8.84 -2.61
N ASP A 32 10.00 -9.07 -3.41
CA ASP A 32 10.20 -9.49 -4.79
C ASP A 32 8.88 -9.54 -5.55
N GLN A 33 8.86 -8.93 -6.73
CA GLN A 33 7.66 -8.93 -7.56
C GLN A 33 6.45 -8.40 -6.81
N ASP A 34 5.85 -9.26 -5.98
CA ASP A 34 4.65 -8.89 -5.22
C ASP A 34 3.56 -8.40 -6.16
N LEU A 35 2.30 -8.59 -5.78
CA LEU A 35 1.18 -8.17 -6.63
C LEU A 35 0.27 -7.19 -5.91
N VAL A 36 0.71 -5.94 -5.82
CA VAL A 36 -0.05 -4.87 -5.19
C VAL A 36 -0.36 -3.80 -6.24
N GLU A 37 -1.62 -3.39 -6.32
CA GLU A 37 -2.03 -2.37 -7.28
C GLU A 37 -2.67 -1.20 -6.56
N VAL A 38 -2.11 -0.01 -6.75
CA VAL A 38 -2.65 1.19 -6.13
C VAL A 38 -3.15 2.15 -7.22
N MET A 39 -4.37 2.63 -7.04
CA MET A 39 -4.99 3.55 -7.99
C MET A 39 -4.70 4.99 -7.60
N THR A 40 -4.67 5.88 -8.58
CA THR A 40 -4.38 7.30 -8.30
C THR A 40 -4.95 8.18 -9.41
N ASP A 41 -4.15 8.43 -10.44
CA ASP A 41 -4.58 9.28 -11.55
C ASP A 41 -5.53 8.50 -12.46
N LYS A 42 -6.48 7.78 -11.86
CA LYS A 42 -7.44 7.00 -12.62
C LYS A 42 -6.72 5.97 -13.50
N VAL A 43 -5.65 5.40 -12.97
CA VAL A 43 -4.89 4.39 -13.70
C VAL A 43 -4.30 3.38 -12.71
N THR A 44 -3.96 2.19 -13.19
CA THR A 44 -3.40 1.15 -12.32
C THR A 44 -1.88 1.09 -12.47
N VAL A 45 -1.18 1.35 -11.36
CA VAL A 45 0.29 1.32 -11.35
C VAL A 45 0.81 0.26 -10.37
N LYS A 46 1.72 -0.58 -10.84
CA LYS A 46 2.29 -1.65 -10.01
C LYS A 46 3.60 -1.19 -9.37
N ILE A 47 3.79 -1.55 -8.09
CA ILE A 47 5.00 -1.17 -7.35
C ILE A 47 5.61 -2.40 -6.66
N PRO A 48 6.53 -3.09 -7.27
CA PRO A 48 7.16 -4.32 -6.68
C PRO A 48 8.25 -4.00 -5.65
N SER A 49 8.31 -4.84 -4.60
CA SER A 49 9.33 -4.67 -3.55
C SER A 49 8.94 -3.62 -2.51
N PRO A 50 7.94 -3.90 -1.71
CA PRO A 50 7.49 -2.98 -0.64
C PRO A 50 8.24 -3.20 0.68
N VAL A 51 9.47 -3.71 0.59
CA VAL A 51 10.30 -3.97 1.78
C VAL A 51 9.74 -5.15 2.60
N ARG A 52 10.52 -6.24 2.69
CA ARG A 52 10.09 -7.42 3.43
C ARG A 52 10.31 -7.26 4.94
N GLY A 53 9.42 -7.88 5.71
CA GLY A 53 9.50 -7.84 7.17
C GLY A 53 8.30 -8.53 7.82
N LYS A 54 7.70 -7.89 8.82
CA LYS A 54 6.54 -8.46 9.51
C LYS A 54 5.35 -7.51 9.42
N ILE A 55 4.18 -8.05 9.10
CA ILE A 55 2.96 -7.24 8.99
C ILE A 55 2.22 -7.25 10.32
N VAL A 56 2.04 -6.07 10.92
CA VAL A 56 1.38 -5.97 12.22
C VAL A 56 -0.14 -6.04 12.10
N LYS A 57 -0.74 -5.22 11.24
CA LYS A 57 -2.19 -5.22 11.10
C LYS A 57 -2.61 -4.42 9.87
N ILE A 58 -3.81 -4.70 9.37
CA ILE A 58 -4.34 -4.01 8.20
C ILE A 58 -5.40 -2.97 8.59
N LEU A 59 -5.15 -1.72 8.21
CA LEU A 59 -6.09 -0.62 8.51
C LEU A 59 -6.94 -0.28 7.28
N TYR A 60 -6.50 -0.71 6.10
CA TYR A 60 -7.23 -0.42 4.85
C TYR A 60 -7.93 -1.68 4.33
N ARG A 61 -9.14 -1.49 3.78
CA ARG A 61 -9.94 -2.59 3.24
C ARG A 61 -10.15 -2.40 1.74
N GLU A 62 -10.68 -3.44 1.10
CA GLU A 62 -10.94 -3.39 -0.34
C GLU A 62 -11.96 -2.30 -0.68
N GLY A 63 -11.66 -1.52 -1.71
CA GLY A 63 -12.57 -0.45 -2.15
C GLY A 63 -12.49 0.77 -1.24
N GLN A 64 -11.56 0.75 -0.29
CA GLN A 64 -11.42 1.88 0.64
C GLN A 64 -10.68 3.05 -0.01
N VAL A 65 -11.27 4.24 0.14
CA VAL A 65 -10.68 5.46 -0.42
C VAL A 65 -10.54 6.53 0.67
N VAL A 66 -9.37 7.14 0.76
CA VAL A 66 -9.12 8.16 1.78
C VAL A 66 -8.17 9.26 1.24
N PRO A 67 -8.40 10.53 1.55
CA PRO A 67 -7.49 11.61 1.06
C PRO A 67 -6.01 11.30 1.33
N VAL A 68 -5.15 11.75 0.41
CA VAL A 68 -3.71 11.52 0.52
C VAL A 68 -3.14 12.12 1.80
N GLY A 69 -2.37 11.30 2.51
CA GLY A 69 -1.73 11.72 3.77
C GLY A 69 -2.17 10.82 4.93
N SER A 70 -1.95 9.51 4.78
CA SER A 70 -2.32 8.56 5.83
C SER A 70 -1.41 7.33 5.80
N THR A 71 -1.62 6.45 6.77
CA THR A 71 -0.84 5.22 6.90
C THR A 71 -1.65 4.04 6.37
N LEU A 72 -1.22 3.50 5.24
CA LEU A 72 -1.90 2.36 4.64
C LEU A 72 -1.71 1.11 5.49
N LEU A 73 -0.47 0.87 5.92
CA LEU A 73 -0.14 -0.31 6.70
C LEU A 73 1.07 0.00 7.58
N GLN A 74 1.13 -0.60 8.78
CA GLN A 74 2.26 -0.38 9.69
C GLN A 74 3.20 -1.59 9.66
N ILE A 75 4.50 -1.33 9.43
CA ILE A 75 5.49 -2.40 9.37
C ILE A 75 6.67 -2.11 10.30
N ASP A 76 7.01 -3.12 11.11
CA ASP A 76 8.12 -3.01 12.05
C ASP A 76 9.38 -3.61 11.43
N THR A 77 10.36 -2.76 11.14
CA THR A 77 11.62 -3.21 10.57
C THR A 77 12.60 -3.62 11.65
N MET A 1 9.15 -0.04 13.19
CA MET A 1 7.84 0.67 13.14
C MET A 1 7.85 1.64 11.96
N TYR A 2 8.30 1.18 10.80
CA TYR A 2 8.36 2.04 9.62
C TYR A 2 6.97 2.17 8.99
N GLU A 3 6.54 3.40 8.78
CA GLU A 3 5.24 3.66 8.19
C GLU A 3 5.34 3.70 6.67
N PHE A 4 4.42 3.02 6.00
CA PHE A 4 4.41 3.00 4.53
C PHE A 4 3.34 3.94 4.00
N LYS A 5 3.79 5.02 3.34
CA LYS A 5 2.88 6.02 2.78
C LYS A 5 3.07 6.12 1.28
N LEU A 6 2.03 5.72 0.53
CA LEU A 6 2.06 5.76 -0.95
C LEU A 6 2.91 6.94 -1.44
N PRO A 7 4.16 6.74 -1.78
CA PRO A 7 5.04 7.85 -2.26
C PRO A 7 4.43 8.57 -3.46
N ASP A 8 4.72 9.87 -3.55
CA ASP A 8 4.19 10.69 -4.62
C ASP A 8 4.83 10.31 -5.96
N ILE A 9 5.07 9.02 -6.16
CA ILE A 9 5.68 8.53 -7.41
C ILE A 9 4.65 7.78 -8.23
N GLY A 10 4.54 8.14 -9.50
CA GLY A 10 3.58 7.49 -10.40
C GLY A 10 3.09 8.49 -11.44
N GLU A 11 2.09 8.08 -12.23
CA GLU A 11 1.54 8.95 -13.26
C GLU A 11 0.39 9.79 -12.71
N GLY A 12 0.73 10.90 -12.06
CA GLY A 12 -0.28 11.78 -11.49
C GLY A 12 -1.15 11.05 -10.49
N VAL A 13 -1.21 11.55 -9.26
CA VAL A 13 -2.02 10.94 -8.20
C VAL A 13 -2.90 12.00 -7.55
N THR A 14 -4.20 11.70 -7.41
CA THR A 14 -5.14 12.64 -6.80
C THR A 14 -5.70 12.06 -5.51
N GLU A 15 -5.99 10.76 -5.51
CA GLU A 15 -6.52 10.08 -4.31
C GLU A 15 -6.00 8.66 -4.24
N GLY A 16 -5.91 8.10 -3.03
CA GLY A 16 -5.41 6.73 -2.88
C GLY A 16 -6.57 5.74 -2.79
N GLU A 17 -6.73 4.92 -3.83
CA GLU A 17 -7.80 3.91 -3.85
C GLU A 17 -7.19 2.53 -4.03
N ILE A 18 -7.63 1.58 -3.20
CA ILE A 18 -7.10 0.21 -3.27
C ILE A 18 -8.07 -0.72 -3.98
N VAL A 19 -7.58 -1.33 -5.08
CA VAL A 19 -8.41 -2.24 -5.86
C VAL A 19 -8.22 -3.70 -5.41
N ARG A 20 -6.97 -4.11 -5.15
CA ARG A 20 -6.71 -5.49 -4.74
C ARG A 20 -5.51 -5.61 -3.79
N TRP A 21 -5.69 -6.40 -2.72
CA TRP A 21 -4.62 -6.67 -1.75
C TRP A 21 -4.10 -8.09 -2.01
N ASP A 22 -2.78 -8.31 -1.93
CA ASP A 22 -2.21 -9.65 -2.16
C ASP A 22 -1.47 -10.15 -0.93
N VAL A 23 -1.72 -9.52 0.22
CA VAL A 23 -1.09 -9.91 1.47
C VAL A 23 -2.13 -10.02 2.57
N LYS A 24 -1.81 -10.79 3.62
CA LYS A 24 -2.75 -11.00 4.73
C LYS A 24 -2.03 -10.79 6.06
N GLU A 25 -2.69 -10.08 6.98
CA GLU A 25 -2.11 -9.82 8.29
C GLU A 25 -1.69 -11.13 8.97
N GLY A 26 -0.54 -11.09 9.64
CA GLY A 26 -0.02 -12.27 10.35
C GLY A 26 0.83 -13.16 9.43
N ASP A 27 1.10 -12.68 8.22
CA ASP A 27 1.91 -13.44 7.26
C ASP A 27 3.21 -12.71 6.93
N MET A 28 4.26 -13.47 6.63
CA MET A 28 5.55 -12.87 6.31
C MET A 28 5.61 -12.46 4.84
N VAL A 29 6.34 -11.39 4.55
CA VAL A 29 6.48 -10.87 3.18
C VAL A 29 7.94 -10.91 2.74
N GLU A 30 8.18 -11.44 1.54
CA GLU A 30 9.53 -11.55 1.00
C GLU A 30 9.84 -10.36 0.08
N LYS A 31 11.13 -10.06 -0.07
CA LYS A 31 11.56 -8.93 -0.89
C LYS A 31 11.28 -9.19 -2.38
N ASP A 32 10.73 -8.16 -3.04
CA ASP A 32 10.43 -8.24 -4.47
C ASP A 32 9.50 -9.40 -4.81
N GLN A 33 8.56 -9.71 -3.90
CA GLN A 33 7.62 -10.80 -4.14
C GLN A 33 6.23 -10.45 -3.59
N ASP A 34 5.41 -9.78 -4.40
CA ASP A 34 4.06 -9.41 -3.96
C ASP A 34 3.31 -8.78 -5.13
N LEU A 35 2.00 -8.59 -4.96
CA LEU A 35 1.17 -7.99 -6.00
C LEU A 35 0.21 -6.96 -5.41
N VAL A 36 0.61 -5.70 -5.47
CA VAL A 36 -0.21 -4.60 -4.97
C VAL A 36 -0.57 -3.66 -6.12
N GLU A 37 -1.84 -3.30 -6.21
CA GLU A 37 -2.32 -2.40 -7.25
C GLU A 37 -3.05 -1.21 -6.63
N VAL A 38 -2.61 -0.01 -7.00
CA VAL A 38 -3.23 1.22 -6.50
C VAL A 38 -3.72 2.07 -7.67
N MET A 39 -5.00 2.42 -7.62
CA MET A 39 -5.63 3.22 -8.68
C MET A 39 -5.86 4.65 -8.22
N THR A 40 -5.58 5.59 -9.13
CA THR A 40 -5.77 7.03 -8.84
C THR A 40 -7.03 7.54 -9.51
N ASP A 41 -6.90 8.53 -10.38
CA ASP A 41 -8.07 9.07 -11.08
C ASP A 41 -8.67 8.01 -11.98
N LYS A 42 -7.81 7.32 -12.74
CA LYS A 42 -8.24 6.25 -13.63
C LYS A 42 -7.04 5.60 -14.32
N VAL A 43 -6.13 5.03 -13.51
CA VAL A 43 -4.94 4.38 -14.06
C VAL A 43 -4.48 3.25 -13.15
N THR A 44 -3.88 2.21 -13.74
CA THR A 44 -3.40 1.07 -12.96
C THR A 44 -1.88 1.19 -12.79
N VAL A 45 -1.45 1.30 -11.54
CA VAL A 45 -0.02 1.44 -11.22
C VAL A 45 0.46 0.29 -10.34
N LYS A 46 1.39 -0.51 -10.87
CA LYS A 46 1.95 -1.64 -10.12
C LYS A 46 3.28 -1.21 -9.48
N ILE A 47 3.46 -1.57 -8.20
CA ILE A 47 4.68 -1.22 -7.47
C ILE A 47 5.14 -2.40 -6.59
N PRO A 48 6.41 -2.80 -6.67
CA PRO A 48 6.94 -3.94 -5.84
C PRO A 48 7.20 -3.53 -4.40
N SER A 49 6.94 -4.45 -3.46
CA SER A 49 7.18 -4.17 -2.04
C SER A 49 8.57 -3.57 -1.84
N PRO A 50 8.70 -2.28 -1.56
CA PRO A 50 10.06 -1.66 -1.39
C PRO A 50 10.82 -2.11 -0.14
N VAL A 51 10.13 -2.58 0.90
CA VAL A 51 10.81 -3.01 2.13
C VAL A 51 10.21 -4.32 2.68
N ARG A 52 11.05 -5.34 2.86
CA ARG A 52 10.60 -6.62 3.40
C ARG A 52 10.55 -6.56 4.94
N GLY A 53 9.82 -7.47 5.56
CA GLY A 53 9.73 -7.49 7.02
C GLY A 53 8.52 -8.29 7.52
N LYS A 54 7.89 -7.80 8.60
CA LYS A 54 6.73 -8.47 9.19
C LYS A 54 5.49 -7.57 9.16
N ILE A 55 4.37 -8.15 8.75
CA ILE A 55 3.11 -7.41 8.68
C ILE A 55 2.31 -7.66 9.96
N VAL A 56 2.05 -6.61 10.74
CA VAL A 56 1.34 -6.77 12.03
C VAL A 56 -0.17 -6.64 11.89
N LYS A 57 -0.67 -5.54 11.29
CA LYS A 57 -2.12 -5.37 11.18
C LYS A 57 -2.52 -4.53 9.96
N ILE A 58 -3.76 -4.72 9.54
CA ILE A 58 -4.32 -4.00 8.39
C ILE A 58 -5.36 -2.98 8.86
N LEU A 59 -5.12 -1.70 8.56
CA LEU A 59 -6.05 -0.64 8.98
C LEU A 59 -6.99 -0.24 7.83
N TYR A 60 -6.62 -0.61 6.60
CA TYR A 60 -7.44 -0.26 5.43
C TYR A 60 -8.07 -1.50 4.81
N ARG A 61 -9.30 -1.33 4.30
CA ARG A 61 -10.05 -2.42 3.66
C ARG A 61 -10.37 -2.04 2.22
N GLU A 62 -10.71 -3.06 1.43
CA GLU A 62 -11.03 -2.86 0.02
C GLU A 62 -12.20 -1.89 -0.16
N GLY A 63 -12.10 -1.05 -1.19
CA GLY A 63 -13.16 -0.08 -1.48
C GLY A 63 -12.93 1.25 -0.78
N GLN A 64 -11.79 1.40 -0.11
CA GLN A 64 -11.49 2.63 0.62
C GLN A 64 -10.69 3.62 -0.22
N VAL A 65 -11.15 4.87 -0.22
CA VAL A 65 -10.49 5.95 -0.96
C VAL A 65 -10.21 7.11 0.00
N VAL A 66 -8.95 7.53 0.06
CA VAL A 66 -8.56 8.62 0.96
C VAL A 66 -7.40 9.43 0.35
N PRO A 67 -7.41 10.75 0.42
CA PRO A 67 -6.29 11.57 -0.14
C PRO A 67 -4.92 11.07 0.35
N VAL A 68 -3.97 11.02 -0.57
CA VAL A 68 -2.62 10.57 -0.23
C VAL A 68 -2.08 11.36 0.96
N GLY A 69 -1.63 10.63 1.98
CA GLY A 69 -1.07 11.25 3.20
C GLY A 69 -1.48 10.51 4.47
N SER A 70 -1.30 9.18 4.48
CA SER A 70 -1.66 8.39 5.65
C SER A 70 -0.95 7.04 5.64
N THR A 71 -0.86 6.41 6.81
CA THR A 71 -0.19 5.11 6.91
C THR A 71 -1.23 3.98 6.73
N LEU A 72 -1.20 3.37 5.55
CA LEU A 72 -2.14 2.31 5.24
C LEU A 72 -1.89 1.07 6.08
N LEU A 73 -0.63 0.75 6.29
CA LEU A 73 -0.24 -0.43 7.06
C LEU A 73 0.98 -0.11 7.93
N GLN A 74 1.09 -0.75 9.09
CA GLN A 74 2.24 -0.53 9.98
C GLN A 74 3.22 -1.69 9.86
N ILE A 75 4.49 -1.38 9.65
CA ILE A 75 5.52 -2.42 9.49
C ILE A 75 6.69 -2.20 10.44
N ASP A 76 7.02 -3.25 11.19
CA ASP A 76 8.14 -3.20 12.13
C ASP A 76 9.36 -3.92 11.53
N THR A 77 10.42 -3.16 11.28
CA THR A 77 11.63 -3.73 10.72
C THR A 77 12.23 -4.77 11.66
N MET A 1 11.40 0.29 13.02
CA MET A 1 10.01 0.77 12.74
C MET A 1 10.00 1.54 11.43
N TYR A 2 8.99 1.26 10.61
CA TYR A 2 8.84 1.94 9.32
C TYR A 2 7.37 2.09 8.96
N GLU A 3 7.05 3.17 8.25
CA GLU A 3 5.68 3.46 7.83
C GLU A 3 5.63 3.69 6.32
N PHE A 4 4.61 3.15 5.66
CA PHE A 4 4.45 3.31 4.21
C PHE A 4 3.32 4.28 3.89
N LYS A 5 3.68 5.42 3.32
CA LYS A 5 2.72 6.45 2.93
C LYS A 5 2.79 6.67 1.42
N LEU A 6 1.72 6.31 0.72
CA LEU A 6 1.69 6.46 -0.75
C LEU A 6 2.44 7.74 -1.17
N PRO A 7 3.68 7.65 -1.61
CA PRO A 7 4.46 8.85 -2.02
C PRO A 7 4.08 9.34 -3.41
N ASP A 8 4.29 10.63 -3.67
CA ASP A 8 3.97 11.21 -4.97
C ASP A 8 5.17 11.08 -5.92
N ILE A 9 5.27 9.93 -6.57
CA ILE A 9 6.37 9.67 -7.51
C ILE A 9 5.81 9.30 -8.88
N GLY A 10 6.37 9.88 -9.94
CA GLY A 10 5.90 9.61 -11.29
C GLY A 10 4.51 10.18 -11.50
N GLU A 11 3.60 9.33 -11.97
CA GLU A 11 2.23 9.77 -12.21
C GLU A 11 1.68 10.47 -10.97
N GLY A 12 0.96 11.57 -11.19
CA GLY A 12 0.40 12.32 -10.08
C GLY A 12 -0.70 11.52 -9.39
N VAL A 13 -0.77 11.67 -8.06
CA VAL A 13 -1.78 10.95 -7.26
C VAL A 13 -2.48 11.93 -6.32
N THR A 14 -3.78 12.10 -6.49
CA THR A 14 -4.57 13.02 -5.66
C THR A 14 -5.52 12.25 -4.75
N GLU A 15 -5.71 10.97 -5.04
CA GLU A 15 -6.59 10.12 -4.25
C GLU A 15 -6.04 8.70 -4.19
N GLY A 16 -6.23 8.04 -3.04
CA GLY A 16 -5.74 6.68 -2.86
C GLY A 16 -6.89 5.68 -2.84
N GLU A 17 -6.97 4.84 -3.89
CA GLU A 17 -8.02 3.83 -3.98
C GLU A 17 -7.36 2.46 -4.09
N ILE A 18 -7.80 1.52 -3.27
CA ILE A 18 -7.21 0.17 -3.26
C ILE A 18 -8.11 -0.82 -3.98
N VAL A 19 -7.58 -1.43 -5.05
CA VAL A 19 -8.33 -2.40 -5.84
C VAL A 19 -8.00 -3.84 -5.43
N ARG A 20 -6.71 -4.17 -5.30
CA ARG A 20 -6.30 -5.54 -4.92
C ARG A 20 -5.10 -5.57 -3.96
N TRP A 21 -5.11 -6.55 -3.05
CA TRP A 21 -4.01 -6.73 -2.09
C TRP A 21 -3.36 -8.09 -2.34
N ASP A 22 -2.02 -8.16 -2.25
CA ASP A 22 -1.30 -9.42 -2.47
C ASP A 22 -0.74 -9.97 -1.16
N VAL A 23 -1.05 -9.33 -0.05
CA VAL A 23 -0.57 -9.76 1.27
C VAL A 23 -1.71 -9.76 2.28
N LYS A 24 -1.56 -10.55 3.35
CA LYS A 24 -2.59 -10.63 4.40
C LYS A 24 -1.95 -10.46 5.78
N GLU A 25 -2.68 -9.83 6.69
CA GLU A 25 -2.19 -9.60 8.04
C GLU A 25 -1.92 -10.93 8.75
N GLY A 26 -0.80 -10.99 9.48
CA GLY A 26 -0.44 -12.18 10.23
C GLY A 26 0.45 -13.13 9.40
N ASP A 27 0.89 -12.66 8.23
CA ASP A 27 1.72 -13.48 7.33
C ASP A 27 3.10 -12.85 7.13
N MET A 28 4.13 -13.68 7.20
CA MET A 28 5.51 -13.21 7.00
C MET A 28 5.89 -13.30 5.53
N VAL A 29 6.45 -12.23 4.99
CA VAL A 29 6.87 -12.20 3.59
C VAL A 29 8.08 -11.30 3.38
N GLU A 30 8.95 -11.67 2.45
CA GLU A 30 10.16 -10.89 2.15
C GLU A 30 9.90 -9.90 1.02
N LYS A 31 10.74 -8.86 0.93
CA LYS A 31 10.57 -7.84 -0.10
C LYS A 31 10.44 -8.46 -1.49
N ASP A 32 9.40 -8.05 -2.24
CA ASP A 32 9.17 -8.54 -3.59
C ASP A 32 7.78 -8.12 -4.08
N GLN A 33 7.74 -7.61 -5.31
CA GLN A 33 6.47 -7.16 -5.90
C GLN A 33 5.55 -8.36 -6.16
N ASP A 34 4.86 -8.82 -5.12
CA ASP A 34 3.97 -9.95 -5.28
C ASP A 34 2.84 -9.60 -6.23
N LEU A 35 2.29 -8.39 -6.05
CA LEU A 35 1.19 -7.87 -6.90
C LEU A 35 0.36 -6.83 -6.15
N VAL A 36 0.80 -5.56 -6.19
CA VAL A 36 0.05 -4.47 -5.54
C VAL A 36 -0.39 -3.50 -6.63
N GLU A 37 -1.69 -3.22 -6.67
CA GLU A 37 -2.24 -2.31 -7.67
C GLU A 37 -2.94 -1.14 -6.99
N VAL A 38 -2.50 0.07 -7.33
CA VAL A 38 -3.10 1.29 -6.77
C VAL A 38 -3.46 2.25 -7.90
N MET A 39 -4.70 2.74 -7.87
CA MET A 39 -5.18 3.66 -8.91
C MET A 39 -5.76 4.92 -8.29
N THR A 40 -5.71 6.01 -9.05
CA THR A 40 -6.25 7.29 -8.60
C THR A 40 -7.67 7.45 -9.13
N ASP A 41 -7.87 8.42 -10.01
CA ASP A 41 -9.21 8.63 -10.60
C ASP A 41 -9.59 7.43 -11.44
N LYS A 42 -8.66 6.94 -12.27
CA LYS A 42 -8.91 5.78 -13.12
C LYS A 42 -7.65 5.39 -13.89
N VAL A 43 -6.56 5.10 -13.16
CA VAL A 43 -5.29 4.72 -13.81
C VAL A 43 -4.66 3.55 -13.06
N THR A 44 -4.10 2.60 -13.81
CA THR A 44 -3.44 1.43 -13.22
C THR A 44 -1.94 1.66 -13.10
N VAL A 45 -1.44 1.67 -11.87
CA VAL A 45 -0.01 1.87 -11.62
C VAL A 45 0.54 0.73 -10.76
N LYS A 46 1.52 0.00 -11.29
CA LYS A 46 2.14 -1.10 -10.54
C LYS A 46 3.38 -0.59 -9.82
N ILE A 47 3.51 -0.92 -8.54
CA ILE A 47 4.64 -0.45 -7.73
C ILE A 47 5.12 -1.56 -6.78
N PRO A 48 6.42 -1.79 -6.61
CA PRO A 48 6.89 -2.84 -5.65
C PRO A 48 6.25 -2.67 -4.28
N SER A 49 5.92 -3.79 -3.64
CA SER A 49 5.29 -3.75 -2.34
C SER A 49 6.01 -2.77 -1.40
N PRO A 50 5.38 -2.37 -0.33
CA PRO A 50 5.95 -1.41 0.66
C PRO A 50 6.96 -2.07 1.62
N VAL A 51 7.99 -2.73 1.08
CA VAL A 51 8.98 -3.37 1.95
C VAL A 51 8.29 -4.40 2.83
N ARG A 52 8.53 -5.70 2.57
CA ARG A 52 7.90 -6.77 3.33
C ARG A 52 8.86 -7.39 4.34
N GLY A 53 8.29 -7.81 5.47
CA GLY A 53 9.06 -8.42 6.55
C GLY A 53 8.11 -8.99 7.58
N LYS A 54 7.68 -8.14 8.53
CA LYS A 54 6.73 -8.57 9.56
C LYS A 54 5.53 -7.63 9.55
N ILE A 55 4.36 -8.17 9.19
CA ILE A 55 3.15 -7.35 9.12
C ILE A 55 2.43 -7.41 10.46
N VAL A 56 2.24 -6.24 11.10
CA VAL A 56 1.59 -6.19 12.40
C VAL A 56 0.06 -6.27 12.27
N LYS A 57 -0.53 -5.40 11.45
CA LYS A 57 -1.98 -5.40 11.30
C LYS A 57 -2.41 -4.52 10.13
N ILE A 58 -3.61 -4.79 9.61
CA ILE A 58 -4.15 -4.02 8.49
C ILE A 58 -5.34 -3.17 8.94
N LEU A 59 -5.20 -1.85 8.80
CA LEU A 59 -6.27 -0.93 9.21
C LEU A 59 -7.15 -0.56 8.02
N TYR A 60 -6.63 -0.80 6.81
CA TYR A 60 -7.37 -0.49 5.58
C TYR A 60 -7.80 -1.76 4.87
N ARG A 61 -9.00 -1.74 4.29
CA ARG A 61 -9.53 -2.89 3.56
C ARG A 61 -10.10 -2.44 2.22
N GLU A 62 -10.35 -3.39 1.34
CA GLU A 62 -10.86 -3.11 0.00
C GLU A 62 -12.12 -2.25 0.06
N GLY A 63 -12.24 -1.31 -0.90
CA GLY A 63 -13.41 -0.44 -0.97
C GLY A 63 -13.18 0.90 -0.28
N GLN A 64 -11.96 1.13 0.19
CA GLN A 64 -11.64 2.40 0.87
C GLN A 64 -10.94 3.39 -0.04
N VAL A 65 -11.45 4.61 -0.05
CA VAL A 65 -10.90 5.70 -0.84
C VAL A 65 -10.64 6.89 0.08
N VAL A 66 -9.40 7.38 0.11
CA VAL A 66 -9.05 8.51 0.99
C VAL A 66 -7.93 9.38 0.38
N PRO A 67 -8.01 10.69 0.46
CA PRO A 67 -6.93 11.58 -0.10
C PRO A 67 -5.54 11.19 0.43
N VAL A 68 -4.54 11.32 -0.45
CA VAL A 68 -3.17 10.98 -0.08
C VAL A 68 -2.76 11.70 1.20
N GLY A 69 -2.23 10.94 2.15
CA GLY A 69 -1.77 11.49 3.43
C GLY A 69 -2.26 10.67 4.61
N SER A 70 -2.01 9.36 4.59
CA SER A 70 -2.43 8.49 5.69
C SER A 70 -1.58 7.22 5.75
N THR A 71 -1.62 6.55 6.90
CA THR A 71 -0.86 5.31 7.10
C THR A 71 -1.74 4.11 6.75
N LEU A 72 -1.40 3.44 5.66
CA LEU A 72 -2.17 2.30 5.20
C LEU A 72 -1.67 0.99 5.82
N LEU A 73 -0.56 1.03 6.55
CA LEU A 73 -0.05 -0.20 7.16
C LEU A 73 1.19 0.08 8.03
N GLN A 74 1.30 -0.62 9.16
CA GLN A 74 2.46 -0.46 10.05
C GLN A 74 3.38 -1.67 9.88
N ILE A 75 4.66 -1.38 9.60
CA ILE A 75 5.64 -2.44 9.37
C ILE A 75 6.88 -2.26 10.23
N ASP A 76 7.25 -3.32 10.94
CA ASP A 76 8.42 -3.31 11.82
C ASP A 76 9.59 -4.01 11.13
N THR A 77 10.61 -3.23 10.75
CA THR A 77 11.77 -3.82 10.09
C THR A 77 12.33 -4.98 10.90
N MET A 1 9.28 0.16 13.34
CA MET A 1 7.88 0.68 13.18
C MET A 1 7.84 1.62 12.00
N TYR A 2 8.27 1.13 10.84
CA TYR A 2 8.28 1.94 9.63
C TYR A 2 6.87 2.06 9.08
N GLU A 3 6.53 3.23 8.55
CA GLU A 3 5.20 3.47 8.00
C GLU A 3 5.28 3.63 6.48
N PHE A 4 4.34 2.99 5.78
CA PHE A 4 4.30 3.07 4.31
C PHE A 4 3.24 4.06 3.85
N LYS A 5 3.69 5.12 3.18
CA LYS A 5 2.78 6.14 2.66
C LYS A 5 2.93 6.22 1.15
N LEU A 6 1.91 5.72 0.43
CA LEU A 6 1.93 5.71 -1.05
C LEU A 6 2.72 6.91 -1.59
N PRO A 7 4.01 6.75 -1.86
CA PRO A 7 4.86 7.86 -2.38
C PRO A 7 4.35 8.45 -3.69
N ASP A 8 4.61 9.72 -3.90
CA ASP A 8 4.19 10.40 -5.11
C ASP A 8 5.10 10.04 -6.27
N ILE A 9 4.74 9.00 -7.03
CA ILE A 9 5.55 8.55 -8.17
C ILE A 9 4.73 8.64 -9.45
N GLY A 10 5.33 9.18 -10.50
CA GLY A 10 4.63 9.33 -11.77
C GLY A 10 3.69 10.53 -11.73
N GLU A 11 2.71 10.53 -12.63
CA GLU A 11 1.74 11.63 -12.70
C GLU A 11 0.33 11.07 -12.89
N GLY A 12 -0.68 11.86 -12.54
CA GLY A 12 -2.06 11.43 -12.67
C GLY A 12 -2.57 10.79 -11.38
N VAL A 13 -2.22 11.41 -10.25
CA VAL A 13 -2.65 10.91 -8.94
C VAL A 13 -3.39 12.02 -8.19
N THR A 14 -4.59 11.71 -7.68
CA THR A 14 -5.37 12.69 -6.92
C THR A 14 -5.81 12.11 -5.59
N GLU A 15 -6.11 10.81 -5.57
CA GLU A 15 -6.55 10.13 -4.34
C GLU A 15 -6.03 8.70 -4.33
N GLY A 16 -5.92 8.11 -3.12
CA GLY A 16 -5.43 6.74 -3.01
C GLY A 16 -6.60 5.77 -2.92
N GLU A 17 -6.81 4.97 -3.98
CA GLU A 17 -7.89 3.99 -4.02
C GLU A 17 -7.31 2.60 -4.15
N ILE A 18 -7.76 1.68 -3.30
CA ILE A 18 -7.25 0.31 -3.31
C ILE A 18 -8.20 -0.64 -4.04
N VAL A 19 -7.69 -1.26 -5.10
CA VAL A 19 -8.47 -2.22 -5.87
C VAL A 19 -8.30 -3.64 -5.32
N ARG A 20 -7.05 -4.03 -5.04
CA ARG A 20 -6.79 -5.38 -4.51
C ARG A 20 -5.59 -5.42 -3.55
N TRP A 21 -5.66 -6.35 -2.59
CA TRP A 21 -4.57 -6.59 -1.63
C TRP A 21 -4.03 -7.99 -1.88
N ASP A 22 -2.70 -8.17 -1.80
CA ASP A 22 -2.10 -9.51 -2.03
C ASP A 22 -1.30 -9.96 -0.80
N VAL A 23 -1.46 -9.24 0.31
CA VAL A 23 -0.78 -9.58 1.55
C VAL A 23 -1.78 -9.73 2.69
N LYS A 24 -1.68 -10.83 3.42
CA LYS A 24 -2.59 -11.12 4.53
C LYS A 24 -1.93 -10.87 5.88
N GLU A 25 -2.70 -10.32 6.81
CA GLU A 25 -2.20 -10.04 8.15
C GLU A 25 -1.62 -11.30 8.78
N GLY A 26 -0.45 -11.15 9.42
CA GLY A 26 0.19 -12.28 10.09
C GLY A 26 1.05 -13.11 9.14
N ASP A 27 1.21 -12.66 7.90
CA ASP A 27 2.02 -13.38 6.91
C ASP A 27 3.30 -12.63 6.59
N MET A 28 4.36 -13.39 6.31
CA MET A 28 5.67 -12.79 5.98
C MET A 28 5.76 -12.52 4.48
N VAL A 29 6.54 -11.48 4.12
CA VAL A 29 6.71 -11.12 2.71
C VAL A 29 8.19 -10.82 2.43
N GLU A 30 8.67 -11.32 1.28
CA GLU A 30 10.07 -11.12 0.89
C GLU A 30 10.22 -9.84 0.06
N LYS A 31 11.44 -9.31 0.02
CA LYS A 31 11.72 -8.09 -0.75
C LYS A 31 11.49 -8.33 -2.24
N ASP A 32 10.87 -7.37 -2.90
CA ASP A 32 10.59 -7.48 -4.34
C ASP A 32 9.73 -8.71 -4.64
N GLN A 33 8.79 -9.02 -3.74
CA GLN A 33 7.91 -10.17 -3.92
C GLN A 33 6.51 -9.86 -3.39
N ASP A 34 5.67 -9.27 -4.25
CA ASP A 34 4.30 -8.94 -3.85
C ASP A 34 3.50 -8.46 -5.05
N LEU A 35 2.18 -8.38 -4.87
CA LEU A 35 1.30 -7.91 -5.95
C LEU A 35 0.26 -6.95 -5.40
N VAL A 36 0.63 -5.67 -5.38
CA VAL A 36 -0.26 -4.62 -4.88
C VAL A 36 -0.58 -3.64 -6.01
N GLU A 37 -1.88 -3.38 -6.20
CA GLU A 37 -2.32 -2.47 -7.25
C GLU A 37 -3.04 -1.27 -6.64
N VAL A 38 -2.47 -0.08 -6.87
CA VAL A 38 -3.06 1.16 -6.36
C VAL A 38 -3.62 1.95 -7.54
N MET A 39 -4.87 2.37 -7.42
CA MET A 39 -5.56 3.12 -8.47
C MET A 39 -5.93 4.52 -7.99
N THR A 40 -6.07 5.44 -8.94
CA THR A 40 -6.41 6.83 -8.64
C THR A 40 -7.40 7.36 -9.67
N ASP A 41 -6.85 7.86 -10.78
CA ASP A 41 -7.68 8.40 -11.86
C ASP A 41 -7.93 7.32 -12.93
N LYS A 42 -8.42 6.15 -12.49
CA LYS A 42 -8.69 5.04 -13.41
C LYS A 42 -7.40 4.62 -14.13
N VAL A 43 -6.32 4.51 -13.37
CA VAL A 43 -5.03 4.10 -13.91
C VAL A 43 -4.45 2.98 -13.05
N THR A 44 -3.86 1.98 -13.69
CA THR A 44 -3.26 0.84 -12.98
C THR A 44 -1.77 1.08 -12.78
N VAL A 45 -1.36 1.15 -11.52
CA VAL A 45 0.06 1.36 -11.17
C VAL A 45 0.56 0.25 -10.25
N LYS A 46 1.53 -0.52 -10.71
CA LYS A 46 2.08 -1.61 -9.91
C LYS A 46 3.30 -1.15 -9.12
N ILE A 47 3.30 -1.40 -7.82
CA ILE A 47 4.39 -1.00 -6.92
C ILE A 47 4.72 -2.13 -5.93
N PRO A 48 5.62 -3.03 -6.28
CA PRO A 48 6.01 -4.16 -5.39
C PRO A 48 6.54 -3.69 -4.02
N SER A 49 6.24 -4.45 -2.96
CA SER A 49 6.68 -4.09 -1.61
C SER A 49 8.19 -3.80 -1.58
N PRO A 50 8.62 -2.55 -1.43
CA PRO A 50 10.07 -2.22 -1.42
C PRO A 50 10.83 -2.63 -0.13
N VAL A 51 10.11 -2.94 0.96
CA VAL A 51 10.78 -3.31 2.23
C VAL A 51 10.21 -4.62 2.80
N ARG A 52 11.08 -5.62 3.05
CA ARG A 52 10.63 -6.90 3.61
C ARG A 52 10.65 -6.86 5.14
N GLY A 53 9.74 -7.61 5.76
CA GLY A 53 9.68 -7.67 7.22
C GLY A 53 8.44 -8.42 7.70
N LYS A 54 7.78 -7.89 8.75
CA LYS A 54 6.58 -8.54 9.29
C LYS A 54 5.40 -7.59 9.27
N ILE A 55 4.20 -8.14 9.02
CA ILE A 55 2.98 -7.34 8.98
C ILE A 55 2.24 -7.48 10.31
N VAL A 56 2.02 -6.36 11.00
CA VAL A 56 1.34 -6.39 12.31
C VAL A 56 -0.18 -6.40 12.15
N LYS A 57 -0.72 -5.47 11.37
CA LYS A 57 -2.16 -5.38 11.21
C LYS A 57 -2.55 -4.63 9.93
N ILE A 58 -3.74 -4.93 9.41
CA ILE A 58 -4.23 -4.30 8.20
C ILE A 58 -5.04 -3.04 8.57
N LEU A 59 -4.47 -1.87 8.30
CA LEU A 59 -5.14 -0.62 8.64
C LEU A 59 -6.18 -0.22 7.59
N TYR A 60 -5.96 -0.65 6.34
CA TYR A 60 -6.88 -0.31 5.23
C TYR A 60 -7.55 -1.56 4.64
N ARG A 61 -8.81 -1.38 4.23
CA ARG A 61 -9.60 -2.46 3.63
C ARG A 61 -10.02 -2.07 2.22
N GLU A 62 -10.54 -3.04 1.46
CA GLU A 62 -10.97 -2.79 0.09
C GLU A 62 -12.11 -1.78 0.02
N GLY A 63 -12.12 -0.99 -1.06
CA GLY A 63 -13.17 -0.01 -1.28
C GLY A 63 -12.87 1.31 -0.57
N GLN A 64 -11.69 1.42 0.04
CA GLN A 64 -11.32 2.65 0.75
C GLN A 64 -10.63 3.66 -0.17
N VAL A 65 -11.10 4.90 -0.10
CA VAL A 65 -10.54 6.00 -0.88
C VAL A 65 -10.24 7.17 0.04
N VAL A 66 -8.98 7.59 0.08
CA VAL A 66 -8.57 8.69 0.95
C VAL A 66 -7.42 9.50 0.29
N PRO A 67 -7.42 10.81 0.37
CA PRO A 67 -6.32 11.63 -0.24
C PRO A 67 -4.93 11.11 0.18
N VAL A 68 -3.99 11.18 -0.75
CA VAL A 68 -2.62 10.74 -0.51
C VAL A 68 -1.97 11.53 0.61
N GLY A 69 -1.41 10.81 1.59
CA GLY A 69 -0.73 11.44 2.73
C GLY A 69 -1.13 10.77 4.04
N SER A 70 -0.99 9.44 4.11
CA SER A 70 -1.33 8.72 5.33
C SER A 70 -0.79 7.29 5.29
N THR A 71 -0.55 6.72 6.46
CA THR A 71 -0.05 5.34 6.54
C THR A 71 -1.20 4.36 6.36
N LEU A 72 -1.02 3.38 5.48
CA LEU A 72 -2.07 2.39 5.18
C LEU A 72 -1.78 1.03 5.81
N LEU A 73 -0.66 0.93 6.51
CA LEU A 73 -0.28 -0.33 7.14
C LEU A 73 0.95 -0.11 8.03
N GLN A 74 1.01 -0.80 9.17
CA GLN A 74 2.15 -0.65 10.10
C GLN A 74 3.11 -1.84 9.99
N ILE A 75 4.40 -1.54 9.83
CA ILE A 75 5.42 -2.59 9.70
C ILE A 75 6.59 -2.36 10.65
N ASP A 76 6.88 -3.39 11.43
CA ASP A 76 7.99 -3.34 12.38
C ASP A 76 9.27 -3.82 11.71
N THR A 77 10.38 -3.15 11.98
CA THR A 77 11.66 -3.51 11.39
C THR A 77 12.49 -4.34 12.38
N MET A 1 11.72 -0.02 12.79
CA MET A 1 10.40 0.65 12.67
C MET A 1 10.32 1.36 11.32
N TYR A 2 9.35 0.97 10.50
CA TYR A 2 9.18 1.58 9.17
C TYR A 2 7.69 1.79 8.89
N GLU A 3 7.37 2.81 8.10
CA GLU A 3 5.98 3.10 7.75
C GLU A 3 5.84 3.29 6.24
N PHE A 4 4.87 2.59 5.64
CA PHE A 4 4.63 2.71 4.19
C PHE A 4 3.59 3.80 3.94
N LYS A 5 3.99 4.83 3.18
CA LYS A 5 3.10 5.95 2.88
C LYS A 5 3.08 6.23 1.38
N LEU A 6 1.95 6.73 0.89
CA LEU A 6 1.79 7.04 -0.55
C LEU A 6 2.10 8.52 -0.82
N PRO A 7 3.23 8.86 -1.42
CA PRO A 7 3.57 10.29 -1.71
C PRO A 7 2.84 10.80 -2.95
N ASP A 8 2.72 12.12 -3.09
CA ASP A 8 2.04 12.71 -4.23
C ASP A 8 2.94 12.68 -5.46
N ILE A 9 2.89 11.59 -6.22
CA ILE A 9 3.72 11.47 -7.42
C ILE A 9 3.33 12.54 -8.43
N GLY A 10 2.04 12.74 -8.60
CA GLY A 10 1.52 13.73 -9.54
C GLY A 10 1.52 15.13 -8.92
N GLU A 11 1.31 16.14 -9.76
CA GLU A 11 1.26 17.52 -9.28
C GLU A 11 0.06 17.73 -8.37
N GLY A 12 -1.06 17.09 -8.72
CA GLY A 12 -2.29 17.22 -7.92
C GLY A 12 -3.19 16.01 -8.13
N VAL A 13 -3.50 15.32 -7.03
CA VAL A 13 -4.36 14.14 -7.09
C VAL A 13 -5.08 13.94 -5.76
N THR A 14 -4.30 13.91 -4.69
CA THR A 14 -4.85 13.73 -3.35
C THR A 14 -5.94 12.65 -3.34
N GLU A 15 -5.51 11.40 -3.48
CA GLU A 15 -6.45 10.28 -3.48
C GLU A 15 -5.70 8.95 -3.50
N GLY A 16 -6.26 7.96 -2.82
CA GLY A 16 -5.65 6.63 -2.78
C GLY A 16 -6.73 5.56 -2.65
N GLU A 17 -6.93 4.77 -3.71
CA GLU A 17 -7.94 3.71 -3.71
C GLU A 17 -7.29 2.36 -4.02
N ILE A 18 -7.68 1.34 -3.25
CA ILE A 18 -7.12 -0.01 -3.42
C ILE A 18 -8.06 -0.93 -4.16
N VAL A 19 -7.60 -1.46 -5.30
CA VAL A 19 -8.39 -2.38 -6.11
C VAL A 19 -8.13 -3.84 -5.73
N ARG A 20 -6.86 -4.20 -5.51
CA ARG A 20 -6.50 -5.59 -5.16
C ARG A 20 -5.38 -5.66 -4.13
N TRP A 21 -5.53 -6.57 -3.15
CA TRP A 21 -4.52 -6.79 -2.11
C TRP A 21 -3.85 -8.14 -2.34
N ASP A 22 -2.53 -8.22 -2.12
CA ASP A 22 -1.80 -9.49 -2.29
C ASP A 22 -1.23 -10.00 -0.96
N VAL A 23 -1.51 -9.30 0.13
CA VAL A 23 -0.99 -9.71 1.45
C VAL A 23 -2.09 -9.60 2.51
N LYS A 24 -1.96 -10.37 3.59
CA LYS A 24 -2.94 -10.35 4.68
C LYS A 24 -2.26 -10.30 6.05
N GLU A 25 -2.94 -9.70 7.01
CA GLU A 25 -2.41 -9.58 8.36
C GLU A 25 -1.91 -10.93 8.88
N GLY A 26 -0.69 -10.93 9.43
CA GLY A 26 -0.09 -12.14 9.98
C GLY A 26 0.72 -12.92 8.96
N ASP A 27 0.88 -12.38 7.75
CA ASP A 27 1.66 -13.07 6.71
C ASP A 27 3.01 -12.38 6.49
N MET A 28 4.00 -13.17 6.09
CA MET A 28 5.34 -12.63 5.85
C MET A 28 5.43 -12.08 4.43
N VAL A 29 6.33 -11.11 4.21
CA VAL A 29 6.50 -10.50 2.89
C VAL A 29 7.94 -10.58 2.44
N GLU A 30 8.15 -10.44 1.12
CA GLU A 30 9.49 -10.50 0.53
C GLU A 30 9.83 -9.18 -0.16
N LYS A 31 11.12 -8.88 -0.22
CA LYS A 31 11.58 -7.64 -0.83
C LYS A 31 11.63 -7.78 -2.35
N ASP A 32 11.23 -6.71 -3.05
CA ASP A 32 11.22 -6.71 -4.51
C ASP A 32 10.28 -7.79 -5.04
N GLN A 33 9.59 -7.45 -6.14
CA GLN A 33 8.63 -8.35 -6.79
C GLN A 33 7.43 -8.65 -5.88
N ASP A 34 6.25 -8.19 -6.31
CA ASP A 34 5.02 -8.39 -5.55
C ASP A 34 3.83 -8.13 -6.46
N LEU A 35 2.61 -8.14 -5.90
CA LEU A 35 1.42 -7.88 -6.71
C LEU A 35 0.43 -6.97 -5.99
N VAL A 36 0.82 -5.71 -5.85
CA VAL A 36 -0.04 -4.70 -5.21
C VAL A 36 -0.36 -3.63 -6.24
N GLU A 37 -1.63 -3.28 -6.37
CA GLU A 37 -2.04 -2.27 -7.34
C GLU A 37 -2.89 -1.19 -6.68
N VAL A 38 -2.46 0.05 -6.80
CA VAL A 38 -3.18 1.18 -6.23
C VAL A 38 -3.71 2.07 -7.37
N MET A 39 -4.99 2.43 -7.28
CA MET A 39 -5.62 3.25 -8.31
C MET A 39 -5.69 4.71 -7.87
N THR A 40 -5.08 5.59 -8.66
CA THR A 40 -5.05 7.02 -8.36
C THR A 40 -6.17 7.73 -9.12
N ASP A 41 -5.88 8.13 -10.36
CA ASP A 41 -6.87 8.83 -11.19
C ASP A 41 -7.50 7.85 -12.20
N LYS A 42 -7.95 6.69 -11.71
CA LYS A 42 -8.56 5.69 -12.58
C LYS A 42 -7.48 4.99 -13.41
N VAL A 43 -6.27 4.94 -12.87
CA VAL A 43 -5.13 4.31 -13.55
C VAL A 43 -4.49 3.29 -12.62
N THR A 44 -4.15 2.13 -13.16
CA THR A 44 -3.53 1.07 -12.35
C THR A 44 -2.01 1.15 -12.45
N VAL A 45 -1.36 1.40 -11.32
CA VAL A 45 0.10 1.50 -11.27
C VAL A 45 0.66 0.52 -10.25
N LYS A 46 1.68 -0.24 -10.67
CA LYS A 46 2.32 -1.23 -9.80
C LYS A 46 3.49 -0.60 -9.03
N ILE A 47 3.62 -0.95 -7.75
CA ILE A 47 4.71 -0.41 -6.92
C ILE A 47 5.39 -1.54 -6.12
N PRO A 48 6.72 -1.57 -6.01
CA PRO A 48 7.43 -2.65 -5.24
C PRO A 48 6.89 -2.81 -3.82
N SER A 49 6.79 -4.08 -3.38
CA SER A 49 6.28 -4.40 -2.05
C SER A 49 6.80 -3.40 -1.00
N PRO A 50 6.21 -3.39 0.17
CA PRO A 50 6.60 -2.47 1.29
C PRO A 50 7.81 -2.98 2.08
N VAL A 51 8.83 -3.49 1.38
CA VAL A 51 10.05 -3.97 2.05
C VAL A 51 9.73 -5.14 3.00
N ARG A 52 10.33 -6.31 2.72
CA ARG A 52 10.10 -7.50 3.53
C ARG A 52 10.13 -7.20 5.03
N GLY A 53 9.38 -7.97 5.80
CA GLY A 53 9.33 -7.77 7.24
C GLY A 53 8.13 -8.46 7.87
N LYS A 54 7.57 -7.86 8.94
CA LYS A 54 6.42 -8.43 9.62
C LYS A 54 5.23 -7.48 9.55
N ILE A 55 4.06 -8.01 9.17
CA ILE A 55 2.84 -7.21 9.06
C ILE A 55 2.03 -7.35 10.34
N VAL A 56 1.81 -6.24 11.05
CA VAL A 56 1.09 -6.27 12.32
C VAL A 56 -0.43 -6.06 12.16
N LYS A 57 -0.85 -5.00 11.48
CA LYS A 57 -2.29 -4.74 11.34
C LYS A 57 -2.62 -4.02 10.05
N ILE A 58 -3.88 -4.15 9.61
CA ILE A 58 -4.36 -3.54 8.38
C ILE A 58 -5.48 -2.53 8.68
N LEU A 59 -5.29 -1.29 8.25
CA LEU A 59 -6.28 -0.23 8.48
C LEU A 59 -7.10 0.04 7.21
N TYR A 60 -6.59 -0.42 6.06
CA TYR A 60 -7.27 -0.22 4.78
C TYR A 60 -7.90 -1.52 4.28
N ARG A 61 -9.08 -1.39 3.68
CA ARG A 61 -9.82 -2.54 3.14
C ARG A 61 -10.09 -2.33 1.65
N GLU A 62 -10.55 -3.38 1.00
CA GLU A 62 -10.83 -3.34 -0.43
C GLU A 62 -11.91 -2.32 -0.77
N GLY A 63 -11.66 -1.53 -1.81
CA GLY A 63 -12.62 -0.53 -2.27
C GLY A 63 -12.58 0.76 -1.44
N GLN A 64 -11.63 0.85 -0.51
CA GLN A 64 -11.53 2.04 0.33
C GLN A 64 -10.76 3.15 -0.38
N VAL A 65 -11.28 4.37 -0.31
CA VAL A 65 -10.64 5.54 -0.93
C VAL A 65 -10.48 6.63 0.13
N VAL A 66 -9.28 7.21 0.22
CA VAL A 66 -9.01 8.25 1.23
C VAL A 66 -8.00 9.30 0.68
N PRO A 67 -8.17 10.59 0.95
CA PRO A 67 -7.18 11.62 0.49
C PRO A 67 -5.75 11.31 0.94
N VAL A 68 -4.78 11.70 0.13
CA VAL A 68 -3.38 11.47 0.46
C VAL A 68 -3.00 12.10 1.80
N GLY A 69 -2.33 11.33 2.65
CA GLY A 69 -1.89 11.81 3.96
C GLY A 69 -2.28 10.85 5.08
N SER A 70 -1.94 9.57 4.94
CA SER A 70 -2.28 8.59 5.97
C SER A 70 -1.40 7.35 5.89
N THR A 71 -1.38 6.58 6.98
CA THR A 71 -0.59 5.36 7.06
C THR A 71 -1.42 4.15 6.63
N LEU A 72 -1.10 3.61 5.47
CA LEU A 72 -1.84 2.45 4.95
C LEU A 72 -1.67 1.23 5.86
N LEU A 73 -0.43 0.97 6.25
CA LEU A 73 -0.11 -0.18 7.10
C LEU A 73 1.13 0.13 7.92
N GLN A 74 1.20 -0.40 9.15
CA GLN A 74 2.37 -0.18 10.00
C GLN A 74 3.24 -1.43 10.00
N ILE A 75 4.54 -1.23 9.76
CA ILE A 75 5.47 -2.36 9.69
C ILE A 75 6.63 -2.18 10.65
N ASP A 76 6.86 -3.19 11.48
CA ASP A 76 7.97 -3.16 12.45
C ASP A 76 9.22 -3.78 11.84
N THR A 77 10.36 -3.14 12.07
CA THR A 77 11.62 -3.65 11.53
C THR A 77 12.26 -4.62 12.53
N MET A 1 10.67 1.25 13.95
CA MET A 1 9.55 0.78 13.08
C MET A 1 9.54 1.59 11.79
N TYR A 2 8.70 1.18 10.84
CA TYR A 2 8.60 1.89 9.56
C TYR A 2 7.14 1.98 9.14
N GLU A 3 6.81 3.04 8.40
CA GLU A 3 5.43 3.24 7.93
C GLU A 3 5.42 3.46 6.43
N PHE A 4 4.51 2.77 5.73
CA PHE A 4 4.41 2.91 4.27
C PHE A 4 3.46 4.06 3.92
N LYS A 5 4.04 5.10 3.33
CA LYS A 5 3.27 6.29 2.94
C LYS A 5 3.34 6.47 1.43
N LEU A 6 2.20 6.38 0.77
CA LEU A 6 2.17 6.52 -0.70
C LEU A 6 3.00 7.76 -1.12
N PRO A 7 4.16 7.58 -1.71
CA PRO A 7 5.01 8.74 -2.12
C PRO A 7 4.50 9.36 -3.42
N ASP A 8 4.69 10.67 -3.58
CA ASP A 8 4.25 11.35 -4.80
C ASP A 8 5.26 11.13 -5.92
N ILE A 9 4.90 10.27 -6.88
CA ILE A 9 5.78 9.97 -8.02
C ILE A 9 5.04 10.14 -9.34
N GLY A 10 5.80 10.37 -10.41
CA GLY A 10 5.21 10.56 -11.74
C GLY A 10 4.32 11.80 -11.77
N GLU A 11 3.12 11.64 -12.33
CA GLU A 11 2.18 12.74 -12.44
C GLU A 11 1.71 13.18 -11.06
N GLY A 12 1.56 12.22 -10.15
CA GLY A 12 1.11 12.50 -8.79
C GLY A 12 -0.13 11.69 -8.45
N VAL A 13 -0.53 11.70 -7.18
CA VAL A 13 -1.72 10.97 -6.74
C VAL A 13 -2.60 11.86 -5.86
N THR A 14 -3.76 12.24 -6.36
CA THR A 14 -4.68 13.10 -5.61
C THR A 14 -5.33 12.31 -4.47
N GLU A 15 -5.67 11.05 -4.72
CA GLU A 15 -6.28 10.19 -3.71
C GLU A 15 -5.81 8.75 -3.88
N GLY A 16 -5.74 8.02 -2.77
CA GLY A 16 -5.30 6.61 -2.80
C GLY A 16 -6.50 5.67 -2.71
N GLU A 17 -6.71 4.86 -3.75
CA GLU A 17 -7.81 3.89 -3.77
C GLU A 17 -7.27 2.48 -3.99
N ILE A 18 -7.73 1.54 -3.16
CA ILE A 18 -7.26 0.15 -3.26
C ILE A 18 -8.29 -0.76 -3.93
N VAL A 19 -7.87 -1.38 -5.05
CA VAL A 19 -8.74 -2.29 -5.78
C VAL A 19 -8.55 -3.72 -5.30
N ARG A 20 -7.28 -4.13 -5.09
CA ARG A 20 -7.00 -5.51 -4.65
C ARG A 20 -5.80 -5.60 -3.69
N TRP A 21 -5.85 -6.62 -2.83
CA TRP A 21 -4.76 -6.92 -1.88
C TRP A 21 -4.22 -8.31 -2.20
N ASP A 22 -2.90 -8.51 -2.11
CA ASP A 22 -2.32 -9.83 -2.41
C ASP A 22 -1.63 -10.43 -1.19
N VAL A 23 -1.81 -9.82 -0.02
CA VAL A 23 -1.21 -10.33 1.22
C VAL A 23 -2.24 -10.35 2.35
N LYS A 24 -2.01 -11.20 3.35
CA LYS A 24 -2.93 -11.31 4.49
C LYS A 24 -2.22 -10.86 5.77
N GLU A 25 -2.96 -10.19 6.64
CA GLU A 25 -2.38 -9.72 7.89
C GLU A 25 -1.81 -10.89 8.70
N GLY A 26 -0.61 -10.70 9.24
CA GLY A 26 0.05 -11.74 10.04
C GLY A 26 0.93 -12.64 9.17
N ASP A 27 1.09 -12.30 7.89
CA ASP A 27 1.91 -13.11 6.98
C ASP A 27 3.27 -12.44 6.75
N MET A 28 4.28 -13.26 6.46
CA MET A 28 5.63 -12.75 6.22
C MET A 28 5.74 -12.26 4.79
N VAL A 29 6.52 -11.19 4.59
CA VAL A 29 6.72 -10.59 3.27
C VAL A 29 8.21 -10.56 2.91
N GLU A 30 8.52 -11.00 1.69
CA GLU A 30 9.90 -11.02 1.21
C GLU A 30 10.15 -9.86 0.24
N LYS A 31 11.42 -9.51 0.05
CA LYS A 31 11.79 -8.41 -0.84
C LYS A 31 11.36 -8.70 -2.28
N ASP A 32 10.74 -7.71 -2.91
CA ASP A 32 10.30 -7.83 -4.30
C ASP A 32 9.34 -9.01 -4.48
N GLN A 33 8.47 -9.24 -3.49
CA GLN A 33 7.51 -10.34 -3.57
C GLN A 33 6.14 -9.90 -3.05
N ASP A 34 5.36 -9.23 -3.90
CA ASP A 34 4.03 -8.77 -3.53
C ASP A 34 3.37 -8.08 -4.71
N LEU A 35 2.11 -8.46 -4.99
CA LEU A 35 1.37 -7.86 -6.10
C LEU A 35 0.24 -6.99 -5.57
N VAL A 36 0.50 -5.69 -5.48
CA VAL A 36 -0.50 -4.73 -5.00
C VAL A 36 -0.82 -3.75 -6.11
N GLU A 37 -2.10 -3.64 -6.45
CA GLU A 37 -2.53 -2.72 -7.51
C GLU A 37 -3.22 -1.50 -6.92
N VAL A 38 -2.66 -0.32 -7.18
CA VAL A 38 -3.22 0.92 -6.69
C VAL A 38 -3.69 1.78 -7.85
N MET A 39 -4.93 2.28 -7.74
CA MET A 39 -5.55 3.10 -8.79
C MET A 39 -5.78 4.52 -8.29
N THR A 40 -5.64 5.49 -9.19
CA THR A 40 -5.83 6.90 -8.84
C THR A 40 -7.03 7.46 -9.60
N ASP A 41 -6.86 8.63 -10.23
CA ASP A 41 -7.96 9.23 -11.00
C ASP A 41 -8.33 8.36 -12.18
N LYS A 42 -7.31 7.86 -12.88
CA LYS A 42 -7.54 7.00 -14.05
C LYS A 42 -6.22 6.43 -14.57
N VAL A 43 -5.44 5.79 -13.68
CA VAL A 43 -4.16 5.20 -14.07
C VAL A 43 -3.92 3.91 -13.28
N THR A 44 -3.50 2.87 -13.98
CA THR A 44 -3.22 1.59 -13.34
C THR A 44 -1.71 1.44 -13.18
N VAL A 45 -1.26 1.30 -11.93
CA VAL A 45 0.17 1.16 -11.64
C VAL A 45 0.42 0.07 -10.60
N LYS A 46 1.63 -0.47 -10.58
CA LYS A 46 1.99 -1.52 -9.63
C LYS A 46 3.24 -1.12 -8.84
N ILE A 47 3.21 -1.35 -7.53
CA ILE A 47 4.33 -1.00 -6.65
C ILE A 47 4.64 -2.16 -5.69
N PRO A 48 5.48 -3.10 -6.10
CA PRO A 48 5.85 -4.27 -5.24
C PRO A 48 6.47 -3.85 -3.90
N SER A 49 6.13 -4.59 -2.84
CA SER A 49 6.64 -4.30 -1.50
C SER A 49 8.13 -3.92 -1.53
N PRO A 50 8.48 -2.65 -1.43
CA PRO A 50 9.93 -2.23 -1.48
C PRO A 50 10.76 -2.69 -0.27
N VAL A 51 10.12 -2.94 0.89
CA VAL A 51 10.85 -3.37 2.09
C VAL A 51 10.24 -4.63 2.72
N ARG A 52 11.06 -5.66 2.93
CA ARG A 52 10.56 -6.91 3.53
C ARG A 52 10.55 -6.81 5.05
N GLY A 53 9.58 -7.47 5.69
CA GLY A 53 9.51 -7.44 7.15
C GLY A 53 8.29 -8.20 7.67
N LYS A 54 7.72 -7.72 8.77
CA LYS A 54 6.55 -8.37 9.39
C LYS A 54 5.35 -7.43 9.34
N ILE A 55 4.19 -7.99 8.98
CA ILE A 55 2.96 -7.19 8.90
C ILE A 55 2.17 -7.35 10.21
N VAL A 56 1.94 -6.24 10.91
CA VAL A 56 1.22 -6.31 12.19
C VAL A 56 -0.29 -6.46 11.97
N LYS A 57 -0.88 -5.56 11.19
CA LYS A 57 -2.33 -5.62 10.95
C LYS A 57 -2.71 -4.77 9.75
N ILE A 58 -3.86 -5.07 9.14
CA ILE A 58 -4.32 -4.33 7.97
C ILE A 58 -5.16 -3.12 8.39
N LEU A 59 -4.66 -1.92 8.11
CA LEU A 59 -5.37 -0.69 8.48
C LEU A 59 -6.37 -0.28 7.39
N TYR A 60 -6.10 -0.70 6.15
CA TYR A 60 -6.98 -0.36 5.02
C TYR A 60 -7.69 -1.60 4.47
N ARG A 61 -8.93 -1.39 4.00
CA ARG A 61 -9.74 -2.47 3.43
C ARG A 61 -10.16 -2.12 2.00
N GLU A 62 -10.64 -3.11 1.25
CA GLU A 62 -11.06 -2.90 -0.12
C GLU A 62 -12.15 -1.84 -0.24
N GLY A 63 -12.05 -1.05 -1.30
CA GLY A 63 -13.04 -0.01 -1.58
C GLY A 63 -12.78 1.26 -0.77
N GLN A 64 -11.67 1.28 -0.03
CA GLN A 64 -11.36 2.45 0.79
C GLN A 64 -10.58 3.50 -0.01
N VAL A 65 -11.05 4.74 0.06
CA VAL A 65 -10.41 5.87 -0.63
C VAL A 65 -10.16 6.99 0.37
N VAL A 66 -8.93 7.50 0.41
CA VAL A 66 -8.58 8.57 1.35
C VAL A 66 -7.51 9.50 0.74
N PRO A 67 -7.59 10.80 0.94
CA PRO A 67 -6.54 11.74 0.39
C PRO A 67 -5.12 11.34 0.80
N VAL A 68 -4.17 11.60 -0.11
CA VAL A 68 -2.76 11.28 0.14
C VAL A 68 -2.27 11.95 1.43
N GLY A 69 -1.63 11.16 2.29
CA GLY A 69 -1.08 11.68 3.54
C GLY A 69 -1.54 10.84 4.74
N SER A 70 -1.39 9.53 4.66
CA SER A 70 -1.81 8.66 5.76
C SER A 70 -1.14 7.29 5.66
N THR A 71 -1.18 6.53 6.75
CA THR A 71 -0.57 5.21 6.78
C THR A 71 -1.53 4.15 6.30
N LEU A 72 -1.09 3.35 5.33
CA LEU A 72 -1.93 2.28 4.80
C LEU A 72 -1.69 0.95 5.51
N LEU A 73 -0.72 0.93 6.42
CA LEU A 73 -0.39 -0.31 7.14
C LEU A 73 0.84 -0.05 8.03
N GLN A 74 0.93 -0.76 9.16
CA GLN A 74 2.06 -0.58 10.09
C GLN A 74 3.05 -1.73 9.99
N ILE A 75 4.33 -1.40 9.80
CA ILE A 75 5.38 -2.43 9.69
C ILE A 75 6.51 -2.16 10.68
N ASP A 76 6.85 -3.18 11.45
CA ASP A 76 7.93 -3.08 12.44
C ASP A 76 9.22 -3.64 11.85
N THR A 77 10.19 -2.77 11.60
CA THR A 77 11.46 -3.21 11.04
C THR A 77 12.21 -4.11 12.03
N MET A 1 10.79 -0.02 13.01
CA MET A 1 9.63 0.92 12.97
C MET A 1 9.64 1.69 11.65
N TYR A 2 8.98 1.13 10.64
CA TYR A 2 8.91 1.77 9.32
C TYR A 2 7.46 1.91 8.89
N GLU A 3 7.17 2.95 8.12
CA GLU A 3 5.81 3.21 7.64
C GLU A 3 5.80 3.32 6.11
N PHE A 4 4.82 2.66 5.49
CA PHE A 4 4.69 2.70 4.03
C PHE A 4 3.60 3.70 3.64
N LYS A 5 4.00 4.71 2.87
CA LYS A 5 3.08 5.76 2.45
C LYS A 5 3.05 5.89 0.93
N LEU A 6 1.90 6.24 0.39
CA LEU A 6 1.76 6.40 -1.05
C LEU A 6 2.40 7.73 -1.49
N PRO A 7 3.44 7.71 -2.31
CA PRO A 7 4.12 8.96 -2.76
C PRO A 7 3.32 9.71 -3.83
N ASP A 8 3.57 11.02 -3.91
CA ASP A 8 2.88 11.86 -4.88
C ASP A 8 3.60 11.81 -6.22
N ILE A 9 3.17 10.88 -7.08
CA ILE A 9 3.77 10.73 -8.41
C ILE A 9 2.93 11.46 -9.45
N GLY A 10 1.84 12.07 -9.01
CA GLY A 10 0.95 12.80 -9.91
C GLY A 10 0.53 14.14 -9.30
N GLU A 11 0.73 15.22 -10.06
CA GLU A 11 0.37 16.55 -9.57
C GLU A 11 -1.14 16.66 -9.41
N GLY A 12 -1.88 16.03 -10.32
CA GLY A 12 -3.35 16.06 -10.26
C GLY A 12 -3.88 14.88 -9.46
N VAL A 13 -3.82 14.98 -8.14
CA VAL A 13 -4.31 13.92 -7.26
C VAL A 13 -5.27 14.48 -6.21
N THR A 14 -6.43 13.85 -6.06
CA THR A 14 -7.44 14.31 -5.10
C THR A 14 -7.87 13.18 -4.17
N GLU A 15 -7.63 11.94 -4.59
CA GLU A 15 -8.01 10.80 -3.75
C GLU A 15 -7.45 9.49 -4.32
N GLY A 16 -7.08 8.56 -3.45
CA GLY A 16 -6.54 7.27 -3.88
C GLY A 16 -7.56 6.15 -3.63
N GLU A 17 -7.31 4.98 -4.20
CA GLU A 17 -8.22 3.85 -4.02
C GLU A 17 -7.48 2.53 -4.22
N ILE A 18 -7.84 1.53 -3.44
CA ILE A 18 -7.18 0.21 -3.52
C ILE A 18 -8.07 -0.81 -4.25
N VAL A 19 -7.55 -1.37 -5.36
CA VAL A 19 -8.30 -2.36 -6.13
C VAL A 19 -8.00 -3.78 -5.67
N ARG A 20 -6.72 -4.11 -5.46
CA ARG A 20 -6.35 -5.46 -5.03
C ARG A 20 -5.23 -5.44 -3.99
N TRP A 21 -5.30 -6.42 -3.08
CA TRP A 21 -4.28 -6.59 -2.03
C TRP A 21 -3.53 -7.90 -2.25
N ASP A 22 -2.21 -7.89 -1.98
CA ASP A 22 -1.40 -9.11 -2.14
C ASP A 22 -0.79 -9.56 -0.82
N VAL A 23 -1.21 -8.94 0.28
CA VAL A 23 -0.67 -9.29 1.60
C VAL A 23 -1.80 -9.40 2.63
N LYS A 24 -1.56 -10.16 3.68
CA LYS A 24 -2.54 -10.35 4.74
C LYS A 24 -1.87 -10.34 6.11
N GLU A 25 -2.58 -9.82 7.11
CA GLU A 25 -2.05 -9.74 8.47
C GLU A 25 -1.75 -11.14 9.00
N GLY A 26 -0.61 -11.26 9.70
CA GLY A 26 -0.20 -12.53 10.28
C GLY A 26 0.63 -13.35 9.29
N ASP A 27 1.00 -12.75 8.17
CA ASP A 27 1.80 -13.45 7.14
C ASP A 27 3.11 -12.72 6.90
N MET A 28 4.15 -13.50 6.56
CA MET A 28 5.48 -12.94 6.29
C MET A 28 5.57 -12.45 4.84
N VAL A 29 6.39 -11.43 4.61
CA VAL A 29 6.57 -10.87 3.26
C VAL A 29 8.03 -10.99 2.83
N GLU A 30 8.24 -11.45 1.59
CA GLU A 30 9.59 -11.60 1.05
C GLU A 30 9.92 -10.46 0.09
N LYS A 31 11.21 -10.18 -0.06
CA LYS A 31 11.65 -9.10 -0.94
C LYS A 31 11.43 -9.47 -2.42
N ASP A 32 11.01 -8.49 -3.21
CA ASP A 32 10.77 -8.68 -4.64
C ASP A 32 9.42 -9.34 -4.92
N GLN A 33 8.33 -8.64 -4.58
CA GLN A 33 6.99 -9.18 -4.81
C GLN A 33 6.05 -8.06 -5.27
N ASP A 34 6.00 -7.81 -6.59
CA ASP A 34 5.14 -6.75 -7.12
C ASP A 34 3.82 -7.31 -7.63
N LEU A 35 2.83 -7.39 -6.75
CA LEU A 35 1.51 -7.90 -7.13
C LEU A 35 0.42 -7.08 -6.43
N VAL A 36 0.74 -5.82 -6.13
CA VAL A 36 -0.20 -4.91 -5.45
C VAL A 36 -0.49 -3.75 -6.40
N GLU A 37 -1.77 -3.38 -6.51
CA GLU A 37 -2.18 -2.29 -7.38
C GLU A 37 -2.90 -1.20 -6.60
N VAL A 38 -2.43 0.04 -6.71
CA VAL A 38 -3.03 1.17 -6.01
C VAL A 38 -3.41 2.27 -6.99
N MET A 39 -4.38 3.09 -6.62
CA MET A 39 -4.85 4.19 -7.46
C MET A 39 -4.37 5.54 -6.92
N THR A 40 -3.69 6.31 -7.76
CA THR A 40 -3.19 7.63 -7.36
C THR A 40 -4.09 8.72 -7.92
N ASP A 41 -4.36 8.64 -9.22
CA ASP A 41 -5.23 9.63 -9.90
C ASP A 41 -6.14 8.90 -10.89
N LYS A 42 -6.81 7.84 -10.43
CA LYS A 42 -7.69 7.06 -11.29
C LYS A 42 -6.83 6.23 -12.26
N VAL A 43 -5.59 5.96 -11.86
CA VAL A 43 -4.68 5.17 -12.69
C VAL A 43 -4.17 3.98 -11.89
N THR A 44 -4.17 2.81 -12.52
CA THR A 44 -3.73 1.58 -11.86
C THR A 44 -2.27 1.29 -12.18
N VAL A 45 -1.43 1.26 -11.14
CA VAL A 45 0.00 1.00 -11.31
C VAL A 45 0.49 -0.03 -10.29
N LYS A 46 1.58 -0.72 -10.65
CA LYS A 46 2.19 -1.74 -9.79
C LYS A 46 3.53 -1.22 -9.26
N ILE A 47 3.78 -1.41 -7.96
CA ILE A 47 5.02 -0.95 -7.34
C ILE A 47 5.60 -2.04 -6.42
N PRO A 48 6.90 -2.00 -6.13
CA PRO A 48 7.55 -3.03 -5.24
C PRO A 48 6.86 -3.12 -3.86
N SER A 49 6.85 -4.33 -3.29
CA SER A 49 6.24 -4.56 -1.98
C SER A 49 6.72 -3.49 -0.99
N PRO A 50 6.27 -3.55 0.25
CA PRO A 50 6.65 -2.57 1.31
C PRO A 50 7.92 -3.01 2.10
N VAL A 51 8.95 -3.47 1.39
CA VAL A 51 10.19 -3.89 2.05
C VAL A 51 9.97 -5.08 2.99
N ARG A 52 10.61 -6.21 2.70
CA ARG A 52 10.50 -7.42 3.52
C ARG A 52 10.46 -7.08 5.01
N GLY A 53 9.73 -7.87 5.78
CA GLY A 53 9.63 -7.65 7.23
C GLY A 53 8.43 -8.38 7.82
N LYS A 54 7.82 -7.81 8.88
CA LYS A 54 6.66 -8.42 9.51
C LYS A 54 5.45 -7.50 9.39
N ILE A 55 4.29 -8.10 9.11
CA ILE A 55 3.05 -7.33 8.98
C ILE A 55 2.21 -7.50 10.23
N VAL A 56 1.93 -6.39 10.94
CA VAL A 56 1.17 -6.48 12.19
C VAL A 56 -0.34 -6.26 12.00
N LYS A 57 -0.74 -5.18 11.32
CA LYS A 57 -2.18 -4.90 11.18
C LYS A 57 -2.52 -4.23 9.86
N ILE A 58 -3.80 -4.37 9.46
CA ILE A 58 -4.31 -3.76 8.23
C ILE A 58 -5.40 -2.75 8.58
N LEU A 59 -5.24 -1.51 8.13
CA LEU A 59 -6.22 -0.46 8.42
C LEU A 59 -7.10 -0.14 7.20
N TYR A 60 -6.65 -0.57 6.02
CA TYR A 60 -7.39 -0.31 4.76
C TYR A 60 -8.01 -1.58 4.20
N ARG A 61 -9.18 -1.43 3.58
CA ARG A 61 -9.90 -2.55 2.99
C ARG A 61 -10.21 -2.26 1.52
N GLU A 62 -10.52 -3.30 0.76
CA GLU A 62 -10.81 -3.15 -0.67
C GLU A 62 -11.95 -2.17 -0.92
N GLY A 63 -11.75 -1.34 -1.95
CA GLY A 63 -12.77 -0.36 -2.34
C GLY A 63 -12.73 0.89 -1.47
N GLN A 64 -11.74 0.99 -0.59
CA GLN A 64 -11.64 2.15 0.29
C GLN A 64 -10.98 3.32 -0.43
N VAL A 65 -11.59 4.50 -0.29
CA VAL A 65 -11.07 5.73 -0.91
C VAL A 65 -10.71 6.73 0.19
N VAL A 66 -9.49 7.27 0.15
CA VAL A 66 -9.05 8.23 1.18
C VAL A 66 -8.05 9.25 0.61
N PRO A 67 -8.12 10.53 0.96
CA PRO A 67 -7.13 11.53 0.47
C PRO A 67 -5.69 11.11 0.83
N VAL A 68 -4.76 11.39 -0.08
CA VAL A 68 -3.36 11.06 0.15
C VAL A 68 -2.81 11.80 1.36
N GLY A 69 -2.14 11.06 2.26
CA GLY A 69 -1.55 11.66 3.46
C GLY A 69 -1.74 10.77 4.69
N SER A 70 -1.40 9.49 4.58
CA SER A 70 -1.55 8.59 5.73
C SER A 70 -0.81 7.27 5.49
N THR A 71 -0.59 6.52 6.58
CA THR A 71 0.10 5.22 6.48
C THR A 71 -0.93 4.11 6.36
N LEU A 72 -0.92 3.45 5.20
CA LEU A 72 -1.86 2.37 4.91
C LEU A 72 -1.67 1.16 5.83
N LEU A 73 -0.42 0.82 6.10
CA LEU A 73 -0.10 -0.34 6.94
C LEU A 73 1.11 -0.02 7.82
N GLN A 74 1.16 -0.60 9.03
CA GLN A 74 2.30 -0.36 9.93
C GLN A 74 3.24 -1.56 9.90
N ILE A 75 4.54 -1.31 9.71
CA ILE A 75 5.53 -2.39 9.64
C ILE A 75 6.68 -2.15 10.59
N ASP A 76 6.97 -3.16 11.40
CA ASP A 76 8.07 -3.08 12.37
C ASP A 76 9.34 -3.72 11.80
N THR A 77 10.38 -2.92 11.61
CA THR A 77 11.63 -3.42 11.06
C THR A 77 12.30 -4.38 12.04
N MET A 1 9.85 0.87 13.22
CA MET A 1 8.43 1.06 12.80
C MET A 1 8.39 1.89 11.53
N TYR A 2 8.66 1.26 10.39
CA TYR A 2 8.64 1.96 9.11
C TYR A 2 7.20 2.10 8.62
N GLU A 3 6.89 3.26 8.03
CA GLU A 3 5.54 3.53 7.53
C GLU A 3 5.55 3.69 6.02
N PHE A 4 4.54 3.11 5.35
CA PHE A 4 4.42 3.22 3.89
C PHE A 4 3.37 4.27 3.55
N LYS A 5 3.84 5.43 3.09
CA LYS A 5 2.95 6.53 2.72
C LYS A 5 3.05 6.80 1.23
N LEU A 6 1.92 6.69 0.54
CA LEU A 6 1.89 6.93 -0.90
C LEU A 6 2.64 8.24 -1.22
N PRO A 7 3.82 8.20 -1.80
CA PRO A 7 4.58 9.45 -2.12
C PRO A 7 3.77 10.43 -2.95
N ASP A 8 3.97 11.71 -2.68
CA ASP A 8 3.25 12.77 -3.39
C ASP A 8 3.85 13.02 -4.77
N ILE A 9 4.62 12.05 -5.28
CA ILE A 9 5.26 12.18 -6.59
C ILE A 9 4.82 11.05 -7.52
N GLY A 10 4.72 11.36 -8.81
CA GLY A 10 4.30 10.37 -9.80
C GLY A 10 3.62 11.05 -10.98
N GLU A 11 2.88 10.28 -11.77
CA GLU A 11 2.18 10.84 -12.92
C GLU A 11 1.12 11.84 -12.46
N GLY A 12 0.43 11.49 -11.37
CA GLY A 12 -0.60 12.37 -10.84
C GLY A 12 -1.48 11.62 -9.84
N VAL A 13 -1.39 11.99 -8.57
CA VAL A 13 -2.19 11.34 -7.51
C VAL A 13 -2.90 12.41 -6.69
N THR A 14 -4.23 12.25 -6.55
CA THR A 14 -5.03 13.21 -5.79
C THR A 14 -5.83 12.49 -4.70
N GLU A 15 -5.92 11.17 -4.81
CA GLU A 15 -6.65 10.36 -3.84
C GLU A 15 -6.16 8.92 -3.90
N GLY A 16 -6.29 8.19 -2.79
CA GLY A 16 -5.84 6.80 -2.75
C GLY A 16 -6.99 5.84 -2.95
N GLU A 17 -6.72 4.72 -3.63
CA GLU A 17 -7.75 3.71 -3.87
C GLU A 17 -7.09 2.36 -4.13
N ILE A 18 -7.50 1.35 -3.38
CA ILE A 18 -6.92 0.01 -3.52
C ILE A 18 -7.86 -0.93 -4.30
N VAL A 19 -7.36 -1.44 -5.43
CA VAL A 19 -8.14 -2.36 -6.25
C VAL A 19 -7.96 -3.80 -5.79
N ARG A 20 -6.71 -4.22 -5.55
CA ARG A 20 -6.43 -5.60 -5.12
C ARG A 20 -5.29 -5.67 -4.10
N TRP A 21 -5.38 -6.65 -3.18
CA TRP A 21 -4.35 -6.88 -2.16
C TRP A 21 -3.69 -8.24 -2.45
N ASP A 22 -2.36 -8.31 -2.37
CA ASP A 22 -1.66 -9.58 -2.60
C ASP A 22 -1.29 -10.25 -1.27
N VAL A 23 -1.51 -9.53 -0.17
CA VAL A 23 -1.20 -10.06 1.15
C VAL A 23 -2.20 -9.57 2.18
N LYS A 24 -2.29 -10.26 3.33
CA LYS A 24 -3.24 -9.88 4.38
C LYS A 24 -2.60 -10.00 5.77
N GLU A 25 -3.14 -9.24 6.72
CA GLU A 25 -2.63 -9.25 8.09
C GLU A 25 -2.44 -10.67 8.60
N GLY A 26 -1.37 -10.88 9.38
CA GLY A 26 -1.09 -12.20 9.96
C GLY A 26 -0.22 -13.07 9.07
N ASP A 27 0.33 -12.52 7.97
CA ASP A 27 1.17 -13.32 7.07
C ASP A 27 2.49 -12.62 6.77
N MET A 28 3.52 -13.43 6.53
CA MET A 28 4.87 -12.92 6.24
C MET A 28 5.00 -12.59 4.76
N VAL A 29 5.86 -11.62 4.44
CA VAL A 29 6.09 -11.22 3.05
C VAL A 29 7.58 -10.97 2.80
N GLU A 30 8.03 -11.27 1.59
CA GLU A 30 9.43 -11.08 1.20
C GLU A 30 9.51 -10.55 -0.22
N LYS A 31 10.60 -9.81 -0.51
CA LYS A 31 10.83 -9.23 -1.84
C LYS A 31 10.33 -7.79 -1.90
N ASP A 32 11.22 -6.86 -2.25
CA ASP A 32 10.82 -5.45 -2.35
C ASP A 32 9.95 -5.23 -3.58
N GLN A 33 9.74 -6.28 -4.39
CA GLN A 33 8.92 -6.19 -5.59
C GLN A 33 7.93 -7.36 -5.65
N ASP A 34 6.76 -7.19 -5.02
CA ASP A 34 5.73 -8.25 -5.02
C ASP A 34 4.68 -7.97 -6.09
N LEU A 35 3.44 -7.65 -5.71
CA LEU A 35 2.42 -7.37 -6.69
C LEU A 35 1.19 -6.73 -6.03
N VAL A 36 1.29 -5.43 -5.79
CA VAL A 36 0.20 -4.65 -5.18
C VAL A 36 -0.24 -3.60 -6.18
N GLU A 37 -1.55 -3.48 -6.40
CA GLU A 37 -2.08 -2.50 -7.35
C GLU A 37 -2.79 -1.37 -6.61
N VAL A 38 -2.34 -0.14 -6.87
CA VAL A 38 -2.92 1.05 -6.24
C VAL A 38 -3.57 1.94 -7.31
N MET A 39 -4.82 2.30 -7.08
CA MET A 39 -5.56 3.14 -8.02
C MET A 39 -5.77 4.53 -7.43
N THR A 40 -5.97 5.52 -8.29
CA THR A 40 -6.16 6.90 -7.85
C THR A 40 -7.37 7.53 -8.56
N ASP A 41 -7.14 8.59 -9.33
CA ASP A 41 -8.23 9.25 -10.04
C ASP A 41 -8.82 8.34 -11.12
N LYS A 42 -7.94 7.72 -11.91
CA LYS A 42 -8.39 6.81 -12.97
C LYS A 42 -7.21 6.11 -13.65
N VAL A 43 -6.39 5.41 -12.87
CA VAL A 43 -5.26 4.69 -13.45
C VAL A 43 -4.73 3.64 -12.47
N THR A 44 -4.15 2.58 -13.01
CA THR A 44 -3.60 1.49 -12.20
C THR A 44 -2.09 1.38 -12.40
N VAL A 45 -1.34 1.50 -11.30
CA VAL A 45 0.12 1.42 -11.35
C VAL A 45 0.63 0.44 -10.29
N LYS A 46 1.83 -0.09 -10.51
CA LYS A 46 2.42 -1.04 -9.57
C LYS A 46 3.58 -0.40 -8.81
N ILE A 47 3.60 -0.60 -7.49
CA ILE A 47 4.66 -0.05 -6.64
C ILE A 47 5.45 -1.19 -5.96
N PRO A 48 6.77 -1.12 -5.87
CA PRO A 48 7.57 -2.20 -5.22
C PRO A 48 7.05 -2.56 -3.82
N SER A 49 7.07 -3.85 -3.48
CA SER A 49 6.60 -4.32 -2.17
C SER A 49 6.95 -3.31 -1.06
N PRO A 50 6.23 -3.33 0.05
CA PRO A 50 6.49 -2.40 1.18
C PRO A 50 7.70 -2.81 2.04
N VAL A 51 8.79 -3.19 1.39
CA VAL A 51 10.00 -3.60 2.12
C VAL A 51 9.74 -4.87 2.95
N ARG A 52 10.45 -5.96 2.61
CA ARG A 52 10.29 -7.23 3.31
C ARG A 52 10.35 -7.05 4.83
N GLY A 53 9.59 -7.87 5.56
CA GLY A 53 9.56 -7.82 7.01
C GLY A 53 8.34 -8.56 7.55
N LYS A 54 7.66 -7.97 8.54
CA LYS A 54 6.47 -8.59 9.14
C LYS A 54 5.30 -7.63 9.12
N ILE A 55 4.09 -8.15 8.90
CA ILE A 55 2.89 -7.31 8.86
C ILE A 55 2.11 -7.50 10.16
N VAL A 56 1.98 -6.41 10.94
CA VAL A 56 1.28 -6.49 12.23
C VAL A 56 -0.22 -6.21 12.10
N LYS A 57 -0.58 -5.09 11.45
CA LYS A 57 -1.99 -4.73 11.31
C LYS A 57 -2.24 -3.95 10.03
N ILE A 58 -3.49 -3.99 9.57
CA ILE A 58 -3.89 -3.29 8.35
C ILE A 58 -5.16 -2.48 8.58
N LEU A 59 -5.09 -1.20 8.25
CA LEU A 59 -6.24 -0.29 8.41
C LEU A 59 -7.00 -0.14 7.09
N TYR A 60 -6.38 -0.55 5.99
CA TYR A 60 -7.02 -0.43 4.67
C TYR A 60 -7.56 -1.77 4.19
N ARG A 61 -8.79 -1.73 3.67
CA ARG A 61 -9.46 -2.93 3.15
C ARG A 61 -9.76 -2.76 1.68
N GLU A 62 -10.35 -3.78 1.08
CA GLU A 62 -10.68 -3.75 -0.34
C GLU A 62 -11.77 -2.72 -0.65
N GLY A 63 -11.51 -1.85 -1.63
CA GLY A 63 -12.50 -0.84 -2.04
C GLY A 63 -12.45 0.45 -1.21
N GLN A 64 -11.47 0.57 -0.30
CA GLN A 64 -11.39 1.78 0.52
C GLN A 64 -10.66 2.91 -0.21
N VAL A 65 -11.18 4.12 -0.04
CA VAL A 65 -10.61 5.33 -0.66
C VAL A 65 -10.36 6.37 0.41
N VAL A 66 -9.16 6.97 0.39
CA VAL A 66 -8.80 7.98 1.40
C VAL A 66 -7.85 9.03 0.79
N PRO A 67 -8.02 10.32 1.07
CA PRO A 67 -7.10 11.37 0.52
C PRO A 67 -5.63 11.11 0.89
N VAL A 68 -4.73 11.56 0.02
CA VAL A 68 -3.30 11.39 0.22
C VAL A 68 -2.83 12.10 1.48
N GLY A 69 -2.07 11.37 2.32
CA GLY A 69 -1.53 11.94 3.57
C GLY A 69 -1.77 11.03 4.77
N SER A 70 -1.48 9.73 4.63
CA SER A 70 -1.67 8.81 5.75
C SER A 70 -0.90 7.52 5.53
N THR A 71 -0.71 6.75 6.61
CA THR A 71 -0.01 5.47 6.52
C THR A 71 -1.01 4.35 6.24
N LEU A 72 -0.70 3.52 5.25
CA LEU A 72 -1.61 2.43 4.87
C LEU A 72 -1.34 1.15 5.65
N LEU A 73 -0.21 1.09 6.36
CA LEU A 73 0.13 -0.11 7.12
C LEU A 73 1.33 0.16 8.03
N GLN A 74 1.36 -0.48 9.20
CA GLN A 74 2.47 -0.31 10.12
C GLN A 74 3.37 -1.55 10.03
N ILE A 75 4.64 -1.32 9.70
CA ILE A 75 5.60 -2.42 9.52
C ILE A 75 6.82 -2.24 10.41
N ASP A 76 7.15 -3.28 11.16
CA ASP A 76 8.31 -3.27 12.05
C ASP A 76 9.49 -3.96 11.38
N THR A 77 10.51 -3.18 11.03
CA THR A 77 11.69 -3.73 10.39
C THR A 77 12.27 -4.90 11.20
N MET A 1 10.32 0.20 12.98
CA MET A 1 9.01 0.90 12.96
C MET A 1 8.88 1.70 11.67
N TYR A 2 9.04 1.03 10.55
CA TYR A 2 8.94 1.69 9.25
C TYR A 2 7.46 1.85 8.88
N GLU A 3 7.10 3.02 8.36
CA GLU A 3 5.71 3.29 7.97
C GLU A 3 5.63 3.46 6.45
N PHE A 4 4.75 2.69 5.81
CA PHE A 4 4.60 2.78 4.35
C PHE A 4 3.43 3.71 4.00
N LYS A 5 3.77 4.83 3.38
CA LYS A 5 2.77 5.82 2.96
C LYS A 5 2.81 5.96 1.45
N LEU A 6 1.64 6.06 0.83
CA LEU A 6 1.58 6.19 -0.63
C LEU A 6 2.07 7.58 -1.08
N PRO A 7 3.19 7.69 -1.77
CA PRO A 7 3.72 9.01 -2.22
C PRO A 7 3.04 9.48 -3.50
N ASP A 8 3.01 10.80 -3.71
CA ASP A 8 2.40 11.34 -4.91
C ASP A 8 3.26 10.99 -6.13
N ILE A 9 2.60 10.62 -7.23
CA ILE A 9 3.31 10.26 -8.46
C ILE A 9 3.10 11.31 -9.54
N GLY A 10 2.36 12.35 -9.19
CA GLY A 10 2.08 13.43 -10.14
C GLY A 10 1.50 14.66 -9.44
N GLU A 11 1.48 15.77 -10.16
CA GLU A 11 0.94 17.02 -9.60
C GLU A 11 -0.55 17.12 -9.90
N GLY A 12 -1.28 17.73 -8.97
CA GLY A 12 -2.72 17.90 -9.13
C GLY A 12 -3.46 16.59 -8.86
N VAL A 13 -2.84 15.73 -8.05
CA VAL A 13 -3.44 14.44 -7.70
C VAL A 13 -3.55 14.32 -6.18
N THR A 14 -4.73 13.93 -5.71
CA THR A 14 -4.98 13.79 -4.28
C THR A 14 -6.07 12.75 -4.02
N GLU A 15 -5.76 11.49 -4.28
CA GLU A 15 -6.73 10.42 -4.07
C GLU A 15 -6.03 9.08 -4.00
N GLY A 16 -6.54 8.19 -3.15
CA GLY A 16 -5.95 6.86 -3.01
C GLY A 16 -7.04 5.79 -2.95
N GLU A 17 -7.14 4.98 -4.00
CA GLU A 17 -8.14 3.90 -4.06
C GLU A 17 -7.44 2.57 -4.29
N ILE A 18 -7.87 1.54 -3.56
CA ILE A 18 -7.24 0.22 -3.66
C ILE A 18 -8.07 -0.74 -4.51
N VAL A 19 -7.46 -1.25 -5.58
CA VAL A 19 -8.14 -2.19 -6.46
C VAL A 19 -7.97 -3.63 -5.95
N ARG A 20 -6.73 -4.00 -5.58
CA ARG A 20 -6.47 -5.37 -5.09
C ARG A 20 -5.32 -5.41 -4.07
N TRP A 21 -5.52 -6.18 -3.01
CA TRP A 21 -4.50 -6.37 -1.96
C TRP A 21 -3.80 -7.72 -2.20
N ASP A 22 -2.50 -7.79 -1.91
CA ASP A 22 -1.74 -9.04 -2.09
C ASP A 22 -1.12 -9.53 -0.79
N VAL A 23 -1.47 -8.90 0.34
CA VAL A 23 -0.92 -9.30 1.64
C VAL A 23 -2.02 -9.40 2.69
N LYS A 24 -1.77 -10.20 3.72
CA LYS A 24 -2.74 -10.38 4.81
C LYS A 24 -2.03 -10.31 6.17
N GLU A 25 -2.76 -9.80 7.16
CA GLU A 25 -2.21 -9.68 8.51
C GLU A 25 -1.80 -11.03 9.08
N GLY A 26 -0.63 -11.09 9.70
CA GLY A 26 -0.13 -12.33 10.30
C GLY A 26 0.66 -13.18 9.31
N ASP A 27 0.94 -12.64 8.13
CA ASP A 27 1.68 -13.38 7.10
C ASP A 27 2.99 -12.68 6.76
N MET A 28 3.94 -13.46 6.25
CA MET A 28 5.26 -12.93 5.87
C MET A 28 5.30 -12.62 4.37
N VAL A 29 6.11 -11.63 3.99
CA VAL A 29 6.25 -11.25 2.58
C VAL A 29 7.71 -10.99 2.23
N GLU A 30 8.06 -11.17 0.95
CA GLU A 30 9.43 -10.94 0.48
C GLU A 30 9.47 -9.69 -0.40
N LYS A 31 10.64 -9.06 -0.49
CA LYS A 31 10.81 -7.85 -1.29
C LYS A 31 11.06 -8.21 -2.75
N ASP A 32 9.98 -8.27 -3.54
CA ASP A 32 10.08 -8.58 -4.95
C ASP A 32 8.70 -8.54 -5.60
N GLN A 33 8.19 -7.33 -5.82
CA GLN A 33 6.87 -7.17 -6.43
C GLN A 33 5.88 -8.22 -5.91
N ASP A 34 5.17 -7.90 -4.82
CA ASP A 34 4.20 -8.82 -4.25
C ASP A 34 2.87 -8.72 -4.96
N LEU A 35 2.88 -8.02 -6.09
CA LEU A 35 1.67 -7.81 -6.90
C LEU A 35 0.65 -6.96 -6.15
N VAL A 36 0.99 -5.71 -5.93
CA VAL A 36 0.11 -4.75 -5.24
C VAL A 36 -0.25 -3.67 -6.25
N GLU A 37 -1.54 -3.40 -6.40
CA GLU A 37 -2.00 -2.38 -7.35
C GLU A 37 -2.78 -1.28 -6.64
N VAL A 38 -2.34 -0.05 -6.85
CA VAL A 38 -2.99 1.11 -6.26
C VAL A 38 -3.46 2.05 -7.37
N MET A 39 -4.69 2.52 -7.26
CA MET A 39 -5.26 3.43 -8.27
C MET A 39 -5.29 4.85 -7.74
N THR A 40 -4.43 5.70 -8.31
CA THR A 40 -4.37 7.10 -7.89
C THR A 40 -5.69 7.79 -8.20
N ASP A 41 -6.14 7.68 -9.46
CA ASP A 41 -7.39 8.31 -9.89
C ASP A 41 -8.19 7.36 -10.79
N LYS A 42 -7.64 7.05 -11.96
CA LYS A 42 -8.31 6.13 -12.89
C LYS A 42 -7.30 5.36 -13.72
N VAL A 43 -6.25 4.88 -13.05
CA VAL A 43 -5.20 4.11 -13.72
C VAL A 43 -4.56 3.12 -12.76
N THR A 44 -4.10 1.99 -13.27
CA THR A 44 -3.48 0.96 -12.44
C THR A 44 -1.96 1.01 -12.56
N VAL A 45 -1.30 1.26 -11.42
CA VAL A 45 0.17 1.33 -11.39
C VAL A 45 0.72 0.36 -10.35
N LYS A 46 1.75 -0.39 -10.75
CA LYS A 46 2.38 -1.38 -9.86
C LYS A 46 3.60 -0.77 -9.15
N ILE A 47 3.73 -1.05 -7.85
CA ILE A 47 4.85 -0.53 -7.05
C ILE A 47 5.50 -1.66 -6.23
N PRO A 48 6.82 -1.73 -6.12
CA PRO A 48 7.47 -2.82 -5.32
C PRO A 48 6.91 -2.90 -3.89
N SER A 49 6.79 -4.13 -3.38
CA SER A 49 6.25 -4.39 -2.05
C SER A 49 6.75 -3.33 -1.04
N PRO A 50 6.10 -3.25 0.10
CA PRO A 50 6.47 -2.29 1.18
C PRO A 50 7.70 -2.73 1.99
N VAL A 51 8.74 -3.19 1.31
CA VAL A 51 9.98 -3.64 1.98
C VAL A 51 9.70 -4.86 2.87
N ARG A 52 10.34 -5.99 2.54
CA ARG A 52 10.15 -7.23 3.30
C ARG A 52 10.33 -7.00 4.80
N GLY A 53 9.58 -7.77 5.60
CA GLY A 53 9.66 -7.66 7.04
C GLY A 53 8.48 -8.40 7.70
N LYS A 54 7.84 -7.76 8.69
CA LYS A 54 6.72 -8.38 9.39
C LYS A 54 5.50 -7.45 9.35
N ILE A 55 4.31 -8.02 9.13
CA ILE A 55 3.08 -7.23 9.08
C ILE A 55 2.39 -7.32 10.44
N VAL A 56 2.19 -6.18 11.10
CA VAL A 56 1.58 -6.18 12.43
C VAL A 56 0.04 -6.13 12.38
N LYS A 57 -0.52 -5.13 11.68
CA LYS A 57 -1.99 -5.01 11.61
C LYS A 57 -2.45 -4.29 10.35
N ILE A 58 -3.71 -4.51 9.99
CA ILE A 58 -4.31 -3.87 8.83
C ILE A 58 -5.47 -2.99 9.29
N LEU A 59 -5.37 -1.69 9.01
CA LEU A 59 -6.41 -0.74 9.42
C LEU A 59 -7.35 -0.40 8.25
N TYR A 60 -6.90 -0.68 7.03
CA TYR A 60 -7.70 -0.38 5.83
C TYR A 60 -8.11 -1.64 5.08
N ARG A 61 -9.34 -1.62 4.54
CA ARG A 61 -9.88 -2.77 3.79
C ARG A 61 -10.30 -2.33 2.38
N GLU A 62 -10.53 -3.29 1.50
CA GLU A 62 -10.93 -3.00 0.11
C GLU A 62 -12.18 -2.13 0.05
N GLY A 63 -12.27 -1.32 -1.02
CA GLY A 63 -13.44 -0.47 -1.23
C GLY A 63 -13.29 0.89 -0.54
N GLN A 64 -12.11 1.16 0.02
CA GLN A 64 -11.88 2.42 0.73
C GLN A 64 -11.08 3.40 -0.13
N VAL A 65 -11.60 4.64 -0.20
CA VAL A 65 -10.94 5.71 -0.95
C VAL A 65 -10.68 6.87 0.01
N VAL A 66 -9.43 7.37 0.03
CA VAL A 66 -9.08 8.46 0.94
C VAL A 66 -8.01 9.38 0.34
N PRO A 67 -8.09 10.70 0.52
CA PRO A 67 -7.04 11.64 -0.01
C PRO A 67 -5.63 11.23 0.43
N VAL A 68 -4.68 11.37 -0.48
CA VAL A 68 -3.28 11.00 -0.21
C VAL A 68 -2.71 11.81 0.96
N GLY A 69 -2.08 11.10 1.90
CA GLY A 69 -1.46 11.74 3.06
C GLY A 69 -1.88 11.07 4.37
N SER A 70 -1.77 9.74 4.45
CA SER A 70 -2.14 9.04 5.68
C SER A 70 -1.43 7.70 5.78
N THR A 71 -1.44 7.11 6.98
CA THR A 71 -0.80 5.82 7.22
C THR A 71 -1.80 4.70 6.92
N LEU A 72 -1.46 3.82 5.98
CA LEU A 72 -2.36 2.73 5.60
C LEU A 72 -1.98 1.40 6.27
N LEU A 73 -0.71 1.21 6.58
CA LEU A 73 -0.27 -0.04 7.21
C LEU A 73 1.02 0.20 7.99
N GLN A 74 1.16 -0.43 9.17
CA GLN A 74 2.37 -0.26 9.98
C GLN A 74 3.26 -1.50 9.87
N ILE A 75 4.56 -1.27 9.64
CA ILE A 75 5.52 -2.36 9.49
C ILE A 75 6.75 -2.14 10.36
N ASP A 76 7.07 -3.16 11.16
CA ASP A 76 8.24 -3.11 12.03
C ASP A 76 9.47 -3.59 11.28
N THR A 77 10.61 -2.97 11.54
CA THR A 77 11.86 -3.37 10.88
C THR A 77 12.78 -4.09 11.86
N MET A 1 11.22 0.20 13.06
CA MET A 1 9.89 0.85 12.95
C MET A 1 9.85 1.69 11.68
N TYR A 2 9.25 1.15 10.63
CA TYR A 2 9.13 1.85 9.35
C TYR A 2 7.65 2.09 9.04
N GLU A 3 7.35 3.25 8.48
CA GLU A 3 5.97 3.61 8.12
C GLU A 3 5.85 3.73 6.61
N PHE A 4 4.89 3.01 6.02
CA PHE A 4 4.69 3.06 4.57
C PHE A 4 3.54 3.99 4.22
N LYS A 5 3.85 5.04 3.46
CA LYS A 5 2.86 6.02 3.04
C LYS A 5 2.87 6.14 1.52
N LEU A 6 1.70 6.28 0.93
CA LEU A 6 1.62 6.41 -0.53
C LEU A 6 2.35 7.68 -0.95
N PRO A 7 3.45 7.59 -1.69
CA PRO A 7 4.22 8.81 -2.09
C PRO A 7 3.54 9.58 -3.23
N ASP A 8 3.83 10.87 -3.29
CA ASP A 8 3.25 11.74 -4.31
C ASP A 8 4.14 11.78 -5.55
N ILE A 9 3.71 11.11 -6.62
CA ILE A 9 4.48 11.07 -7.87
C ILE A 9 3.61 11.50 -9.05
N GLY A 10 4.20 12.21 -10.00
CA GLY A 10 3.46 12.68 -11.17
C GLY A 10 2.57 13.87 -10.82
N GLU A 11 2.53 14.21 -9.54
CA GLU A 11 1.72 15.34 -9.08
C GLU A 11 0.29 15.21 -9.56
N GLY A 12 -0.58 16.09 -9.06
CA GLY A 12 -1.98 16.07 -9.44
C GLY A 12 -2.71 14.90 -8.77
N VAL A 13 -2.23 14.49 -7.61
CA VAL A 13 -2.83 13.38 -6.86
C VAL A 13 -3.20 13.85 -5.46
N THR A 14 -4.46 13.60 -5.05
CA THR A 14 -4.94 14.02 -3.73
C THR A 14 -5.73 12.91 -3.04
N GLU A 15 -6.00 11.83 -3.78
CA GLU A 15 -6.74 10.69 -3.22
C GLU A 15 -6.18 9.37 -3.73
N GLY A 16 -6.28 8.33 -2.90
CA GLY A 16 -5.78 7.01 -3.27
C GLY A 16 -6.86 5.95 -3.07
N GLU A 17 -7.01 5.04 -4.04
CA GLU A 17 -8.01 3.98 -3.96
C GLU A 17 -7.34 2.62 -4.09
N ILE A 18 -7.75 1.66 -3.27
CA ILE A 18 -7.16 0.32 -3.29
C ILE A 18 -8.05 -0.68 -4.01
N VAL A 19 -7.53 -1.30 -5.07
CA VAL A 19 -8.28 -2.29 -5.84
C VAL A 19 -7.88 -3.72 -5.49
N ARG A 20 -6.59 -3.98 -5.18
CA ARG A 20 -6.18 -5.35 -4.87
C ARG A 20 -4.96 -5.40 -3.96
N TRP A 21 -5.06 -6.25 -2.93
CA TRP A 21 -3.95 -6.47 -1.99
C TRP A 21 -3.34 -7.84 -2.31
N ASP A 22 -2.02 -7.90 -2.45
CA ASP A 22 -1.35 -9.16 -2.77
C ASP A 22 -0.76 -9.81 -1.52
N VAL A 23 -1.02 -9.18 -0.37
CA VAL A 23 -0.52 -9.68 0.91
C VAL A 23 -1.64 -9.66 1.95
N LYS A 24 -1.51 -10.48 2.99
CA LYS A 24 -2.55 -10.55 4.04
C LYS A 24 -1.93 -10.47 5.43
N GLU A 25 -2.67 -9.82 6.34
CA GLU A 25 -2.22 -9.69 7.73
C GLU A 25 -1.98 -11.06 8.36
N GLY A 26 -0.91 -11.16 9.16
CA GLY A 26 -0.58 -12.42 9.83
C GLY A 26 0.38 -13.26 8.99
N ASP A 27 0.87 -12.71 7.87
CA ASP A 27 1.79 -13.45 7.00
C ASP A 27 3.13 -12.71 6.85
N MET A 28 4.22 -13.41 7.12
CA MET A 28 5.55 -12.81 6.99
C MET A 28 5.88 -12.61 5.52
N VAL A 29 6.53 -11.50 5.18
CA VAL A 29 6.88 -11.20 3.79
C VAL A 29 8.24 -10.55 3.68
N GLU A 30 8.82 -10.59 2.48
CA GLU A 30 10.13 -9.98 2.23
C GLU A 30 10.05 -9.04 1.03
N LYS A 31 10.92 -8.02 1.01
CA LYS A 31 10.96 -7.02 -0.07
C LYS A 31 10.44 -7.59 -1.39
N ASP A 32 9.76 -6.75 -2.18
CA ASP A 32 9.20 -7.15 -3.46
C ASP A 32 8.15 -8.24 -3.29
N GLN A 33 7.12 -7.94 -2.50
CA GLN A 33 6.04 -8.90 -2.23
C GLN A 33 5.59 -9.61 -3.51
N ASP A 34 4.41 -9.25 -4.02
CA ASP A 34 3.89 -9.85 -5.24
C ASP A 34 2.95 -8.89 -5.96
N LEU A 35 3.49 -7.75 -6.36
CA LEU A 35 2.71 -6.74 -7.09
C LEU A 35 1.46 -6.31 -6.31
N VAL A 36 1.34 -5.00 -6.08
CA VAL A 36 0.19 -4.43 -5.38
C VAL A 36 -0.46 -3.42 -6.35
N GLU A 37 -1.78 -3.49 -6.51
CA GLU A 37 -2.46 -2.58 -7.45
C GLU A 37 -2.96 -1.32 -6.74
N VAL A 38 -2.47 -0.16 -7.20
CA VAL A 38 -2.86 1.12 -6.61
C VAL A 38 -3.30 2.09 -7.72
N MET A 39 -4.42 2.76 -7.49
CA MET A 39 -4.98 3.72 -8.46
C MET A 39 -4.97 5.13 -7.89
N THR A 40 -4.90 6.12 -8.79
CA THR A 40 -4.90 7.52 -8.38
C THR A 40 -5.84 8.34 -9.25
N ASP A 41 -5.35 8.75 -10.42
CA ASP A 41 -6.15 9.54 -11.35
C ASP A 41 -6.90 8.65 -12.33
N LYS A 42 -7.49 7.57 -11.82
CA LYS A 42 -8.23 6.63 -12.67
C LYS A 42 -7.28 5.88 -13.58
N VAL A 43 -6.10 5.53 -13.06
CA VAL A 43 -5.09 4.80 -13.82
C VAL A 43 -4.57 3.63 -13.00
N THR A 44 -4.42 2.47 -13.64
CA THR A 44 -3.93 1.28 -12.94
C THR A 44 -2.42 1.16 -13.12
N VAL A 45 -1.69 1.31 -12.02
CA VAL A 45 -0.22 1.22 -12.03
C VAL A 45 0.28 0.32 -10.91
N LYS A 46 1.20 -0.59 -11.26
CA LYS A 46 1.77 -1.50 -10.27
C LYS A 46 3.05 -0.92 -9.67
N ILE A 47 3.09 -0.83 -8.35
CA ILE A 47 4.25 -0.28 -7.64
C ILE A 47 4.60 -1.15 -6.43
N PRO A 48 5.39 -2.18 -6.63
CA PRO A 48 5.81 -3.10 -5.52
C PRO A 48 6.56 -2.34 -4.41
N SER A 49 6.37 -2.76 -3.15
CA SER A 49 7.03 -2.11 -2.03
C SER A 49 8.52 -2.48 -1.97
N PRO A 50 9.42 -1.54 -1.83
CA PRO A 50 10.88 -1.84 -1.77
C PRO A 50 11.31 -2.59 -0.50
N VAL A 51 10.46 -2.61 0.52
CA VAL A 51 10.80 -3.28 1.80
C VAL A 51 9.62 -4.08 2.34
N ARG A 52 9.92 -5.09 3.16
CA ARG A 52 8.91 -5.94 3.75
C ARG A 52 9.57 -6.82 4.83
N GLY A 53 8.78 -7.35 5.76
CA GLY A 53 9.32 -8.18 6.82
C GLY A 53 8.20 -8.81 7.62
N LYS A 54 7.65 -8.06 8.58
CA LYS A 54 6.56 -8.54 9.41
C LYS A 54 5.37 -7.59 9.32
N ILE A 55 4.21 -8.14 8.95
CA ILE A 55 3.01 -7.32 8.82
C ILE A 55 2.17 -7.46 10.09
N VAL A 56 2.01 -6.37 10.83
CA VAL A 56 1.26 -6.42 12.09
C VAL A 56 -0.26 -6.46 11.88
N LYS A 57 -0.79 -5.50 11.13
CA LYS A 57 -2.23 -5.45 10.93
C LYS A 57 -2.61 -4.52 9.78
N ILE A 58 -3.74 -4.81 9.14
CA ILE A 58 -4.23 -4.01 8.02
C ILE A 58 -5.41 -3.14 8.45
N LEU A 59 -5.26 -1.83 8.29
CA LEU A 59 -6.31 -0.87 8.68
C LEU A 59 -7.17 -0.50 7.48
N TYR A 60 -6.68 -0.77 6.28
CA TYR A 60 -7.41 -0.45 5.05
C TYR A 60 -7.91 -1.72 4.35
N ARG A 61 -9.12 -1.63 3.79
CA ARG A 61 -9.73 -2.75 3.06
C ARG A 61 -10.14 -2.30 1.67
N GLU A 62 -10.37 -3.28 0.79
CA GLU A 62 -10.77 -2.98 -0.59
C GLU A 62 -12.00 -2.10 -0.65
N GLY A 63 -12.05 -1.26 -1.68
CA GLY A 63 -13.21 -0.37 -1.87
C GLY A 63 -13.09 0.90 -1.04
N GLN A 64 -11.95 1.09 -0.38
CA GLN A 64 -11.74 2.26 0.46
C GLN A 64 -10.95 3.35 -0.27
N VAL A 65 -11.45 4.58 -0.17
CA VAL A 65 -10.81 5.75 -0.79
C VAL A 65 -10.63 6.81 0.28
N VAL A 66 -9.41 7.33 0.40
CA VAL A 66 -9.11 8.33 1.44
C VAL A 66 -8.05 9.34 0.97
N PRO A 67 -8.17 10.62 1.29
CA PRO A 67 -7.14 11.64 0.89
C PRO A 67 -5.72 11.20 1.27
N VAL A 68 -4.77 11.51 0.39
CA VAL A 68 -3.37 11.15 0.61
C VAL A 68 -2.84 11.81 1.89
N GLY A 69 -2.15 11.02 2.71
CA GLY A 69 -1.57 11.52 3.97
C GLY A 69 -2.00 10.67 5.16
N SER A 70 -1.82 9.35 5.07
CA SER A 70 -2.22 8.46 6.18
C SER A 70 -1.38 7.19 6.20
N THR A 71 -1.35 6.53 7.36
CA THR A 71 -0.60 5.28 7.51
C THR A 71 -1.47 4.10 7.13
N LEU A 72 -1.31 3.63 5.91
CA LEU A 72 -2.11 2.51 5.42
C LEU A 72 -1.79 1.21 6.19
N LEU A 73 -0.51 0.98 6.47
CA LEU A 73 -0.11 -0.25 7.18
C LEU A 73 1.10 0.05 8.07
N GLN A 74 1.21 -0.65 9.20
CA GLN A 74 2.35 -0.46 10.12
C GLN A 74 3.33 -1.62 9.93
N ILE A 75 4.60 -1.31 9.68
CA ILE A 75 5.63 -2.34 9.43
C ILE A 75 6.82 -2.19 10.37
N ASP A 76 7.17 -3.28 11.05
CA ASP A 76 8.31 -3.30 11.96
C ASP A 76 9.51 -3.98 11.28
N THR A 77 10.56 -3.21 11.03
CA THR A 77 11.75 -3.76 10.40
C THR A 77 12.40 -4.81 11.29
N MET A 1 9.87 0.61 13.39
CA MET A 1 8.44 0.94 13.12
C MET A 1 8.35 1.81 11.88
N TYR A 2 8.53 1.18 10.71
CA TYR A 2 8.47 1.91 9.45
C TYR A 2 7.03 2.01 8.97
N GLU A 3 6.71 3.12 8.30
CA GLU A 3 5.35 3.34 7.79
C GLU A 3 5.36 3.51 6.28
N PHE A 4 4.43 2.86 5.59
CA PHE A 4 4.34 2.97 4.13
C PHE A 4 3.25 3.97 3.76
N LYS A 5 3.65 5.04 3.07
CA LYS A 5 2.73 6.09 2.66
C LYS A 5 2.75 6.26 1.15
N LEU A 6 1.60 6.60 0.58
CA LEU A 6 1.54 6.79 -0.88
C LEU A 6 2.50 7.94 -1.26
N PRO A 7 3.55 7.69 -2.02
CA PRO A 7 4.52 8.77 -2.40
C PRO A 7 3.83 10.03 -2.92
N ASP A 8 4.33 11.18 -2.49
CA ASP A 8 3.79 12.47 -2.91
C ASP A 8 4.33 12.89 -4.28
N ILE A 9 4.98 11.95 -4.98
CA ILE A 9 5.54 12.24 -6.31
C ILE A 9 5.00 11.26 -7.35
N GLY A 10 4.88 11.74 -8.58
CA GLY A 10 4.37 10.89 -9.67
C GLY A 10 3.75 11.76 -10.76
N GLU A 11 3.02 11.12 -11.67
CA GLU A 11 2.37 11.83 -12.75
C GLU A 11 1.29 12.77 -12.22
N GLY A 12 0.59 12.33 -11.18
CA GLY A 12 -0.46 13.14 -10.58
C GLY A 12 -1.24 12.33 -9.55
N VAL A 13 -1.50 12.94 -8.39
CA VAL A 13 -2.25 12.25 -7.33
C VAL A 13 -3.43 13.12 -6.87
N THR A 14 -4.62 12.53 -6.83
CA THR A 14 -5.83 13.25 -6.40
C THR A 14 -6.48 12.52 -5.23
N GLU A 15 -6.26 11.21 -5.15
CA GLU A 15 -6.82 10.40 -4.07
C GLU A 15 -6.29 8.97 -4.14
N GLY A 16 -6.32 8.27 -3.00
CA GLY A 16 -5.83 6.89 -2.95
C GLY A 16 -6.96 5.90 -2.82
N GLU A 17 -7.05 4.95 -3.76
CA GLU A 17 -8.10 3.93 -3.75
C GLU A 17 -7.46 2.56 -3.96
N ILE A 18 -7.89 1.59 -3.16
CA ILE A 18 -7.33 0.24 -3.25
C ILE A 18 -8.27 -0.72 -3.97
N VAL A 19 -7.80 -1.29 -5.09
CA VAL A 19 -8.60 -2.25 -5.85
C VAL A 19 -8.34 -3.70 -5.40
N ARG A 20 -7.07 -4.07 -5.19
CA ARG A 20 -6.77 -5.46 -4.80
C ARG A 20 -5.61 -5.55 -3.79
N TRP A 21 -5.73 -6.55 -2.90
CA TRP A 21 -4.70 -6.84 -1.89
C TRP A 21 -4.19 -8.26 -2.14
N ASP A 22 -2.88 -8.48 -2.00
CA ASP A 22 -2.31 -9.83 -2.21
C ASP A 22 -1.62 -10.33 -0.94
N VAL A 23 -1.88 -9.66 0.18
CA VAL A 23 -1.28 -10.04 1.46
C VAL A 23 -2.34 -10.04 2.56
N LYS A 24 -2.08 -10.76 3.65
CA LYS A 24 -3.03 -10.81 4.78
C LYS A 24 -2.29 -10.75 6.11
N GLU A 25 -2.90 -10.09 7.09
CA GLU A 25 -2.28 -9.95 8.39
C GLU A 25 -1.77 -11.30 8.89
N GLY A 26 -0.58 -11.30 9.49
CA GLY A 26 0.02 -12.51 10.04
C GLY A 26 0.84 -13.28 9.00
N ASP A 27 1.02 -12.68 7.82
CA ASP A 27 1.80 -13.34 6.75
C ASP A 27 3.17 -12.67 6.59
N MET A 28 4.15 -13.46 6.16
CA MET A 28 5.51 -12.92 5.94
C MET A 28 5.65 -12.43 4.51
N VAL A 29 6.39 -11.34 4.33
CA VAL A 29 6.59 -10.75 2.99
C VAL A 29 8.08 -10.72 2.64
N GLU A 30 8.42 -11.16 1.44
CA GLU A 30 9.82 -11.17 0.98
C GLU A 30 10.08 -9.99 0.06
N LYS A 31 11.35 -9.58 -0.04
CA LYS A 31 11.73 -8.45 -0.88
C LYS A 31 11.50 -8.75 -2.37
N ASP A 32 10.93 -7.77 -3.08
CA ASP A 32 10.69 -7.89 -4.52
C ASP A 32 9.79 -9.10 -4.84
N GLN A 33 8.85 -9.41 -3.96
CA GLN A 33 7.94 -10.53 -4.18
C GLN A 33 6.54 -10.22 -3.66
N ASP A 34 5.70 -9.62 -4.50
CA ASP A 34 4.34 -9.27 -4.08
C ASP A 34 3.53 -8.76 -5.27
N LEU A 35 2.23 -8.60 -5.06
CA LEU A 35 1.34 -8.10 -6.11
C LEU A 35 0.32 -7.13 -5.54
N VAL A 36 0.69 -5.86 -5.49
CA VAL A 36 -0.18 -4.80 -4.98
C VAL A 36 -0.46 -3.80 -6.09
N GLU A 37 -1.74 -3.43 -6.24
CA GLU A 37 -2.13 -2.45 -7.25
C GLU A 37 -2.86 -1.27 -6.61
N VAL A 38 -2.36 -0.06 -6.84
CA VAL A 38 -2.96 1.15 -6.28
C VAL A 38 -3.36 2.10 -7.40
N MET A 39 -4.36 2.96 -7.11
CA MET A 39 -4.84 3.94 -8.09
C MET A 39 -4.37 5.33 -7.72
N THR A 40 -4.21 6.20 -8.73
CA THR A 40 -3.78 7.57 -8.49
C THR A 40 -4.41 8.52 -9.51
N ASP A 41 -4.44 8.07 -10.76
CA ASP A 41 -5.02 8.87 -11.85
C ASP A 41 -5.89 7.98 -12.74
N LYS A 42 -6.76 7.19 -12.12
CA LYS A 42 -7.63 6.29 -12.87
C LYS A 42 -6.78 5.35 -13.72
N VAL A 43 -5.71 4.84 -13.12
CA VAL A 43 -4.81 3.91 -13.81
C VAL A 43 -4.25 2.89 -12.83
N THR A 44 -3.91 1.71 -13.34
CA THR A 44 -3.37 0.64 -12.50
C THR A 44 -1.84 0.66 -12.57
N VAL A 45 -1.20 0.89 -11.44
CA VAL A 45 0.27 0.93 -11.37
C VAL A 45 0.80 0.00 -10.29
N LYS A 46 1.79 -0.81 -10.66
CA LYS A 46 2.39 -1.78 -9.74
C LYS A 46 3.60 -1.17 -9.04
N ILE A 47 3.72 -1.47 -7.74
CA ILE A 47 4.84 -0.96 -6.92
C ILE A 47 5.41 -2.10 -6.05
N PRO A 48 6.73 -2.26 -5.95
CA PRO A 48 7.33 -3.34 -5.11
C PRO A 48 6.78 -3.32 -3.67
N SER A 49 6.66 -4.52 -3.08
CA SER A 49 6.14 -4.67 -1.72
C SER A 49 6.63 -3.52 -0.80
N PRO A 50 6.03 -3.39 0.35
CA PRO A 50 6.38 -2.32 1.33
C PRO A 50 7.63 -2.66 2.16
N VAL A 51 8.71 -3.06 1.49
CA VAL A 51 9.97 -3.39 2.19
C VAL A 51 9.83 -4.68 3.04
N ARG A 52 10.63 -5.69 2.71
CA ARG A 52 10.61 -6.97 3.42
C ARG A 52 10.63 -6.78 4.93
N GLY A 53 9.79 -7.54 5.63
CA GLY A 53 9.70 -7.47 7.08
C GLY A 53 8.51 -8.28 7.59
N LYS A 54 7.81 -7.76 8.62
CA LYS A 54 6.66 -8.46 9.19
C LYS A 54 5.42 -7.56 9.15
N ILE A 55 4.24 -8.18 8.93
CA ILE A 55 2.99 -7.42 8.87
C ILE A 55 2.24 -7.58 10.20
N VAL A 56 1.97 -6.46 10.88
CA VAL A 56 1.29 -6.51 12.18
C VAL A 56 -0.24 -6.37 12.05
N LYS A 57 -0.72 -5.35 11.34
CA LYS A 57 -2.16 -5.15 11.23
C LYS A 57 -2.53 -4.39 9.96
N ILE A 58 -3.79 -4.52 9.55
CA ILE A 58 -4.29 -3.86 8.34
C ILE A 58 -5.22 -2.70 8.71
N LEU A 59 -5.01 -1.54 8.09
CA LEU A 59 -5.80 -0.35 8.38
C LEU A 59 -6.74 0.00 7.21
N TYR A 60 -6.38 -0.43 5.99
CA TYR A 60 -7.18 -0.14 4.80
C TYR A 60 -7.89 -1.40 4.29
N ARG A 61 -9.14 -1.22 3.83
CA ARG A 61 -9.94 -2.33 3.30
C ARG A 61 -10.33 -2.05 1.85
N GLU A 62 -10.74 -3.11 1.16
CA GLU A 62 -11.12 -3.01 -0.25
C GLU A 62 -12.23 -1.97 -0.48
N GLY A 63 -12.04 -1.15 -1.50
CA GLY A 63 -13.05 -0.14 -1.85
C GLY A 63 -12.90 1.17 -1.06
N GLN A 64 -11.85 1.28 -0.26
CA GLN A 64 -11.64 2.49 0.54
C GLN A 64 -10.95 3.58 -0.28
N VAL A 65 -11.47 4.81 -0.14
CA VAL A 65 -10.91 5.98 -0.82
C VAL A 65 -10.51 6.98 0.26
N VAL A 66 -9.26 7.45 0.24
CA VAL A 66 -8.80 8.41 1.24
C VAL A 66 -7.73 9.35 0.66
N PRO A 67 -7.82 10.66 0.85
CA PRO A 67 -6.78 11.60 0.31
C PRO A 67 -5.38 11.26 0.81
N VAL A 68 -4.38 11.56 -0.02
CA VAL A 68 -2.98 11.28 0.33
C VAL A 68 -2.59 11.99 1.63
N GLY A 69 -2.04 11.22 2.57
CA GLY A 69 -1.59 11.77 3.84
C GLY A 69 -1.89 10.83 5.02
N SER A 70 -1.52 9.56 4.89
CA SER A 70 -1.76 8.60 5.97
C SER A 70 -0.92 7.33 5.79
N THR A 71 -0.85 6.51 6.84
CA THR A 71 -0.09 5.26 6.78
C THR A 71 -1.04 4.12 6.43
N LEU A 72 -0.81 3.52 5.27
CA LEU A 72 -1.65 2.43 4.79
C LEU A 72 -1.55 1.18 5.66
N LEU A 73 -0.33 0.83 6.06
CA LEU A 73 -0.09 -0.35 6.88
C LEU A 73 1.05 -0.06 7.87
N GLN A 74 1.03 -0.73 9.03
CA GLN A 74 2.09 -0.52 10.03
C GLN A 74 3.05 -1.71 9.96
N ILE A 75 4.33 -1.44 9.68
CA ILE A 75 5.33 -2.50 9.55
C ILE A 75 6.50 -2.29 10.50
N ASP A 76 6.81 -3.33 11.27
CA ASP A 76 7.92 -3.29 12.21
C ASP A 76 9.20 -3.72 11.50
N THR A 77 10.29 -3.00 11.75
CA THR A 77 11.58 -3.33 11.12
C THR A 77 12.39 -4.25 12.02
N MET A 1 11.69 1.54 12.80
CA MET A 1 10.27 1.31 12.41
C MET A 1 10.05 1.81 11.00
N TYR A 2 9.30 1.04 10.20
CA TYR A 2 9.01 1.41 8.81
C TYR A 2 7.53 1.75 8.65
N GLU A 3 7.26 2.74 7.81
CA GLU A 3 5.88 3.15 7.56
C GLU A 3 5.68 3.44 6.07
N PHE A 4 4.85 2.65 5.41
CA PHE A 4 4.60 2.84 3.97
C PHE A 4 3.43 3.80 3.76
N LYS A 5 3.71 4.89 3.04
CA LYS A 5 2.71 5.90 2.73
C LYS A 5 2.57 6.03 1.22
N LEU A 6 1.44 6.55 0.75
CA LEU A 6 1.24 6.71 -0.70
C LEU A 6 2.51 7.29 -1.32
N PRO A 7 3.08 6.69 -2.34
CA PRO A 7 4.34 7.22 -2.96
C PRO A 7 4.12 8.55 -3.67
N ASP A 8 2.98 9.17 -3.45
CA ASP A 8 2.67 10.46 -4.07
C ASP A 8 3.02 10.43 -5.55
N ILE A 9 2.11 9.89 -6.36
CA ILE A 9 2.34 9.82 -7.80
C ILE A 9 2.47 11.22 -8.37
N GLY A 10 1.59 12.11 -7.93
CA GLY A 10 1.62 13.49 -8.41
C GLY A 10 0.82 13.64 -9.70
N GLU A 11 0.95 14.79 -10.34
CA GLU A 11 0.25 15.06 -11.58
C GLU A 11 -1.26 14.93 -11.38
N GLY A 12 -1.85 15.95 -10.77
CA GLY A 12 -3.28 15.95 -10.52
C GLY A 12 -3.70 14.76 -9.66
N VAL A 13 -3.05 14.62 -8.50
CA VAL A 13 -3.36 13.51 -7.58
C VAL A 13 -3.62 14.05 -6.18
N THR A 14 -4.73 13.61 -5.58
CA THR A 14 -5.09 14.04 -4.23
C THR A 14 -6.14 13.10 -3.64
N GLU A 15 -5.89 11.80 -3.76
CA GLU A 15 -6.81 10.80 -3.25
C GLU A 15 -6.16 9.42 -3.29
N GLY A 16 -6.59 8.51 -2.41
CA GLY A 16 -6.02 7.15 -2.37
C GLY A 16 -7.12 6.10 -2.51
N GLU A 17 -6.85 5.07 -3.32
CA GLU A 17 -7.82 4.00 -3.52
C GLU A 17 -7.08 2.70 -3.85
N ILE A 18 -7.50 1.62 -3.20
CA ILE A 18 -6.88 0.31 -3.40
C ILE A 18 -7.75 -0.60 -4.28
N VAL A 19 -7.17 -1.10 -5.37
CA VAL A 19 -7.89 -1.98 -6.28
C VAL A 19 -7.70 -3.45 -5.90
N ARG A 20 -6.47 -3.87 -5.59
CA ARG A 20 -6.22 -5.27 -5.26
C ARG A 20 -5.03 -5.47 -4.31
N TRP A 21 -5.21 -6.36 -3.32
CA TRP A 21 -4.14 -6.70 -2.36
C TRP A 21 -3.62 -8.10 -2.67
N ASP A 22 -2.30 -8.29 -2.65
CA ASP A 22 -1.71 -9.62 -2.90
C ASP A 22 -1.16 -10.22 -1.60
N VAL A 23 -1.29 -9.48 -0.50
CA VAL A 23 -0.81 -9.94 0.82
C VAL A 23 -1.90 -9.72 1.87
N LYS A 24 -1.83 -10.45 2.99
CA LYS A 24 -2.83 -10.30 4.05
C LYS A 24 -2.19 -10.29 5.44
N GLU A 25 -2.89 -9.66 6.37
CA GLU A 25 -2.43 -9.57 7.76
C GLU A 25 -2.14 -10.95 8.33
N GLY A 26 -1.10 -11.05 9.16
CA GLY A 26 -0.74 -12.30 9.80
C GLY A 26 0.19 -13.16 8.95
N ASP A 27 0.67 -12.62 7.82
CA ASP A 27 1.58 -13.38 6.93
C ASP A 27 2.89 -12.63 6.72
N MET A 28 3.96 -13.40 6.48
CA MET A 28 5.28 -12.81 6.27
C MET A 28 5.41 -12.27 4.85
N VAL A 29 6.20 -11.21 4.68
CA VAL A 29 6.39 -10.59 3.37
C VAL A 29 7.87 -10.60 2.97
N GLU A 30 8.13 -10.99 1.72
CA GLU A 30 9.49 -11.05 1.19
C GLU A 30 9.76 -9.88 0.25
N LYS A 31 11.03 -9.53 0.06
CA LYS A 31 11.39 -8.41 -0.79
C LYS A 31 11.40 -8.81 -2.28
N ASP A 32 10.29 -8.58 -2.97
CA ASP A 32 10.19 -8.90 -4.40
C ASP A 32 8.77 -8.70 -4.92
N GLN A 33 8.61 -7.73 -5.81
CA GLN A 33 7.32 -7.43 -6.42
C GLN A 33 6.24 -7.22 -5.37
N ASP A 34 5.68 -8.32 -4.87
CA ASP A 34 4.61 -8.28 -3.88
C ASP A 34 3.29 -7.85 -4.54
N LEU A 35 3.30 -7.88 -5.87
CA LEU A 35 2.13 -7.52 -6.70
C LEU A 35 1.12 -6.63 -5.94
N VAL A 36 1.37 -5.34 -5.94
CA VAL A 36 0.48 -4.36 -5.31
C VAL A 36 0.04 -3.35 -6.36
N GLU A 37 -1.27 -3.12 -6.44
CA GLU A 37 -1.81 -2.16 -7.42
C GLU A 37 -2.48 -1.00 -6.70
N VAL A 38 -2.03 0.22 -7.04
CA VAL A 38 -2.58 1.44 -6.44
C VAL A 38 -3.22 2.29 -7.52
N MET A 39 -4.42 2.81 -7.23
CA MET A 39 -5.17 3.64 -8.17
C MET A 39 -5.53 4.98 -7.53
N THR A 40 -5.66 6.00 -8.38
CA THR A 40 -6.00 7.35 -7.91
C THR A 40 -7.47 7.65 -8.23
N ASP A 41 -7.83 7.44 -9.49
CA ASP A 41 -9.21 7.67 -9.96
C ASP A 41 -9.62 6.55 -10.89
N LYS A 42 -8.91 6.42 -12.01
CA LYS A 42 -9.18 5.37 -12.98
C LYS A 42 -7.89 4.90 -13.66
N VAL A 43 -6.81 4.79 -12.88
CA VAL A 43 -5.53 4.34 -13.41
C VAL A 43 -4.95 3.22 -12.54
N THR A 44 -4.49 2.16 -13.18
CA THR A 44 -3.91 1.03 -12.45
C THR A 44 -2.43 0.89 -12.77
N VAL A 45 -1.58 1.08 -11.77
CA VAL A 45 -0.13 0.97 -11.96
C VAL A 45 0.49 0.05 -10.91
N LYS A 46 1.31 -0.89 -11.37
CA LYS A 46 1.98 -1.83 -10.49
C LYS A 46 3.38 -1.33 -10.13
N ILE A 47 3.72 -1.38 -8.85
CA ILE A 47 5.02 -0.91 -8.38
C ILE A 47 5.69 -2.00 -7.52
N PRO A 48 6.96 -2.30 -7.70
CA PRO A 48 7.65 -3.34 -6.88
C PRO A 48 7.87 -2.87 -5.45
N SER A 49 7.76 -3.79 -4.50
CA SER A 49 7.91 -3.46 -3.08
C SER A 49 9.32 -3.80 -2.55
N PRO A 50 10.19 -2.83 -2.36
CA PRO A 50 11.56 -3.09 -1.82
C PRO A 50 11.54 -3.14 -0.29
N VAL A 51 10.60 -3.93 0.27
CA VAL A 51 10.44 -4.00 1.73
C VAL A 51 10.35 -5.46 2.22
N ARG A 52 10.65 -5.64 3.51
CA ARG A 52 10.58 -6.97 4.14
C ARG A 52 10.49 -6.83 5.65
N GLY A 53 9.74 -7.74 6.28
CA GLY A 53 9.59 -7.70 7.74
C GLY A 53 8.34 -8.46 8.17
N LYS A 54 7.59 -7.89 9.12
CA LYS A 54 6.37 -8.54 9.63
C LYS A 54 5.20 -7.57 9.54
N ILE A 55 4.02 -8.10 9.19
CA ILE A 55 2.83 -7.27 9.07
C ILE A 55 2.01 -7.37 10.36
N VAL A 56 1.81 -6.22 11.02
CA VAL A 56 1.08 -6.19 12.30
C VAL A 56 -0.43 -6.05 12.11
N LYS A 57 -0.86 -5.08 11.30
CA LYS A 57 -2.31 -4.86 11.11
C LYS A 57 -2.60 -4.12 9.80
N ILE A 58 -3.84 -4.27 9.33
CA ILE A 58 -4.28 -3.62 8.10
C ILE A 58 -5.51 -2.77 8.36
N LEU A 59 -5.41 -1.47 8.03
CA LEU A 59 -6.52 -0.54 8.23
C LEU A 59 -7.28 -0.31 6.93
N TYR A 60 -6.64 -0.66 5.81
CA TYR A 60 -7.26 -0.50 4.49
C TYR A 60 -7.70 -1.83 3.92
N ARG A 61 -8.91 -1.85 3.34
CA ARG A 61 -9.48 -3.06 2.76
C ARG A 61 -9.78 -2.83 1.28
N GLU A 62 -10.37 -3.83 0.64
CA GLU A 62 -10.69 -3.72 -0.78
C GLU A 62 -11.73 -2.62 -1.04
N GLY A 63 -11.41 -1.71 -1.95
CA GLY A 63 -12.34 -0.64 -2.31
C GLY A 63 -12.29 0.56 -1.37
N GLN A 64 -11.35 0.57 -0.43
CA GLN A 64 -11.25 1.68 0.51
C GLN A 64 -10.74 2.95 -0.20
N VAL A 65 -11.42 4.05 0.08
CA VAL A 65 -11.05 5.36 -0.50
C VAL A 65 -10.81 6.34 0.65
N VAL A 66 -9.65 7.00 0.64
CA VAL A 66 -9.33 7.96 1.70
C VAL A 66 -8.42 9.09 1.18
N PRO A 67 -8.62 10.34 1.57
CA PRO A 67 -7.73 11.45 1.11
C PRO A 67 -6.26 11.19 1.48
N VAL A 68 -5.35 11.71 0.67
CA VAL A 68 -3.92 11.53 0.91
C VAL A 68 -3.48 12.21 2.20
N GLY A 69 -2.81 11.44 3.06
CA GLY A 69 -2.32 11.96 4.34
C GLY A 69 -2.60 11.00 5.50
N SER A 70 -2.20 9.74 5.36
CA SER A 70 -2.42 8.76 6.42
C SER A 70 -1.54 7.53 6.25
N THR A 71 -1.41 6.75 7.32
CA THR A 71 -0.59 5.52 7.27
C THR A 71 -1.46 4.34 6.85
N LEU A 72 -1.16 3.82 5.67
CA LEU A 72 -1.90 2.69 5.13
C LEU A 72 -1.65 1.42 5.95
N LEU A 73 -0.41 1.22 6.39
CA LEU A 73 -0.06 0.01 7.14
C LEU A 73 1.10 0.29 8.11
N GLN A 74 1.09 -0.35 9.26
CA GLN A 74 2.16 -0.20 10.24
C GLN A 74 3.05 -1.43 10.18
N ILE A 75 4.35 -1.25 9.98
CA ILE A 75 5.26 -2.38 9.84
C ILE A 75 6.50 -2.20 10.71
N ASP A 76 6.80 -3.24 11.49
CA ASP A 76 7.97 -3.21 12.38
C ASP A 76 9.11 -4.01 11.75
N THR A 77 10.32 -3.46 11.81
CA THR A 77 11.48 -4.16 11.23
C THR A 77 11.73 -5.46 11.96
N MET A 1 10.03 2.08 13.65
CA MET A 1 9.10 1.40 12.71
C MET A 1 9.01 2.20 11.41
N TYR A 2 8.86 1.50 10.29
CA TYR A 2 8.75 2.16 8.99
C TYR A 2 7.28 2.17 8.57
N GLU A 3 6.81 3.32 8.09
CA GLU A 3 5.41 3.46 7.67
C GLU A 3 5.31 3.63 6.15
N PHE A 4 4.66 2.67 5.49
CA PHE A 4 4.50 2.76 4.03
C PHE A 4 3.40 3.77 3.71
N LYS A 5 3.83 4.97 3.35
CA LYS A 5 2.90 6.06 3.02
C LYS A 5 2.86 6.29 1.51
N LEU A 6 1.76 6.86 1.00
CA LEU A 6 1.65 7.14 -0.45
C LEU A 6 2.11 8.59 -0.72
N PRO A 7 3.27 8.80 -1.33
CA PRO A 7 3.76 10.18 -1.63
C PRO A 7 3.10 10.79 -2.86
N ASP A 8 3.11 12.11 -2.94
CA ASP A 8 2.50 12.81 -4.08
C ASP A 8 3.54 13.03 -5.18
N ILE A 9 3.40 12.32 -6.30
CA ILE A 9 4.35 12.45 -7.41
C ILE A 9 3.88 11.64 -8.62
N GLY A 10 3.03 10.66 -8.35
CA GLY A 10 2.51 9.80 -9.41
C GLY A 10 1.88 8.54 -8.83
N GLU A 11 2.48 8.05 -7.74
CA GLU A 11 1.97 6.85 -7.08
C GLU A 11 0.62 7.12 -6.43
N GLY A 12 0.48 8.33 -5.88
CA GLY A 12 -0.77 8.73 -5.23
C GLY A 12 -1.06 10.21 -5.47
N VAL A 13 -2.29 10.51 -5.85
CA VAL A 13 -2.69 11.90 -6.10
C VAL A 13 -4.18 12.07 -5.91
N THR A 14 -4.60 13.27 -5.52
CA THR A 14 -6.02 13.58 -5.30
C THR A 14 -6.65 12.58 -4.32
N GLU A 15 -6.88 11.33 -4.75
CA GLU A 15 -7.48 10.32 -3.87
C GLU A 15 -6.81 8.96 -4.05
N GLY A 16 -6.67 8.22 -2.95
CA GLY A 16 -6.04 6.90 -2.99
C GLY A 16 -7.11 5.81 -2.90
N GLU A 17 -7.15 4.91 -3.88
CA GLU A 17 -8.14 3.83 -3.89
C GLU A 17 -7.44 2.48 -4.02
N ILE A 18 -7.94 1.49 -3.29
CA ILE A 18 -7.35 0.14 -3.32
C ILE A 18 -8.20 -0.81 -4.17
N VAL A 19 -7.57 -1.38 -5.20
CA VAL A 19 -8.26 -2.31 -6.09
C VAL A 19 -8.09 -3.77 -5.64
N ARG A 20 -6.87 -4.17 -5.23
CA ARG A 20 -6.65 -5.56 -4.82
C ARG A 20 -5.47 -5.72 -3.86
N TRP A 21 -5.69 -6.49 -2.78
CA TRP A 21 -4.63 -6.79 -1.80
C TRP A 21 -4.11 -8.21 -2.06
N ASP A 22 -2.78 -8.38 -2.07
CA ASP A 22 -2.19 -9.70 -2.31
C ASP A 22 -1.64 -10.29 -1.02
N VAL A 23 -1.75 -9.55 0.08
CA VAL A 23 -1.25 -10.00 1.37
C VAL A 23 -2.26 -9.70 2.47
N LYS A 24 -2.14 -10.39 3.60
CA LYS A 24 -3.07 -10.18 4.71
C LYS A 24 -2.33 -10.20 6.06
N GLU A 25 -2.92 -9.56 7.06
CA GLU A 25 -2.32 -9.51 8.39
C GLU A 25 -1.94 -10.91 8.87
N GLY A 26 -0.73 -11.02 9.45
CA GLY A 26 -0.26 -12.31 9.98
C GLY A 26 0.55 -13.10 8.96
N ASP A 27 0.81 -12.53 7.78
CA ASP A 27 1.57 -13.23 6.73
C ASP A 27 2.91 -12.52 6.47
N MET A 28 3.90 -13.27 6.00
CA MET A 28 5.23 -12.72 5.71
C MET A 28 5.54 -12.76 4.22
N VAL A 29 6.32 -11.78 3.74
CA VAL A 29 6.69 -11.73 2.32
C VAL A 29 8.16 -11.32 2.16
N GLU A 30 8.79 -11.79 1.08
CA GLU A 30 10.19 -11.50 0.82
C GLU A 30 10.35 -10.23 -0.02
N LYS A 31 11.55 -9.64 0.03
CA LYS A 31 11.85 -8.42 -0.71
C LYS A 31 11.71 -8.64 -2.22
N ASP A 32 11.08 -7.68 -2.89
CA ASP A 32 10.88 -7.76 -4.33
C ASP A 32 10.07 -8.98 -4.74
N GLN A 33 9.09 -9.35 -3.91
CA GLN A 33 8.23 -10.50 -4.19
C GLN A 33 6.81 -10.24 -3.70
N ASP A 34 5.99 -9.60 -4.54
CA ASP A 34 4.61 -9.29 -4.17
C ASP A 34 3.89 -8.64 -5.36
N LEU A 35 2.56 -8.66 -5.31
CA LEU A 35 1.74 -8.08 -6.37
C LEU A 35 0.63 -7.24 -5.77
N VAL A 36 0.92 -5.97 -5.52
CA VAL A 36 -0.05 -5.04 -4.93
C VAL A 36 -0.35 -3.95 -5.96
N GLU A 37 -1.63 -3.70 -6.19
CA GLU A 37 -2.06 -2.68 -7.15
C GLU A 37 -2.72 -1.52 -6.43
N VAL A 38 -2.20 -0.32 -6.67
CA VAL A 38 -2.74 0.89 -6.06
C VAL A 38 -3.16 1.86 -7.17
N MET A 39 -4.38 2.38 -7.07
CA MET A 39 -4.90 3.32 -8.07
C MET A 39 -4.82 4.75 -7.57
N THR A 40 -4.14 5.60 -8.33
CA THR A 40 -3.99 7.01 -7.97
C THR A 40 -5.15 7.82 -8.51
N ASP A 41 -5.00 8.34 -9.74
CA ASP A 41 -6.05 9.14 -10.36
C ASP A 41 -6.92 8.29 -11.29
N LYS A 42 -6.35 7.83 -12.40
CA LYS A 42 -7.07 6.99 -13.35
C LYS A 42 -6.12 6.02 -14.06
N VAL A 43 -5.22 5.41 -13.30
CA VAL A 43 -4.27 4.44 -13.87
C VAL A 43 -3.82 3.45 -12.80
N THR A 44 -3.47 2.24 -13.26
CA THR A 44 -3.03 1.18 -12.35
C THR A 44 -1.51 1.09 -12.36
N VAL A 45 -0.90 1.33 -11.20
CA VAL A 45 0.56 1.27 -11.07
C VAL A 45 0.95 0.20 -10.06
N LYS A 46 1.94 -0.62 -10.44
CA LYS A 46 2.40 -1.71 -9.57
C LYS A 46 3.64 -1.28 -8.78
N ILE A 47 3.63 -1.58 -7.48
CA ILE A 47 4.74 -1.24 -6.59
C ILE A 47 5.03 -2.43 -5.65
N PRO A 48 5.82 -3.38 -6.10
CA PRO A 48 6.18 -4.58 -5.28
C PRO A 48 6.80 -4.20 -3.92
N SER A 49 6.43 -4.95 -2.88
CA SER A 49 6.94 -4.71 -1.53
C SER A 49 8.40 -4.23 -1.55
N PRO A 50 8.68 -2.94 -1.43
CA PRO A 50 10.09 -2.44 -1.45
C PRO A 50 10.91 -2.85 -0.22
N VAL A 51 10.26 -3.18 0.89
CA VAL A 51 10.97 -3.57 2.12
C VAL A 51 10.35 -4.82 2.76
N ARG A 52 11.15 -5.90 2.90
CA ARG A 52 10.65 -7.13 3.51
C ARG A 52 10.59 -6.99 5.03
N GLY A 53 9.69 -7.75 5.66
CA GLY A 53 9.56 -7.69 7.11
C GLY A 53 8.33 -8.46 7.58
N LYS A 54 7.56 -7.86 8.50
CA LYS A 54 6.36 -8.51 9.04
C LYS A 54 5.20 -7.52 9.11
N ILE A 55 4.03 -7.96 8.66
CA ILE A 55 2.83 -7.12 8.67
C ILE A 55 2.10 -7.34 10.00
N VAL A 56 1.95 -6.28 10.79
CA VAL A 56 1.29 -6.39 12.11
C VAL A 56 -0.22 -6.12 12.04
N LYS A 57 -0.64 -5.01 11.45
CA LYS A 57 -2.07 -4.68 11.42
C LYS A 57 -2.47 -3.96 10.13
N ILE A 58 -3.75 -4.06 9.78
CA ILE A 58 -4.29 -3.41 8.58
C ILE A 58 -5.41 -2.45 8.93
N LEU A 59 -5.26 -1.18 8.54
CA LEU A 59 -6.26 -0.15 8.83
C LEU A 59 -7.15 0.10 7.60
N TYR A 60 -6.66 -0.30 6.43
CA TYR A 60 -7.39 -0.09 5.18
C TYR A 60 -7.98 -1.40 4.66
N ARG A 61 -9.20 -1.30 4.12
CA ARG A 61 -9.92 -2.45 3.58
C ARG A 61 -10.39 -2.16 2.16
N GLU A 62 -10.73 -3.22 1.43
CA GLU A 62 -11.20 -3.08 0.05
C GLU A 62 -12.40 -2.15 -0.04
N GLY A 63 -12.44 -1.33 -1.09
CA GLY A 63 -13.57 -0.42 -1.30
C GLY A 63 -13.38 0.91 -0.56
N GLN A 64 -12.22 1.11 0.04
CA GLN A 64 -11.97 2.35 0.79
C GLN A 64 -11.16 3.35 -0.03
N VAL A 65 -11.60 4.60 0.01
CA VAL A 65 -10.93 5.70 -0.70
C VAL A 65 -10.65 6.82 0.30
N VAL A 66 -9.40 7.29 0.35
CA VAL A 66 -9.04 8.35 1.29
C VAL A 66 -7.95 9.27 0.71
N PRO A 67 -8.02 10.59 0.88
CA PRO A 67 -6.96 11.50 0.36
C PRO A 67 -5.56 11.12 0.84
N VAL A 68 -4.58 11.24 -0.04
CA VAL A 68 -3.20 10.90 0.30
C VAL A 68 -2.76 11.66 1.57
N GLY A 69 -1.94 11.00 2.39
CA GLY A 69 -1.44 11.61 3.63
C GLY A 69 -1.92 10.86 4.86
N SER A 70 -1.73 9.54 4.87
CA SER A 70 -2.15 8.73 6.01
C SER A 70 -1.37 7.42 6.07
N THR A 71 -1.39 6.78 7.24
CA THR A 71 -0.68 5.52 7.44
C THR A 71 -1.53 4.36 6.91
N LEU A 72 -1.18 3.90 5.72
CA LEU A 72 -1.91 2.80 5.10
C LEU A 72 -1.73 1.51 5.91
N LEU A 73 -0.50 1.27 6.36
CA LEU A 73 -0.17 0.09 7.13
C LEU A 73 1.12 0.35 7.93
N GLN A 74 1.24 -0.26 9.11
CA GLN A 74 2.44 -0.08 9.93
C GLN A 74 3.32 -1.31 9.82
N ILE A 75 4.60 -1.09 9.49
CA ILE A 75 5.56 -2.20 9.33
C ILE A 75 6.79 -2.01 10.20
N ASP A 76 7.10 -3.03 10.98
CA ASP A 76 8.27 -3.01 11.86
C ASP A 76 9.43 -3.75 11.21
N THR A 77 10.48 -3.01 10.84
CA THR A 77 11.64 -3.62 10.20
C THR A 77 12.26 -4.64 11.15
N MET A 1 9.74 -0.13 12.67
CA MET A 1 8.70 0.92 12.85
C MET A 1 8.63 1.78 11.59
N TYR A 2 8.99 1.19 10.46
CA TYR A 2 8.97 1.92 9.19
C TYR A 2 7.53 2.03 8.70
N GLU A 3 7.17 3.19 8.14
CA GLU A 3 5.81 3.42 7.67
C GLU A 3 5.77 3.51 6.15
N PHE A 4 4.99 2.62 5.51
CA PHE A 4 4.84 2.63 4.06
C PHE A 4 3.68 3.55 3.70
N LYS A 5 4.02 4.73 3.20
CA LYS A 5 3.02 5.75 2.82
C LYS A 5 3.00 5.93 1.30
N LEU A 6 2.04 6.71 0.81
CA LEU A 6 1.93 6.98 -0.63
C LEU A 6 2.40 8.42 -0.94
N PRO A 7 3.69 8.66 -1.08
CA PRO A 7 4.19 10.02 -1.38
C PRO A 7 3.91 10.43 -2.83
N ASP A 8 3.84 11.74 -3.07
CA ASP A 8 3.57 12.23 -4.42
C ASP A 8 4.87 12.21 -5.25
N ILE A 9 4.95 11.27 -6.20
CA ILE A 9 6.13 11.16 -7.06
C ILE A 9 5.83 11.74 -8.43
N GLY A 10 4.60 12.22 -8.60
CA GLY A 10 4.19 12.81 -9.87
C GLY A 10 2.72 13.23 -9.82
N GLU A 11 2.25 13.82 -10.91
CA GLU A 11 0.86 14.26 -10.99
C GLU A 11 -0.03 13.10 -11.41
N GLY A 12 -1.35 13.32 -11.38
CA GLY A 12 -2.31 12.28 -11.76
C GLY A 12 -2.77 11.51 -10.53
N VAL A 13 -2.38 11.99 -9.35
CA VAL A 13 -2.78 11.34 -8.09
C VAL A 13 -3.41 12.36 -7.14
N THR A 14 -4.58 12.01 -6.60
CA THR A 14 -5.29 12.89 -5.68
C THR A 14 -6.00 12.09 -4.61
N GLU A 15 -6.17 10.78 -4.85
CA GLU A 15 -6.83 9.91 -3.88
C GLU A 15 -6.20 8.53 -3.91
N GLY A 16 -6.23 7.83 -2.77
CA GLY A 16 -5.65 6.49 -2.66
C GLY A 16 -6.75 5.43 -2.61
N GLU A 17 -6.86 4.63 -3.68
CA GLU A 17 -7.87 3.56 -3.74
C GLU A 17 -7.18 2.24 -4.04
N ILE A 18 -7.57 1.21 -3.29
CA ILE A 18 -6.98 -0.12 -3.45
C ILE A 18 -7.91 -1.07 -4.20
N VAL A 19 -7.43 -1.55 -5.35
CA VAL A 19 -8.21 -2.47 -6.16
C VAL A 19 -7.93 -3.92 -5.75
N ARG A 20 -6.64 -4.25 -5.53
CA ARG A 20 -6.28 -5.62 -5.13
C ARG A 20 -5.16 -5.61 -4.09
N TRP A 21 -5.23 -6.56 -3.15
CA TRP A 21 -4.20 -6.69 -2.11
C TRP A 21 -3.37 -7.95 -2.38
N ASP A 22 -2.06 -7.85 -2.23
CA ASP A 22 -1.18 -8.99 -2.46
C ASP A 22 -0.90 -9.73 -1.15
N VAL A 23 -1.27 -9.10 -0.03
CA VAL A 23 -1.06 -9.70 1.28
C VAL A 23 -2.16 -9.30 2.27
N LYS A 24 -2.30 -10.09 3.33
CA LYS A 24 -3.31 -9.81 4.36
C LYS A 24 -2.64 -9.84 5.74
N GLU A 25 -3.10 -8.99 6.65
CA GLU A 25 -2.52 -8.95 7.98
C GLU A 25 -2.37 -10.35 8.57
N GLY A 26 -1.23 -10.58 9.24
CA GLY A 26 -0.95 -11.88 9.86
C GLY A 26 -0.11 -12.79 8.96
N ASP A 27 0.39 -12.27 7.84
CA ASP A 27 1.20 -13.08 6.92
C ASP A 27 2.52 -12.38 6.58
N MET A 28 3.55 -13.17 6.28
CA MET A 28 4.89 -12.64 5.96
C MET A 28 5.15 -12.69 4.44
N VAL A 29 5.97 -11.75 3.97
CA VAL A 29 6.32 -11.68 2.54
C VAL A 29 7.81 -11.35 2.37
N GLU A 30 8.36 -11.78 1.24
CA GLU A 30 9.78 -11.52 0.93
C GLU A 30 9.89 -10.37 -0.06
N LYS A 31 11.08 -9.77 -0.13
CA LYS A 31 11.32 -8.64 -1.03
C LYS A 31 11.20 -9.08 -2.49
N ASP A 32 10.54 -8.25 -3.32
CA ASP A 32 10.35 -8.52 -4.74
C ASP A 32 9.03 -9.26 -5.01
N GLN A 33 7.95 -8.50 -5.06
CA GLN A 33 6.62 -9.08 -5.34
C GLN A 33 5.71 -8.03 -5.97
N ASP A 34 5.58 -8.05 -7.31
CA ASP A 34 4.74 -7.07 -8.00
C ASP A 34 3.34 -7.62 -8.28
N LEU A 35 2.50 -7.65 -7.25
CA LEU A 35 1.13 -8.12 -7.40
C LEU A 35 0.17 -7.27 -6.57
N VAL A 36 0.57 -6.03 -6.33
CA VAL A 36 -0.23 -5.07 -5.56
C VAL A 36 -0.55 -3.89 -6.49
N GLU A 37 -1.82 -3.50 -6.55
CA GLU A 37 -2.24 -2.39 -7.43
C GLU A 37 -2.94 -1.29 -6.66
N VAL A 38 -2.49 -0.05 -6.89
CA VAL A 38 -3.08 1.12 -6.24
C VAL A 38 -3.72 2.02 -7.29
N MET A 39 -5.00 2.33 -7.11
CA MET A 39 -5.73 3.17 -8.08
C MET A 39 -6.06 4.53 -7.45
N THR A 40 -6.28 5.53 -8.31
CA THR A 40 -6.61 6.87 -7.88
C THR A 40 -7.75 7.45 -8.72
N ASP A 41 -7.47 8.53 -9.44
CA ASP A 41 -8.50 9.14 -10.30
C ASP A 41 -8.92 8.18 -11.41
N LYS A 42 -7.94 7.62 -12.12
CA LYS A 42 -8.24 6.69 -13.20
C LYS A 42 -6.96 6.09 -13.80
N VAL A 43 -6.14 5.47 -12.96
CA VAL A 43 -4.90 4.86 -13.45
C VAL A 43 -4.42 3.76 -12.50
N THR A 44 -3.74 2.76 -13.05
CA THR A 44 -3.20 1.66 -12.26
C THR A 44 -1.69 1.74 -12.19
N VAL A 45 -1.17 1.86 -10.98
CA VAL A 45 0.28 1.95 -10.75
C VAL A 45 0.77 0.71 -10.01
N LYS A 46 1.67 -0.04 -10.65
CA LYS A 46 2.23 -1.25 -10.04
C LYS A 46 3.46 -0.89 -9.22
N ILE A 47 3.54 -1.42 -7.99
CA ILE A 47 4.67 -1.14 -7.10
C ILE A 47 5.00 -2.38 -6.25
N PRO A 48 6.17 -2.96 -6.38
CA PRO A 48 6.55 -4.17 -5.57
C PRO A 48 6.94 -3.80 -4.14
N SER A 49 6.57 -4.63 -3.18
CA SER A 49 6.90 -4.36 -1.77
C SER A 49 8.38 -3.94 -1.66
N PRO A 50 8.69 -2.68 -1.42
CA PRO A 50 10.11 -2.23 -1.33
C PRO A 50 10.89 -2.79 -0.13
N VAL A 51 10.20 -3.14 0.96
CA VAL A 51 10.88 -3.65 2.15
C VAL A 51 10.13 -4.85 2.75
N ARG A 52 10.82 -5.99 2.89
CA ARG A 52 10.23 -7.20 3.47
C ARG A 52 10.33 -7.16 5.00
N GLY A 53 9.38 -7.76 5.68
CA GLY A 53 9.40 -7.78 7.14
C GLY A 53 8.16 -8.47 7.71
N LYS A 54 7.53 -7.86 8.73
CA LYS A 54 6.34 -8.43 9.35
C LYS A 54 5.19 -7.44 9.36
N ILE A 55 4.01 -7.87 8.92
CA ILE A 55 2.83 -7.00 8.89
C ILE A 55 2.03 -7.20 10.18
N VAL A 56 1.88 -6.12 10.95
CA VAL A 56 1.17 -6.20 12.24
C VAL A 56 -0.33 -5.85 12.12
N LYS A 57 -0.66 -4.73 11.47
CA LYS A 57 -2.06 -4.31 11.35
C LYS A 57 -2.34 -3.56 10.05
N ILE A 58 -3.58 -3.67 9.55
CA ILE A 58 -3.98 -2.99 8.32
C ILE A 58 -5.25 -2.17 8.54
N LEU A 59 -5.20 -0.91 8.14
CA LEU A 59 -6.34 0.00 8.29
C LEU A 59 -7.13 0.12 6.99
N TYR A 60 -6.51 -0.29 5.88
CA TYR A 60 -7.16 -0.21 4.56
C TYR A 60 -7.83 -1.53 4.20
N ARG A 61 -9.00 -1.40 3.54
CA ARG A 61 -9.78 -2.55 3.11
C ARG A 61 -10.04 -2.45 1.62
N GLU A 62 -10.37 -3.58 1.00
CA GLU A 62 -10.64 -3.61 -0.44
C GLU A 62 -11.75 -2.64 -0.83
N GLY A 63 -11.48 -1.81 -1.82
CA GLY A 63 -12.48 -0.84 -2.30
C GLY A 63 -12.49 0.43 -1.45
N GLN A 64 -11.57 0.51 -0.49
CA GLN A 64 -11.50 1.67 0.39
C GLN A 64 -10.83 2.85 -0.33
N VAL A 65 -11.46 4.02 -0.23
CA VAL A 65 -10.95 5.26 -0.85
C VAL A 65 -10.71 6.32 0.23
N VAL A 66 -9.52 6.91 0.25
CA VAL A 66 -9.19 7.94 1.24
C VAL A 66 -8.19 8.96 0.64
N PRO A 67 -8.38 10.26 0.84
CA PRO A 67 -7.43 11.28 0.29
C PRO A 67 -5.98 11.00 0.72
N VAL A 68 -5.05 11.34 -0.17
CA VAL A 68 -3.62 11.14 0.09
C VAL A 68 -3.20 11.90 1.34
N GLY A 69 -2.56 11.17 2.27
CA GLY A 69 -2.09 11.76 3.52
C GLY A 69 -2.47 10.91 4.73
N SER A 70 -2.14 9.60 4.67
CA SER A 70 -2.47 8.70 5.78
C SER A 70 -1.49 7.53 5.81
N THR A 71 -1.41 6.89 6.98
CA THR A 71 -0.52 5.74 7.15
C THR A 71 -1.22 4.46 6.68
N LEU A 72 -0.72 3.88 5.59
CA LEU A 72 -1.31 2.66 5.04
C LEU A 72 -1.15 1.47 5.99
N LEU A 73 0.05 1.33 6.53
CA LEU A 73 0.35 0.19 7.40
C LEU A 73 1.56 0.51 8.29
N GLN A 74 1.59 -0.07 9.49
CA GLN A 74 2.74 0.12 10.39
C GLN A 74 3.57 -1.17 10.33
N ILE A 75 4.82 -1.05 9.89
CA ILE A 75 5.70 -2.22 9.74
C ILE A 75 6.91 -2.13 10.63
N ASP A 76 7.14 -3.19 11.39
CA ASP A 76 8.28 -3.26 12.30
C ASP A 76 9.45 -3.98 11.64
N THR A 77 10.54 -3.26 11.44
CA THR A 77 11.72 -3.83 10.79
C THR A 77 12.24 -5.04 11.58
N MET A 1 9.97 0.67 13.06
CA MET A 1 8.54 0.89 12.74
C MET A 1 8.42 1.81 11.52
N TYR A 2 8.61 1.25 10.34
CA TYR A 2 8.53 2.02 9.11
C TYR A 2 7.07 2.11 8.66
N GLU A 3 6.64 3.33 8.34
CA GLU A 3 5.26 3.55 7.90
C GLU A 3 5.21 3.73 6.39
N PHE A 4 4.59 2.77 5.70
CA PHE A 4 4.49 2.86 4.24
C PHE A 4 3.36 3.81 3.86
N LYS A 5 3.74 5.03 3.50
CA LYS A 5 2.78 6.05 3.11
C LYS A 5 2.93 6.37 1.62
N LEU A 6 1.84 6.67 0.96
CA LEU A 6 1.90 6.99 -0.48
C LEU A 6 2.75 8.26 -0.69
N PRO A 7 3.93 8.17 -1.30
CA PRO A 7 4.77 9.39 -1.54
C PRO A 7 4.03 10.45 -2.35
N ASP A 8 4.32 11.71 -2.06
CA ASP A 8 3.68 12.82 -2.76
C ASP A 8 4.33 13.05 -4.13
N ILE A 9 5.10 12.06 -4.61
CA ILE A 9 5.76 12.16 -5.90
C ILE A 9 5.45 10.93 -6.75
N GLY A 10 5.51 11.09 -8.06
CA GLY A 10 5.23 10.00 -8.98
C GLY A 10 4.54 10.51 -10.24
N GLU A 11 3.78 9.65 -10.89
CA GLU A 11 3.06 10.04 -12.10
C GLU A 11 2.03 11.11 -11.77
N GLY A 12 1.39 10.97 -10.61
CA GLY A 12 0.39 11.94 -10.17
C GLY A 12 -0.55 11.32 -9.16
N VAL A 13 -0.55 11.85 -7.94
CA VAL A 13 -1.42 11.34 -6.87
C VAL A 13 -2.26 12.48 -6.28
N THR A 14 -3.57 12.25 -6.18
CA THR A 14 -4.49 13.25 -5.63
C THR A 14 -5.47 12.60 -4.65
N GLU A 15 -5.54 11.27 -4.71
CA GLU A 15 -6.43 10.53 -3.83
C GLU A 15 -6.04 9.06 -3.81
N GLY A 16 -6.32 8.37 -2.70
CA GLY A 16 -5.97 6.96 -2.58
C GLY A 16 -7.17 6.09 -2.91
N GLU A 17 -6.93 5.00 -3.63
CA GLU A 17 -8.01 4.08 -4.00
C GLU A 17 -7.43 2.69 -4.18
N ILE A 18 -7.85 1.76 -3.34
CA ILE A 18 -7.32 0.38 -3.38
C ILE A 18 -8.30 -0.57 -4.06
N VAL A 19 -7.86 -1.16 -5.17
CA VAL A 19 -8.69 -2.11 -5.92
C VAL A 19 -8.44 -3.55 -5.47
N ARG A 20 -7.16 -3.90 -5.21
CA ARG A 20 -6.84 -5.29 -4.82
C ARG A 20 -5.69 -5.34 -3.80
N TRP A 21 -5.86 -6.22 -2.78
CA TRP A 21 -4.83 -6.44 -1.76
C TRP A 21 -4.25 -7.86 -1.95
N ASP A 22 -2.95 -8.04 -1.67
CA ASP A 22 -2.34 -9.39 -1.81
C ASP A 22 -1.56 -9.77 -0.56
N VAL A 23 -1.95 -9.22 0.58
CA VAL A 23 -1.27 -9.53 1.85
C VAL A 23 -2.28 -9.74 2.97
N LYS A 24 -1.88 -10.50 4.00
CA LYS A 24 -2.76 -10.78 5.13
C LYS A 24 -1.98 -10.80 6.45
N GLU A 25 -2.65 -10.38 7.52
CA GLU A 25 -2.04 -10.33 8.84
C GLU A 25 -1.45 -11.69 9.26
N GLY A 26 -0.29 -11.65 9.89
CA GLY A 26 0.36 -12.88 10.37
C GLY A 26 1.18 -13.56 9.28
N ASP A 27 1.28 -12.93 8.11
CA ASP A 27 2.06 -13.50 7.00
C ASP A 27 3.35 -12.74 6.76
N MET A 28 4.46 -13.47 6.76
CA MET A 28 5.77 -12.85 6.54
C MET A 28 6.05 -12.75 5.05
N VAL A 29 6.43 -11.55 4.61
CA VAL A 29 6.73 -11.32 3.20
C VAL A 29 8.07 -10.61 3.04
N GLU A 30 8.89 -11.08 2.10
CA GLU A 30 10.21 -10.50 1.86
C GLU A 30 10.14 -9.39 0.81
N LYS A 31 11.12 -8.49 0.85
CA LYS A 31 11.17 -7.37 -0.09
C LYS A 31 11.30 -7.87 -1.53
N ASP A 32 10.44 -7.34 -2.41
CA ASP A 32 10.41 -7.70 -3.83
C ASP A 32 9.38 -8.80 -4.09
N GLN A 33 8.10 -8.44 -3.97
CA GLN A 33 7.01 -9.39 -4.19
C GLN A 33 5.68 -8.64 -4.04
N ASP A 34 4.86 -9.06 -3.07
CA ASP A 34 3.57 -8.43 -2.80
C ASP A 34 2.93 -7.83 -4.05
N LEU A 35 1.93 -8.50 -4.59
CA LEU A 35 1.24 -8.00 -5.78
C LEU A 35 0.16 -7.01 -5.35
N VAL A 36 0.52 -5.74 -5.36
CA VAL A 36 -0.40 -4.67 -4.96
C VAL A 36 -0.65 -3.74 -6.15
N GLU A 37 -1.92 -3.43 -6.36
CA GLU A 37 -2.32 -2.53 -7.45
C GLU A 37 -2.98 -1.30 -6.86
N VAL A 38 -2.33 -0.15 -7.01
CA VAL A 38 -2.85 1.12 -6.51
C VAL A 38 -3.24 2.02 -7.68
N MET A 39 -4.44 2.60 -7.61
CA MET A 39 -4.95 3.47 -8.66
C MET A 39 -5.20 4.87 -8.11
N THR A 40 -4.59 5.86 -8.75
CA THR A 40 -4.75 7.26 -8.32
C THR A 40 -5.92 7.90 -9.05
N ASP A 41 -5.65 8.45 -10.23
CA ASP A 41 -6.70 9.11 -11.02
C ASP A 41 -7.45 8.10 -11.88
N LYS A 42 -6.73 7.39 -12.75
CA LYS A 42 -7.35 6.39 -13.62
C LYS A 42 -6.27 5.61 -14.38
N VAL A 43 -5.37 4.97 -13.64
CA VAL A 43 -4.29 4.20 -14.27
C VAL A 43 -3.82 3.09 -13.32
N THR A 44 -3.33 2.00 -13.89
CA THR A 44 -2.85 0.87 -13.08
C THR A 44 -1.34 1.00 -12.86
N VAL A 45 -0.97 1.17 -11.60
CA VAL A 45 0.45 1.29 -11.22
C VAL A 45 0.85 0.14 -10.30
N LYS A 46 1.79 -0.69 -10.77
CA LYS A 46 2.25 -1.85 -9.97
C LYS A 46 3.54 -1.53 -9.23
N ILE A 47 3.57 -1.86 -7.94
CA ILE A 47 4.76 -1.63 -7.10
C ILE A 47 5.00 -2.84 -6.20
N PRO A 48 5.68 -3.85 -6.68
CA PRO A 48 5.95 -5.09 -5.89
C PRO A 48 7.22 -5.00 -5.02
N SER A 49 7.32 -3.97 -4.18
CA SER A 49 8.48 -3.82 -3.31
C SER A 49 8.29 -2.70 -2.28
N PRO A 50 7.17 -2.68 -1.60
CA PRO A 50 6.90 -1.65 -0.55
C PRO A 50 7.71 -1.92 0.72
N VAL A 51 8.84 -2.61 0.55
CA VAL A 51 9.70 -2.95 1.70
C VAL A 51 8.97 -3.93 2.62
N ARG A 52 8.78 -5.13 2.09
CA ARG A 52 8.09 -6.18 2.83
C ARG A 52 9.00 -6.80 3.89
N GLY A 53 8.38 -7.28 4.97
CA GLY A 53 9.11 -7.90 6.07
C GLY A 53 8.13 -8.60 7.01
N LYS A 54 7.69 -7.90 8.05
CA LYS A 54 6.71 -8.46 9.01
C LYS A 54 5.48 -7.57 9.05
N ILE A 55 4.28 -8.19 9.00
CA ILE A 55 3.03 -7.43 9.01
C ILE A 55 2.36 -7.55 10.38
N VAL A 56 2.15 -6.40 11.04
CA VAL A 56 1.55 -6.40 12.38
C VAL A 56 0.01 -6.36 12.33
N LYS A 57 -0.56 -5.42 11.58
CA LYS A 57 -2.01 -5.29 11.52
C LYS A 57 -2.46 -4.63 10.23
N ILE A 58 -3.74 -4.82 9.88
CA ILE A 58 -4.30 -4.24 8.66
C ILE A 58 -5.06 -2.96 9.00
N LEU A 59 -4.59 -1.82 8.51
CA LEU A 59 -5.25 -0.54 8.80
C LEU A 59 -6.17 -0.10 7.66
N TYR A 60 -6.00 -0.69 6.48
CA TYR A 60 -6.81 -0.33 5.30
C TYR A 60 -7.59 -1.53 4.78
N ARG A 61 -8.82 -1.26 4.31
CA ARG A 61 -9.69 -2.31 3.76
C ARG A 61 -10.05 -2.01 2.31
N GLU A 62 -10.61 -3.01 1.64
CA GLU A 62 -11.00 -2.88 0.23
C GLU A 62 -12.11 -1.84 0.04
N GLY A 63 -12.04 -1.11 -1.07
CA GLY A 63 -13.07 -0.12 -1.38
C GLY A 63 -12.86 1.18 -0.62
N GLN A 64 -11.74 1.29 0.10
CA GLN A 64 -11.46 2.51 0.85
C GLN A 64 -10.86 3.59 -0.04
N VAL A 65 -11.47 4.77 0.00
CA VAL A 65 -11.00 5.91 -0.77
C VAL A 65 -10.72 7.05 0.20
N VAL A 66 -9.49 7.57 0.16
CA VAL A 66 -9.11 8.65 1.07
C VAL A 66 -8.04 9.56 0.44
N PRO A 67 -7.96 10.80 0.87
CA PRO A 67 -6.95 11.78 0.34
C PRO A 67 -5.53 11.43 0.81
N VAL A 68 -4.54 11.81 0.01
CA VAL A 68 -3.14 11.52 0.33
C VAL A 68 -2.75 12.17 1.66
N GLY A 69 -2.15 11.36 2.54
CA GLY A 69 -1.71 11.81 3.86
C GLY A 69 -2.25 10.92 4.96
N SER A 70 -1.99 9.61 4.85
CA SER A 70 -2.48 8.66 5.85
C SER A 70 -1.59 7.41 5.89
N THR A 71 -1.76 6.61 6.96
CA THR A 71 -1.00 5.37 7.13
C THR A 71 -1.78 4.20 6.58
N LEU A 72 -1.26 3.58 5.51
CA LEU A 72 -1.92 2.43 4.90
C LEU A 72 -1.83 1.19 5.79
N LEU A 73 -0.64 0.92 6.29
CA LEU A 73 -0.40 -0.25 7.14
C LEU A 73 0.90 -0.04 7.95
N GLN A 74 1.06 -0.75 9.07
CA GLN A 74 2.27 -0.59 9.91
C GLN A 74 3.24 -1.74 9.71
N ILE A 75 4.51 -1.41 9.42
CA ILE A 75 5.53 -2.44 9.17
C ILE A 75 6.77 -2.25 10.04
N ASP A 76 7.16 -3.31 10.72
CA ASP A 76 8.36 -3.28 11.59
C ASP A 76 9.55 -3.90 10.87
N THR A 77 10.58 -3.10 10.61
CA THR A 77 11.76 -3.59 9.94
C THR A 77 12.42 -4.70 10.78
N MET A 1 11.30 -0.03 12.45
CA MET A 1 10.15 0.92 12.46
C MET A 1 10.07 1.62 11.11
N TYR A 2 9.36 1.00 10.16
CA TYR A 2 9.19 1.55 8.82
C TYR A 2 7.69 1.71 8.52
N GLU A 3 7.36 2.70 7.70
CA GLU A 3 5.96 2.95 7.34
C GLU A 3 5.83 3.13 5.83
N PHE A 4 4.82 2.48 5.23
CA PHE A 4 4.59 2.58 3.79
C PHE A 4 3.54 3.65 3.52
N LYS A 5 3.95 4.74 2.89
CA LYS A 5 3.06 5.86 2.58
C LYS A 5 2.90 6.04 1.08
N LEU A 6 1.76 6.60 0.68
CA LEU A 6 1.46 6.85 -0.74
C LEU A 6 1.68 8.34 -1.07
N PRO A 7 2.86 8.74 -1.52
CA PRO A 7 3.12 10.18 -1.86
C PRO A 7 2.46 10.58 -3.18
N ASP A 8 2.14 11.87 -3.30
CA ASP A 8 1.49 12.37 -4.50
C ASP A 8 2.46 12.30 -5.69
N ILE A 9 1.94 11.88 -6.84
CA ILE A 9 2.75 11.77 -8.05
C ILE A 9 2.00 12.35 -9.25
N GLY A 10 2.74 12.81 -10.25
CA GLY A 10 2.11 13.39 -11.43
C GLY A 10 1.24 14.58 -11.04
N GLU A 11 0.01 14.58 -11.54
CA GLU A 11 -0.92 15.67 -11.25
C GLU A 11 -2.35 15.23 -11.53
N GLY A 12 -3.31 15.85 -10.85
CA GLY A 12 -4.72 15.52 -11.05
C GLY A 12 -5.14 14.33 -10.19
N VAL A 13 -5.00 14.48 -8.87
CA VAL A 13 -5.36 13.41 -7.93
C VAL A 13 -6.32 13.98 -6.88
N THR A 14 -7.43 13.26 -6.65
CA THR A 14 -8.44 13.70 -5.67
C THR A 14 -8.39 12.84 -4.41
N GLU A 15 -8.48 11.52 -4.56
CA GLU A 15 -8.46 10.61 -3.41
C GLU A 15 -7.72 9.32 -3.75
N GLY A 16 -7.21 8.62 -2.73
CA GLY A 16 -6.49 7.36 -2.96
C GLY A 16 -7.46 6.20 -2.91
N GLU A 17 -7.24 5.17 -3.73
CA GLU A 17 -8.13 4.01 -3.75
C GLU A 17 -7.36 2.72 -4.00
N ILE A 18 -7.72 1.68 -3.26
CA ILE A 18 -7.09 0.36 -3.39
C ILE A 18 -7.95 -0.58 -4.23
N VAL A 19 -7.38 -1.09 -5.32
CA VAL A 19 -8.12 -1.99 -6.18
C VAL A 19 -7.92 -3.45 -5.76
N ARG A 20 -6.67 -3.86 -5.45
CA ARG A 20 -6.42 -5.25 -5.05
C ARG A 20 -5.32 -5.37 -3.98
N TRP A 21 -5.48 -6.39 -3.12
CA TRP A 21 -4.50 -6.70 -2.07
C TRP A 21 -3.97 -8.11 -2.34
N ASP A 22 -2.68 -8.36 -2.09
CA ASP A 22 -2.10 -9.69 -2.32
C ASP A 22 -1.36 -10.20 -1.09
N VAL A 23 -1.66 -9.61 0.06
CA VAL A 23 -1.03 -10.03 1.32
C VAL A 23 -2.10 -10.12 2.41
N LYS A 24 -1.80 -10.87 3.47
CA LYS A 24 -2.74 -11.05 4.58
C LYS A 24 -2.06 -10.69 5.90
N GLU A 25 -2.82 -10.07 6.79
CA GLU A 25 -2.29 -9.67 8.10
C GLU A 25 -1.85 -10.88 8.90
N GLY A 26 -0.70 -10.77 9.56
CA GLY A 26 -0.18 -11.86 10.38
C GLY A 26 0.69 -12.83 9.56
N ASP A 27 0.96 -12.46 8.31
CA ASP A 27 1.78 -13.31 7.42
C ASP A 27 3.09 -12.64 7.06
N MET A 28 4.16 -13.43 6.99
CA MET A 28 5.48 -12.92 6.66
C MET A 28 5.62 -12.72 5.15
N VAL A 29 6.47 -11.78 4.75
CA VAL A 29 6.68 -11.49 3.33
C VAL A 29 8.17 -11.55 2.99
N GLU A 30 8.47 -11.69 1.69
CA GLU A 30 9.85 -11.76 1.22
C GLU A 30 10.11 -10.67 0.17
N LYS A 31 11.35 -10.22 0.08
CA LYS A 31 11.69 -9.16 -0.88
C LYS A 31 11.34 -9.57 -2.31
N ASP A 32 10.12 -9.23 -2.72
CA ASP A 32 9.65 -9.55 -4.07
C ASP A 32 8.23 -9.02 -4.26
N GLN A 33 8.00 -8.37 -5.39
CA GLN A 33 6.68 -7.81 -5.68
C GLN A 33 5.58 -8.83 -5.35
N ASP A 34 4.63 -8.43 -4.51
CA ASP A 34 3.53 -9.31 -4.11
C ASP A 34 2.32 -9.05 -5.00
N LEU A 35 2.54 -8.27 -6.04
CA LEU A 35 1.48 -7.92 -6.99
C LEU A 35 0.39 -7.13 -6.28
N VAL A 36 0.68 -5.88 -5.98
CA VAL A 36 -0.27 -4.97 -5.32
C VAL A 36 -0.55 -3.82 -6.28
N GLU A 37 -1.83 -3.47 -6.43
CA GLU A 37 -2.22 -2.38 -7.33
C GLU A 37 -2.90 -1.26 -6.58
N VAL A 38 -2.54 -0.04 -6.94
CA VAL A 38 -3.09 1.15 -6.32
C VAL A 38 -3.51 2.13 -7.40
N MET A 39 -4.75 2.61 -7.32
CA MET A 39 -5.28 3.56 -8.30
C MET A 39 -5.25 4.96 -7.72
N THR A 40 -4.35 5.78 -8.25
CA THR A 40 -4.22 7.16 -7.79
C THR A 40 -5.51 7.93 -8.04
N ASP A 41 -6.03 7.82 -9.26
CA ASP A 41 -7.27 8.51 -9.62
C ASP A 41 -7.99 7.75 -10.74
N LYS A 42 -7.23 7.35 -11.75
CA LYS A 42 -7.80 6.61 -12.88
C LYS A 42 -6.71 5.96 -13.71
N VAL A 43 -5.83 5.19 -13.05
CA VAL A 43 -4.74 4.50 -13.76
C VAL A 43 -4.20 3.36 -12.89
N THR A 44 -3.59 2.37 -13.54
CA THR A 44 -3.03 1.22 -12.83
C THR A 44 -1.54 1.44 -12.58
N VAL A 45 -1.16 1.49 -11.31
CA VAL A 45 0.24 1.69 -10.92
C VAL A 45 0.73 0.52 -10.07
N LYS A 46 1.75 -0.20 -10.56
CA LYS A 46 2.31 -1.35 -9.85
C LYS A 46 3.57 -0.93 -9.09
N ILE A 47 3.66 -1.35 -7.83
CA ILE A 47 4.83 -1.02 -7.00
C ILE A 47 5.31 -2.25 -6.20
N PRO A 48 6.61 -2.51 -6.10
CA PRO A 48 7.11 -3.69 -5.31
C PRO A 48 6.58 -3.66 -3.87
N SER A 49 6.36 -4.84 -3.29
CA SER A 49 5.84 -4.93 -1.92
C SER A 49 6.50 -3.87 -1.00
N PRO A 50 5.96 -3.66 0.17
CA PRO A 50 6.48 -2.65 1.12
C PRO A 50 7.70 -3.15 1.93
N VAL A 51 8.68 -3.74 1.24
CA VAL A 51 9.89 -4.23 1.93
C VAL A 51 9.55 -5.37 2.89
N ARG A 52 10.14 -6.55 2.66
CA ARG A 52 9.89 -7.71 3.51
C ARG A 52 10.04 -7.38 4.99
N GLY A 53 9.29 -8.09 5.83
CA GLY A 53 9.34 -7.89 7.27
C GLY A 53 8.11 -8.47 7.96
N LYS A 54 7.62 -7.80 9.00
CA LYS A 54 6.44 -8.27 9.75
C LYS A 54 5.26 -7.31 9.56
N ILE A 55 4.08 -7.85 9.25
CA ILE A 55 2.89 -7.02 9.06
C ILE A 55 2.10 -6.96 10.37
N VAL A 56 2.01 -5.76 10.96
CA VAL A 56 1.29 -5.61 12.23
C VAL A 56 -0.22 -5.78 12.07
N LYS A 57 -0.81 -5.07 11.10
CA LYS A 57 -2.25 -5.15 10.87
C LYS A 57 -2.64 -4.38 9.63
N ILE A 58 -3.76 -4.77 9.02
CA ILE A 58 -4.25 -4.10 7.81
C ILE A 58 -5.17 -2.94 8.18
N LEU A 59 -4.71 -1.71 7.93
CA LEU A 59 -5.52 -0.53 8.26
C LEU A 59 -6.56 -0.26 7.17
N TYR A 60 -6.25 -0.65 5.94
CA TYR A 60 -7.16 -0.41 4.80
C TYR A 60 -7.79 -1.70 4.28
N ARG A 61 -9.04 -1.57 3.81
CA ARG A 61 -9.80 -2.71 3.26
C ARG A 61 -10.09 -2.49 1.79
N GLU A 62 -10.57 -3.53 1.12
CA GLU A 62 -10.88 -3.45 -0.31
C GLU A 62 -11.99 -2.44 -0.59
N GLY A 63 -11.77 -1.60 -1.59
CA GLY A 63 -12.77 -0.59 -1.97
C GLY A 63 -12.72 0.64 -1.10
N GLN A 64 -11.74 0.72 -0.20
CA GLN A 64 -11.63 1.87 0.70
C GLN A 64 -10.99 3.06 -0.02
N VAL A 65 -11.60 4.23 0.13
CA VAL A 65 -11.08 5.46 -0.49
C VAL A 65 -10.88 6.53 0.57
N VAL A 66 -9.67 7.11 0.60
CA VAL A 66 -9.35 8.14 1.58
C VAL A 66 -8.34 9.15 1.03
N PRO A 67 -8.51 10.45 1.26
CA PRO A 67 -7.52 11.46 0.77
C PRO A 67 -6.09 11.09 1.18
N VAL A 68 -5.16 11.25 0.25
CA VAL A 68 -3.76 10.95 0.52
C VAL A 68 -3.29 11.65 1.79
N GLY A 69 -2.42 10.97 2.55
CA GLY A 69 -1.87 11.53 3.79
C GLY A 69 -2.23 10.66 5.00
N SER A 70 -1.95 9.36 4.88
CA SER A 70 -2.23 8.43 5.97
C SER A 70 -1.43 7.14 5.79
N THR A 71 -1.34 6.35 6.85
CA THR A 71 -0.60 5.09 6.79
C THR A 71 -1.51 3.94 6.40
N LEU A 72 -1.33 3.47 5.18
CA LEU A 72 -2.12 2.36 4.66
C LEU A 72 -1.87 1.10 5.49
N LEU A 73 -0.62 0.89 5.86
CA LEU A 73 -0.25 -0.30 6.64
C LEU A 73 1.01 0.00 7.44
N GLN A 74 1.11 -0.54 8.65
CA GLN A 74 2.28 -0.32 9.52
C GLN A 74 3.19 -1.54 9.56
N ILE A 75 4.49 -1.30 9.36
CA ILE A 75 5.47 -2.39 9.35
C ILE A 75 6.63 -2.11 10.31
N ASP A 76 6.90 -3.06 11.18
CA ASP A 76 7.99 -2.95 12.15
C ASP A 76 9.26 -3.57 11.59
N THR A 77 10.38 -2.88 11.74
CA THR A 77 11.66 -3.39 11.23
C THR A 77 12.31 -4.29 12.28
N MET A 1 10.04 -0.72 12.57
CA MET A 1 9.04 0.34 12.87
C MET A 1 8.92 1.27 11.68
N TYR A 2 9.07 0.72 10.49
CA TYR A 2 8.97 1.52 9.26
C TYR A 2 7.50 1.74 8.92
N GLU A 3 7.21 2.90 8.33
CA GLU A 3 5.83 3.23 7.95
C GLU A 3 5.76 3.42 6.44
N PHE A 4 4.85 2.69 5.80
CA PHE A 4 4.68 2.77 4.35
C PHE A 4 3.57 3.75 4.01
N LYS A 5 3.96 4.87 3.40
CA LYS A 5 3.01 5.91 3.01
C LYS A 5 3.04 6.11 1.50
N LEU A 6 1.91 6.49 0.94
CA LEU A 6 1.84 6.70 -0.52
C LEU A 6 2.65 7.96 -0.87
N PRO A 7 3.10 8.12 -2.10
CA PRO A 7 3.90 9.33 -2.50
C PRO A 7 3.21 10.66 -2.17
N ASP A 8 4.02 11.61 -1.71
CA ASP A 8 3.54 12.94 -1.33
C ASP A 8 3.94 13.95 -2.41
N ILE A 9 3.32 13.86 -3.57
CA ILE A 9 3.61 14.77 -4.69
C ILE A 9 2.34 15.53 -5.06
N GLY A 10 2.46 16.84 -5.21
CA GLY A 10 1.32 17.67 -5.56
C GLY A 10 0.84 17.39 -6.99
N GLU A 11 1.79 17.20 -7.90
CA GLU A 11 1.46 16.94 -9.30
C GLU A 11 0.78 15.58 -9.46
N GLY A 12 1.39 14.54 -8.89
CA GLY A 12 0.84 13.18 -8.99
C GLY A 12 0.12 12.79 -7.70
N VAL A 13 -0.61 11.68 -7.77
CA VAL A 13 -1.35 11.19 -6.61
C VAL A 13 -2.30 12.28 -6.11
N THR A 14 -3.59 12.12 -6.37
CA THR A 14 -4.61 13.08 -5.93
C THR A 14 -5.62 12.39 -5.02
N GLU A 15 -5.50 11.06 -4.92
CA GLU A 15 -6.40 10.28 -4.09
C GLU A 15 -5.86 8.86 -3.95
N GLY A 16 -6.25 8.17 -2.86
CA GLY A 16 -5.78 6.80 -2.63
C GLY A 16 -6.92 5.79 -2.71
N GLU A 17 -6.88 4.90 -3.71
CA GLU A 17 -7.90 3.86 -3.86
C GLU A 17 -7.21 2.51 -4.06
N ILE A 18 -7.61 1.54 -3.24
CA ILE A 18 -7.02 0.20 -3.29
C ILE A 18 -7.93 -0.79 -4.01
N VAL A 19 -7.40 -1.40 -5.09
CA VAL A 19 -8.16 -2.37 -5.86
C VAL A 19 -7.86 -3.79 -5.36
N ARG A 20 -6.58 -4.08 -5.08
CA ARG A 20 -6.19 -5.41 -4.58
C ARG A 20 -5.08 -5.29 -3.55
N TRP A 21 -5.15 -6.10 -2.48
CA TRP A 21 -4.14 -6.08 -1.42
C TRP A 21 -3.18 -7.26 -1.60
N ASP A 22 -3.63 -8.23 -2.37
CA ASP A 22 -2.87 -9.46 -2.68
C ASP A 22 -2.17 -10.07 -1.46
N VAL A 23 -2.36 -9.49 -0.28
CA VAL A 23 -1.73 -10.02 0.95
C VAL A 23 -2.72 -9.94 2.10
N LYS A 24 -2.54 -10.77 3.13
CA LYS A 24 -3.42 -10.76 4.30
C LYS A 24 -2.63 -10.60 5.58
N GLU A 25 -3.13 -9.75 6.48
CA GLU A 25 -2.45 -9.52 7.75
C GLU A 25 -2.01 -10.83 8.40
N GLY A 26 -0.83 -10.81 9.01
CA GLY A 26 -0.30 -12.00 9.68
C GLY A 26 0.56 -12.85 8.74
N ASP A 27 0.79 -12.37 7.52
CA ASP A 27 1.60 -13.12 6.55
C ASP A 27 2.96 -12.44 6.35
N MET A 28 3.97 -13.25 6.04
CA MET A 28 5.32 -12.72 5.83
C MET A 28 5.49 -12.20 4.40
N VAL A 29 6.24 -11.11 4.24
CA VAL A 29 6.49 -10.53 2.92
C VAL A 29 7.99 -10.52 2.64
N GLU A 30 8.38 -10.97 1.43
CA GLU A 30 9.79 -11.02 1.05
C GLU A 30 10.12 -9.98 -0.01
N LYS A 31 11.39 -9.57 -0.05
CA LYS A 31 11.85 -8.58 -1.01
C LYS A 31 11.82 -9.18 -2.42
N ASP A 32 11.39 -8.38 -3.38
CA ASP A 32 11.30 -8.82 -4.78
C ASP A 32 10.19 -9.86 -4.95
N GLN A 33 9.19 -9.86 -4.06
CA GLN A 33 8.09 -10.80 -4.17
C GLN A 33 6.81 -10.18 -3.60
N ASP A 34 6.06 -9.45 -4.43
CA ASP A 34 4.82 -8.83 -3.96
C ASP A 34 4.09 -8.18 -5.13
N LEU A 35 2.77 -8.28 -5.13
CA LEU A 35 1.96 -7.69 -6.21
C LEU A 35 0.74 -7.01 -5.61
N VAL A 36 0.88 -5.71 -5.35
CA VAL A 36 -0.20 -4.90 -4.79
C VAL A 36 -0.54 -3.82 -5.81
N GLU A 37 -1.82 -3.65 -6.11
CA GLU A 37 -2.24 -2.67 -7.11
C GLU A 37 -2.89 -1.46 -6.44
N VAL A 38 -2.36 -0.28 -6.75
CA VAL A 38 -2.87 0.97 -6.21
C VAL A 38 -3.31 1.88 -7.35
N MET A 39 -4.52 2.45 -7.21
CA MET A 39 -5.09 3.34 -8.23
C MET A 39 -5.28 4.74 -7.66
N THR A 40 -4.57 5.71 -8.24
CA THR A 40 -4.69 7.08 -7.76
C THR A 40 -6.10 7.61 -7.99
N ASP A 41 -6.58 7.43 -9.22
CA ASP A 41 -7.93 7.87 -9.59
C ASP A 41 -8.46 7.00 -10.71
N LYS A 42 -7.82 7.06 -11.88
CA LYS A 42 -8.21 6.26 -13.03
C LYS A 42 -6.97 5.70 -13.74
N VAL A 43 -5.96 5.33 -12.94
CA VAL A 43 -4.71 4.78 -13.47
C VAL A 43 -4.31 3.55 -12.66
N THR A 44 -3.95 2.49 -13.36
CA THR A 44 -3.53 1.25 -12.70
C THR A 44 -2.01 1.12 -12.72
N VAL A 45 -1.41 1.08 -11.54
CA VAL A 45 0.05 0.95 -11.41
C VAL A 45 0.38 -0.07 -10.31
N LYS A 46 1.62 -0.57 -10.33
CA LYS A 46 2.05 -1.57 -9.33
C LYS A 46 3.43 -1.21 -8.76
N ILE A 47 3.55 -1.30 -7.44
CA ILE A 47 4.81 -0.98 -6.75
C ILE A 47 5.27 -2.19 -5.91
N PRO A 48 5.98 -3.13 -6.49
CA PRO A 48 6.49 -4.33 -5.77
C PRO A 48 7.75 -4.03 -4.95
N SER A 49 7.90 -4.73 -3.81
CA SER A 49 9.06 -4.57 -2.94
C SER A 49 8.85 -3.47 -1.88
N PRO A 50 7.87 -3.62 -1.03
CA PRO A 50 7.58 -2.65 0.06
C PRO A 50 8.50 -2.89 1.27
N VAL A 51 9.69 -3.42 1.01
CA VAL A 51 10.66 -3.71 2.07
C VAL A 51 10.20 -4.93 2.89
N ARG A 52 10.92 -6.04 2.78
CA ARG A 52 10.56 -7.26 3.50
C ARG A 52 10.54 -7.04 5.01
N GLY A 53 9.63 -7.75 5.69
CA GLY A 53 9.53 -7.64 7.14
C GLY A 53 8.30 -8.38 7.65
N LYS A 54 7.61 -7.80 8.66
CA LYS A 54 6.42 -8.43 9.24
C LYS A 54 5.24 -7.46 9.19
N ILE A 55 4.06 -7.97 8.81
CA ILE A 55 2.86 -7.12 8.73
C ILE A 55 2.12 -7.17 10.07
N VAL A 56 1.98 -6.01 10.72
CA VAL A 56 1.32 -5.96 12.03
C VAL A 56 -0.21 -5.99 11.93
N LYS A 57 -0.79 -5.13 11.09
CA LYS A 57 -2.24 -5.10 10.97
C LYS A 57 -2.68 -4.20 9.82
N ILE A 58 -3.89 -4.42 9.34
CA ILE A 58 -4.43 -3.65 8.21
C ILE A 58 -5.54 -2.69 8.68
N LEU A 59 -5.36 -1.40 8.40
CA LEU A 59 -6.32 -0.37 8.80
C LEU A 59 -7.25 -0.03 7.64
N TYR A 60 -6.84 -0.38 6.42
CA TYR A 60 -7.63 -0.09 5.22
C TYR A 60 -8.23 -1.37 4.64
N ARG A 61 -9.46 -1.24 4.11
CA ARG A 61 -10.16 -2.38 3.52
C ARG A 61 -10.40 -2.14 2.03
N GLU A 62 -10.67 -3.22 1.30
CA GLU A 62 -10.89 -3.14 -0.14
C GLU A 62 -12.03 -2.18 -0.48
N GLY A 63 -11.86 -1.42 -1.56
CA GLY A 63 -12.89 -0.48 -2.00
C GLY A 63 -12.86 0.83 -1.21
N GLN A 64 -11.88 0.97 -0.34
CA GLN A 64 -11.77 2.18 0.48
C GLN A 64 -11.03 3.27 -0.29
N VAL A 65 -11.58 4.50 -0.23
CA VAL A 65 -10.98 5.65 -0.92
C VAL A 65 -10.77 6.79 0.09
N VAL A 66 -9.56 7.34 0.12
CA VAL A 66 -9.25 8.44 1.04
C VAL A 66 -8.20 9.38 0.44
N PRO A 67 -8.30 10.69 0.60
CA PRO A 67 -7.26 11.63 0.07
C PRO A 67 -5.87 11.29 0.62
N VAL A 68 -4.84 11.49 -0.20
CA VAL A 68 -3.47 11.20 0.22
C VAL A 68 -3.11 11.95 1.50
N GLY A 69 -2.64 11.20 2.49
CA GLY A 69 -2.22 11.79 3.78
C GLY A 69 -2.58 10.90 4.97
N SER A 70 -2.24 9.61 4.88
CA SER A 70 -2.53 8.69 5.98
C SER A 70 -1.66 7.44 5.89
N THR A 71 -1.56 6.71 7.00
CA THR A 71 -0.77 5.48 7.03
C THR A 71 -1.66 4.27 6.75
N LEU A 72 -1.49 3.71 5.57
CA LEU A 72 -2.27 2.55 5.16
C LEU A 72 -1.94 1.32 5.99
N LEU A 73 -0.65 1.13 6.30
CA LEU A 73 -0.24 -0.05 7.06
C LEU A 73 1.04 0.24 7.84
N GLN A 74 1.15 -0.34 9.03
CA GLN A 74 2.36 -0.17 9.86
C GLN A 74 3.20 -1.43 9.78
N ILE A 75 4.50 -1.26 9.51
CA ILE A 75 5.41 -2.40 9.35
C ILE A 75 6.65 -2.26 10.23
N ASP A 76 6.89 -3.30 11.02
CA ASP A 76 8.06 -3.33 11.91
C ASP A 76 9.27 -3.87 11.16
N THR A 77 10.45 -3.33 11.43
CA THR A 77 11.66 -3.80 10.77
C THR A 77 12.13 -5.10 11.41
N MET A 1 10.61 0.92 13.22
CA MET A 1 9.18 1.01 12.81
C MET A 1 9.07 1.74 11.47
N TYR A 2 9.06 0.98 10.38
CA TYR A 2 8.96 1.59 9.05
C TYR A 2 7.48 1.73 8.69
N GLU A 3 7.09 2.93 8.26
CA GLU A 3 5.69 3.19 7.90
C GLU A 3 5.59 3.44 6.40
N PHE A 4 4.72 2.68 5.72
CA PHE A 4 4.55 2.84 4.27
C PHE A 4 3.42 3.82 3.97
N LYS A 5 3.77 4.86 3.20
CA LYS A 5 2.81 5.90 2.81
C LYS A 5 2.74 5.97 1.30
N LEU A 6 1.57 6.28 0.75
CA LEU A 6 1.43 6.37 -0.70
C LEU A 6 2.29 7.53 -1.24
N PRO A 7 3.31 7.27 -2.04
CA PRO A 7 4.19 8.35 -2.58
C PRO A 7 3.52 9.16 -3.68
N ASP A 8 2.34 8.70 -4.10
CA ASP A 8 1.60 9.40 -5.14
C ASP A 8 2.47 9.65 -6.38
N ILE A 9 3.38 8.72 -6.69
CA ILE A 9 4.25 8.91 -7.85
C ILE A 9 4.78 10.35 -7.88
N GLY A 10 4.73 11.02 -6.74
CA GLY A 10 5.21 12.39 -6.63
C GLY A 10 4.09 13.37 -6.97
N GLU A 11 4.41 14.66 -6.94
CA GLU A 11 3.42 15.69 -7.23
C GLU A 11 2.22 15.55 -6.30
N GLY A 12 1.24 14.74 -6.71
CA GLY A 12 0.04 14.53 -5.90
C GLY A 12 -1.19 14.39 -6.81
N VAL A 13 -2.25 13.81 -6.25
CA VAL A 13 -3.49 13.61 -7.00
C VAL A 13 -4.69 13.75 -6.07
N THR A 14 -4.41 13.83 -4.77
CA THR A 14 -5.46 13.96 -3.77
C THR A 14 -6.49 12.84 -3.90
N GLU A 15 -6.02 11.61 -3.84
CA GLU A 15 -6.90 10.44 -3.93
C GLU A 15 -6.11 9.16 -3.72
N GLY A 16 -6.71 8.20 -3.02
CA GLY A 16 -6.07 6.92 -2.77
C GLY A 16 -7.12 5.83 -2.60
N GLU A 17 -7.20 4.92 -3.59
CA GLU A 17 -8.17 3.83 -3.53
C GLU A 17 -7.46 2.49 -3.65
N ILE A 18 -7.95 1.50 -2.90
CA ILE A 18 -7.36 0.16 -2.89
C ILE A 18 -8.18 -0.79 -3.75
N VAL A 19 -7.55 -1.38 -4.76
CA VAL A 19 -8.25 -2.31 -5.66
C VAL A 19 -7.97 -3.77 -5.33
N ARG A 20 -6.69 -4.14 -5.15
CA ARG A 20 -6.35 -5.54 -4.86
C ARG A 20 -5.13 -5.70 -3.94
N TRP A 21 -5.27 -6.63 -2.97
CA TRP A 21 -4.19 -6.95 -2.03
C TRP A 21 -3.66 -8.36 -2.36
N ASP A 22 -2.34 -8.54 -2.34
CA ASP A 22 -1.75 -9.85 -2.62
C ASP A 22 -1.32 -10.55 -1.33
N VAL A 23 -1.45 -9.85 -0.20
CA VAL A 23 -1.06 -10.40 1.09
C VAL A 23 -2.10 -10.04 2.15
N LYS A 24 -2.11 -10.79 3.26
CA LYS A 24 -3.06 -10.56 4.35
C LYS A 24 -2.34 -10.47 5.68
N GLU A 25 -2.94 -9.76 6.63
CA GLU A 25 -2.35 -9.60 7.95
C GLU A 25 -2.02 -10.96 8.56
N GLY A 26 -0.89 -11.03 9.27
CA GLY A 26 -0.48 -12.27 9.92
C GLY A 26 0.42 -13.14 9.05
N ASP A 27 0.83 -12.62 7.88
CA ASP A 27 1.71 -13.40 6.98
C ASP A 27 3.00 -12.65 6.67
N MET A 28 4.06 -13.41 6.39
CA MET A 28 5.38 -12.83 6.08
C MET A 28 5.48 -12.49 4.60
N VAL A 29 6.35 -11.51 4.27
CA VAL A 29 6.55 -11.11 2.87
C VAL A 29 8.04 -10.89 2.59
N GLU A 30 8.46 -11.19 1.36
CA GLU A 30 9.87 -11.04 0.97
C GLU A 30 10.07 -9.84 0.04
N LYS A 31 11.29 -9.31 0.02
CA LYS A 31 11.63 -8.18 -0.83
C LYS A 31 11.46 -8.56 -2.31
N ASP A 32 10.88 -7.63 -3.10
CA ASP A 32 10.65 -7.89 -4.53
C ASP A 32 9.62 -9.00 -4.73
N GLN A 33 8.80 -9.27 -3.72
CA GLN A 33 7.78 -10.31 -3.82
C GLN A 33 6.46 -9.82 -3.21
N ASP A 34 5.70 -9.04 -3.98
CA ASP A 34 4.43 -8.51 -3.50
C ASP A 34 3.68 -7.81 -4.63
N LEU A 35 2.64 -8.44 -5.17
CA LEU A 35 1.87 -7.81 -6.25
C LEU A 35 0.81 -6.89 -5.65
N VAL A 36 1.12 -5.60 -5.64
CA VAL A 36 0.20 -4.59 -5.12
C VAL A 36 -0.19 -3.63 -6.24
N GLU A 37 -1.49 -3.41 -6.39
CA GLU A 37 -2.00 -2.52 -7.42
C GLU A 37 -2.69 -1.33 -6.78
N VAL A 38 -2.25 -0.12 -7.13
CA VAL A 38 -2.83 1.10 -6.57
C VAL A 38 -3.25 2.05 -7.70
N MET A 39 -4.43 2.64 -7.54
CA MET A 39 -4.97 3.58 -8.54
C MET A 39 -5.09 4.97 -7.94
N THR A 40 -4.79 6.00 -8.74
CA THR A 40 -4.86 7.39 -8.26
C THR A 40 -6.13 8.07 -8.78
N ASP A 41 -6.21 8.22 -10.10
CA ASP A 41 -7.37 8.86 -10.76
C ASP A 41 -7.89 7.95 -11.87
N LYS A 42 -8.22 6.70 -11.52
CA LYS A 42 -8.71 5.74 -12.50
C LYS A 42 -7.54 5.27 -13.37
N VAL A 43 -6.44 4.91 -12.72
CA VAL A 43 -5.23 4.45 -13.41
C VAL A 43 -4.71 3.19 -12.74
N THR A 44 -3.89 2.42 -13.48
CA THR A 44 -3.32 1.18 -12.94
C THR A 44 -1.80 1.24 -12.99
N VAL A 45 -1.17 1.26 -11.82
CA VAL A 45 0.29 1.31 -11.74
C VAL A 45 0.81 0.27 -10.73
N LYS A 46 1.80 -0.50 -11.16
CA LYS A 46 2.40 -1.53 -10.31
C LYS A 46 3.62 -0.95 -9.59
N ILE A 47 3.75 -1.25 -8.30
CA ILE A 47 4.88 -0.76 -7.51
C ILE A 47 5.46 -1.86 -6.62
N PRO A 48 6.51 -2.54 -7.04
CA PRO A 48 7.15 -3.61 -6.23
C PRO A 48 7.60 -3.09 -4.86
N SER A 49 7.53 -3.95 -3.84
CA SER A 49 7.90 -3.56 -2.48
C SER A 49 9.42 -3.69 -2.25
N PRO A 50 10.15 -2.61 -2.07
CA PRO A 50 11.62 -2.68 -1.81
C PRO A 50 11.91 -2.89 -0.33
N VAL A 51 10.94 -3.47 0.38
CA VAL A 51 11.06 -3.68 1.82
C VAL A 51 10.60 -5.08 2.22
N ARG A 52 11.11 -5.56 3.36
CA ARG A 52 10.74 -6.88 3.87
C ARG A 52 10.71 -6.87 5.41
N GLY A 53 9.81 -7.66 5.99
CA GLY A 53 9.71 -7.72 7.44
C GLY A 53 8.45 -8.48 7.87
N LYS A 54 7.71 -7.89 8.82
CA LYS A 54 6.47 -8.53 9.31
C LYS A 54 5.32 -7.53 9.26
N ILE A 55 4.10 -8.04 9.04
CA ILE A 55 2.91 -7.19 8.98
C ILE A 55 2.18 -7.26 10.32
N VAL A 56 2.03 -6.10 10.97
CA VAL A 56 1.39 -6.05 12.29
C VAL A 56 -0.15 -6.13 12.18
N LYS A 57 -0.74 -5.29 11.34
CA LYS A 57 -2.19 -5.29 11.22
C LYS A 57 -2.66 -4.38 10.08
N ILE A 58 -3.83 -4.67 9.53
CA ILE A 58 -4.38 -3.88 8.44
C ILE A 58 -5.47 -2.94 8.96
N LEU A 59 -5.21 -1.64 8.88
CA LEU A 59 -6.17 -0.64 9.36
C LEU A 59 -7.46 -0.64 8.54
N TYR A 60 -7.33 -0.76 7.20
CA TYR A 60 -8.52 -0.74 6.34
C TYR A 60 -8.39 -1.77 5.21
N ARG A 61 -9.53 -2.31 4.75
CA ARG A 61 -9.55 -3.28 3.65
C ARG A 61 -10.15 -2.66 2.39
N GLU A 62 -10.47 -3.51 1.42
CA GLU A 62 -11.06 -3.07 0.15
C GLU A 62 -12.30 -2.20 0.37
N GLY A 63 -12.54 -1.28 -0.57
CA GLY A 63 -13.71 -0.39 -0.48
C GLY A 63 -13.34 0.98 0.10
N GLN A 64 -12.05 1.20 0.32
CA GLN A 64 -11.58 2.47 0.91
C GLN A 64 -11.08 3.46 -0.15
N VAL A 65 -11.50 4.72 0.00
CA VAL A 65 -11.08 5.81 -0.90
C VAL A 65 -10.90 7.08 -0.06
N VAL A 66 -9.68 7.61 -0.01
CA VAL A 66 -9.41 8.80 0.81
C VAL A 66 -8.28 9.68 0.20
N PRO A 67 -8.37 11.01 0.27
CA PRO A 67 -7.28 11.90 -0.24
C PRO A 67 -5.92 11.58 0.41
N VAL A 68 -4.86 11.74 -0.38
CA VAL A 68 -3.49 11.46 0.10
C VAL A 68 -3.23 12.14 1.44
N GLY A 69 -2.69 11.37 2.39
CA GLY A 69 -2.35 11.89 3.72
C GLY A 69 -2.75 10.92 4.82
N SER A 70 -2.34 9.65 4.71
CA SER A 70 -2.67 8.68 5.74
C SER A 70 -1.82 7.41 5.61
N THR A 71 -1.69 6.68 6.71
CA THR A 71 -0.91 5.44 6.73
C THR A 71 -1.81 4.26 6.38
N LEU A 72 -1.36 3.43 5.45
CA LEU A 72 -2.15 2.27 5.02
C LEU A 72 -1.75 1.01 5.80
N LEU A 73 -0.60 1.04 6.46
CA LEU A 73 -0.16 -0.15 7.21
C LEU A 73 1.08 0.17 8.05
N GLN A 74 1.17 -0.46 9.22
CA GLN A 74 2.33 -0.27 10.11
C GLN A 74 3.21 -1.50 10.01
N ILE A 75 4.51 -1.29 9.73
CA ILE A 75 5.44 -2.41 9.57
C ILE A 75 6.69 -2.24 10.42
N ASP A 76 6.98 -3.27 11.21
CA ASP A 76 8.17 -3.27 12.07
C ASP A 76 9.36 -3.81 11.30
N THR A 77 10.50 -3.14 11.43
CA THR A 77 11.72 -3.57 10.74
C THR A 77 12.45 -4.63 11.56
N MET A 1 9.98 0.76 13.41
CA MET A 1 8.57 1.03 12.98
C MET A 1 8.58 1.78 11.66
N TYR A 2 8.84 1.07 10.57
CA TYR A 2 8.87 1.70 9.25
C TYR A 2 7.43 1.94 8.77
N GLU A 3 7.22 3.06 8.08
CA GLU A 3 5.90 3.40 7.55
C GLU A 3 5.94 3.52 6.04
N PHE A 4 4.93 2.96 5.37
CA PHE A 4 4.85 3.00 3.91
C PHE A 4 3.81 4.03 3.48
N LYS A 5 4.24 5.05 2.75
CA LYS A 5 3.36 6.13 2.29
C LYS A 5 3.32 6.18 0.76
N LEU A 6 2.13 6.30 0.20
CA LEU A 6 1.98 6.35 -1.25
C LEU A 6 2.61 7.65 -1.76
N PRO A 7 3.53 7.61 -2.71
CA PRO A 7 4.17 8.84 -3.24
C PRO A 7 3.20 9.68 -4.07
N ASP A 8 3.40 11.00 -4.03
CA ASP A 8 2.55 11.92 -4.77
C ASP A 8 2.95 11.94 -6.24
N ILE A 9 2.08 11.42 -7.12
CA ILE A 9 2.37 11.37 -8.56
C ILE A 9 1.24 12.02 -9.35
N GLY A 10 1.55 12.46 -10.57
CA GLY A 10 0.57 13.10 -11.42
C GLY A 10 0.38 14.57 -11.03
N GLU A 11 -0.68 15.19 -11.57
CA GLU A 11 -0.94 16.59 -11.27
C GLU A 11 -1.52 16.75 -9.87
N GLY A 12 -2.84 16.91 -9.79
CA GLY A 12 -3.52 17.08 -8.51
C GLY A 12 -4.05 15.74 -8.00
N VAL A 13 -3.63 15.36 -6.80
CA VAL A 13 -4.09 14.10 -6.19
C VAL A 13 -4.56 14.37 -4.76
N THR A 14 -5.74 13.87 -4.41
CA THR A 14 -6.28 14.09 -3.07
C THR A 14 -7.15 12.90 -2.64
N GLU A 15 -7.17 11.86 -3.47
CA GLU A 15 -7.97 10.66 -3.16
C GLU A 15 -7.18 9.39 -3.50
N GLY A 16 -7.36 8.35 -2.70
CA GLY A 16 -6.68 7.08 -2.92
C GLY A 16 -7.70 5.95 -3.00
N GLU A 17 -7.38 4.88 -3.74
CA GLU A 17 -8.31 3.76 -3.87
C GLU A 17 -7.55 2.47 -4.16
N ILE A 18 -7.85 1.44 -3.38
CA ILE A 18 -7.21 0.12 -3.52
C ILE A 18 -8.14 -0.86 -4.22
N VAL A 19 -7.69 -1.38 -5.36
CA VAL A 19 -8.48 -2.36 -6.12
C VAL A 19 -8.07 -3.78 -5.74
N ARG A 20 -6.77 -4.01 -5.55
CA ARG A 20 -6.27 -5.35 -5.21
C ARG A 20 -5.16 -5.30 -4.17
N TRP A 21 -5.08 -6.34 -3.34
CA TRP A 21 -4.04 -6.44 -2.29
C TRP A 21 -3.11 -7.63 -2.56
N ASP A 22 -1.83 -7.47 -2.21
CA ASP A 22 -0.84 -8.54 -2.39
C ASP A 22 -0.40 -9.14 -1.05
N VAL A 23 -0.83 -8.53 0.06
CA VAL A 23 -0.45 -9.01 1.39
C VAL A 23 -1.64 -9.02 2.35
N LYS A 24 -1.52 -9.82 3.41
CA LYS A 24 -2.59 -9.91 4.42
C LYS A 24 -1.98 -9.89 5.83
N GLU A 25 -2.80 -9.47 6.81
CA GLU A 25 -2.34 -9.40 8.20
C GLU A 25 -2.05 -10.78 8.76
N GLY A 26 -1.00 -10.88 9.58
CA GLY A 26 -0.63 -12.15 10.20
C GLY A 26 0.21 -13.03 9.28
N ASP A 27 0.62 -12.50 8.14
CA ASP A 27 1.43 -13.27 7.18
C ASP A 27 2.81 -12.65 6.96
N MET A 28 3.81 -13.51 6.80
CA MET A 28 5.18 -13.07 6.56
C MET A 28 5.41 -12.87 5.07
N VAL A 29 6.25 -11.90 4.70
CA VAL A 29 6.53 -11.63 3.28
C VAL A 29 8.01 -11.30 3.07
N GLU A 30 8.50 -11.61 1.87
CA GLU A 30 9.89 -11.35 1.51
C GLU A 30 9.97 -10.27 0.43
N LYS A 31 11.10 -9.58 0.37
CA LYS A 31 11.29 -8.53 -0.63
C LYS A 31 11.06 -9.08 -2.03
N ASP A 32 9.79 -9.17 -2.42
CA ASP A 32 9.42 -9.68 -3.75
C ASP A 32 7.91 -9.66 -3.92
N GLN A 33 7.38 -8.58 -4.50
CA GLN A 33 5.94 -8.46 -4.72
C GLN A 33 5.68 -7.78 -6.06
N ASP A 34 4.52 -8.10 -6.66
CA ASP A 34 4.16 -7.52 -7.95
C ASP A 34 2.69 -7.74 -8.25
N LEU A 35 1.90 -7.91 -7.18
CA LEU A 35 0.45 -8.15 -7.33
C LEU A 35 -0.35 -7.08 -6.59
N VAL A 36 0.24 -5.89 -6.44
CA VAL A 36 -0.43 -4.78 -5.75
C VAL A 36 -0.66 -3.67 -6.77
N GLU A 37 -1.90 -3.18 -6.85
CA GLU A 37 -2.26 -2.14 -7.80
C GLU A 37 -2.93 -0.98 -7.09
N VAL A 38 -2.42 0.23 -7.32
CA VAL A 38 -2.97 1.44 -6.71
C VAL A 38 -3.37 2.44 -7.79
N MET A 39 -4.50 3.12 -7.57
CA MET A 39 -5.00 4.12 -8.53
C MET A 39 -5.23 5.46 -7.83
N THR A 40 -4.82 6.56 -8.48
CA THR A 40 -4.99 7.90 -7.92
C THR A 40 -5.85 8.76 -8.84
N ASP A 41 -5.27 9.16 -9.97
CA ASP A 41 -6.00 10.00 -10.94
C ASP A 41 -6.58 9.14 -12.07
N LYS A 42 -7.13 7.98 -11.71
CA LYS A 42 -7.71 7.08 -12.70
C LYS A 42 -6.62 6.43 -13.55
N VAL A 43 -5.50 6.11 -12.90
CA VAL A 43 -4.36 5.47 -13.59
C VAL A 43 -3.97 4.19 -12.85
N THR A 44 -3.74 3.12 -13.61
CA THR A 44 -3.35 1.84 -13.01
C THR A 44 -1.84 1.67 -13.06
N VAL A 45 -1.20 1.60 -11.89
CA VAL A 45 0.26 1.45 -11.81
C VAL A 45 0.67 0.37 -10.82
N LYS A 46 1.58 -0.50 -11.26
CA LYS A 46 2.10 -1.60 -10.43
C LYS A 46 3.39 -1.16 -9.72
N ILE A 47 3.54 -1.52 -8.45
CA ILE A 47 4.73 -1.15 -7.68
C ILE A 47 5.21 -2.33 -6.81
N PRO A 48 6.45 -2.80 -6.97
CA PRO A 48 6.98 -3.93 -6.15
C PRO A 48 7.42 -3.46 -4.74
N SER A 49 7.18 -4.31 -3.74
CA SER A 49 7.54 -3.98 -2.36
C SER A 49 9.07 -3.97 -2.17
N PRO A 50 9.67 -2.82 -1.87
CA PRO A 50 11.14 -2.73 -1.67
C PRO A 50 11.57 -3.07 -0.23
N VAL A 51 10.65 -3.56 0.59
CA VAL A 51 10.95 -3.88 1.99
C VAL A 51 10.26 -5.17 2.45
N ARG A 52 10.82 -5.78 3.50
CA ARG A 52 10.28 -7.03 4.04
C ARG A 52 10.41 -7.06 5.57
N GLY A 53 9.48 -7.74 6.23
CA GLY A 53 9.53 -7.83 7.70
C GLY A 53 8.29 -8.56 8.24
N LYS A 54 7.67 -8.02 9.30
CA LYS A 54 6.49 -8.63 9.91
C LYS A 54 5.29 -7.69 9.81
N ILE A 55 4.15 -8.20 9.34
CA ILE A 55 2.95 -7.38 9.20
C ILE A 55 2.10 -7.54 10.46
N VAL A 56 1.87 -6.44 11.19
CA VAL A 56 1.11 -6.50 12.44
C VAL A 56 -0.37 -6.12 12.26
N LYS A 57 -0.65 -4.99 11.58
CA LYS A 57 -2.05 -4.56 11.42
C LYS A 57 -2.31 -3.92 10.06
N ILE A 58 -3.59 -3.95 9.66
CA ILE A 58 -4.02 -3.40 8.39
C ILE A 58 -5.14 -2.37 8.59
N LEU A 59 -4.90 -1.15 8.13
CA LEU A 59 -5.89 -0.07 8.26
C LEU A 59 -6.67 0.11 6.97
N TYR A 60 -6.14 -0.44 5.87
CA TYR A 60 -6.80 -0.33 4.56
C TYR A 60 -7.46 -1.64 4.17
N ARG A 61 -8.67 -1.52 3.60
CA ARG A 61 -9.45 -2.68 3.16
C ARG A 61 -9.75 -2.56 1.66
N GLU A 62 -10.21 -3.66 1.07
CA GLU A 62 -10.52 -3.66 -0.36
C GLU A 62 -11.67 -2.71 -0.66
N GLY A 63 -11.48 -1.86 -1.68
CA GLY A 63 -12.52 -0.92 -2.08
C GLY A 63 -12.57 0.31 -1.17
N GLN A 64 -11.62 0.40 -0.25
CA GLN A 64 -11.58 1.52 0.69
C GLN A 64 -10.99 2.77 0.02
N VAL A 65 -11.57 3.93 0.32
CA VAL A 65 -11.11 5.20 -0.25
C VAL A 65 -10.63 6.13 0.88
N VAL A 66 -9.43 6.70 0.72
CA VAL A 66 -8.88 7.61 1.74
C VAL A 66 -7.99 8.69 1.11
N PRO A 67 -8.07 9.95 1.55
CA PRO A 67 -7.17 11.02 0.99
C PRO A 67 -5.70 10.65 1.09
N VAL A 68 -4.94 10.97 0.05
CA VAL A 68 -3.50 10.67 0.04
C VAL A 68 -2.79 11.49 1.12
N GLY A 69 -1.95 10.81 1.91
CA GLY A 69 -1.21 11.48 2.99
C GLY A 69 -1.39 10.74 4.32
N SER A 70 -1.16 9.43 4.32
CA SER A 70 -1.29 8.64 5.54
C SER A 70 -0.53 7.32 5.45
N THR A 71 -0.29 6.70 6.60
CA THR A 71 0.44 5.42 6.63
C THR A 71 -0.53 4.27 6.38
N LEU A 72 -0.36 3.60 5.26
CA LEU A 72 -1.24 2.49 4.89
C LEU A 72 -1.12 1.30 5.84
N LEU A 73 0.10 0.97 6.23
CA LEU A 73 0.34 -0.18 7.10
C LEU A 73 1.47 0.11 8.08
N GLN A 74 1.39 -0.45 9.29
CA GLN A 74 2.46 -0.27 10.28
C GLN A 74 3.30 -1.53 10.30
N ILE A 75 4.60 -1.37 10.06
CA ILE A 75 5.53 -2.51 10.01
C ILE A 75 6.71 -2.32 10.93
N ASP A 76 6.97 -3.35 11.74
CA ASP A 76 8.09 -3.32 12.68
C ASP A 76 9.27 -4.12 12.11
N THR A 77 10.33 -3.41 11.74
CA THR A 77 11.50 -4.07 11.17
C THR A 77 11.89 -5.30 11.98
N MET A 1 9.65 0.10 12.64
CA MET A 1 8.45 0.96 12.69
C MET A 1 8.35 1.80 11.43
N TYR A 2 8.69 1.18 10.30
CA TYR A 2 8.65 1.88 9.02
C TYR A 2 7.21 1.98 8.53
N GLU A 3 6.82 3.16 8.08
CA GLU A 3 5.47 3.41 7.59
C GLU A 3 5.48 3.61 6.08
N PHE A 4 4.62 2.86 5.38
CA PHE A 4 4.55 2.98 3.92
C PHE A 4 3.46 3.99 3.56
N LYS A 5 3.87 5.08 2.91
CA LYS A 5 2.94 6.14 2.52
C LYS A 5 2.96 6.31 1.01
N LEU A 6 1.81 6.68 0.45
CA LEU A 6 1.71 6.87 -1.01
C LEU A 6 2.53 8.10 -1.42
N PRO A 7 3.61 7.96 -2.18
CA PRO A 7 4.42 9.14 -2.61
C PRO A 7 3.57 10.17 -3.37
N ASP A 8 3.92 11.45 -3.17
CA ASP A 8 3.23 12.58 -3.80
C ASP A 8 2.13 13.10 -2.88
N ILE A 9 2.30 14.34 -2.39
CA ILE A 9 1.32 14.96 -1.49
C ILE A 9 0.84 16.28 -2.06
N GLY A 10 -0.36 16.69 -1.66
CA GLY A 10 -0.94 17.95 -2.14
C GLY A 10 -1.21 17.88 -3.64
N GLU A 11 -0.60 18.79 -4.38
CA GLU A 11 -0.80 18.84 -5.82
C GLU A 11 -0.33 17.53 -6.47
N GLY A 12 -1.03 17.13 -7.53
CA GLY A 12 -0.70 15.89 -8.24
C GLY A 12 -1.53 14.71 -7.73
N VAL A 13 -1.53 14.51 -6.42
CA VAL A 13 -2.29 13.41 -5.81
C VAL A 13 -3.17 13.95 -4.68
N THR A 14 -4.46 13.62 -4.72
CA THR A 14 -5.39 14.09 -3.69
C THR A 14 -6.25 12.94 -3.14
N GLU A 15 -6.20 11.79 -3.80
CA GLU A 15 -7.00 10.65 -3.36
C GLU A 15 -6.53 9.35 -4.00
N GLY A 16 -6.59 8.26 -3.23
CA GLY A 16 -6.19 6.95 -3.73
C GLY A 16 -7.20 5.87 -3.33
N GLU A 17 -7.29 4.81 -4.13
CA GLU A 17 -8.22 3.72 -3.85
C GLU A 17 -7.55 2.37 -4.11
N ILE A 18 -7.87 1.38 -3.28
CA ILE A 18 -7.27 0.05 -3.40
C ILE A 18 -8.24 -0.95 -4.04
N VAL A 19 -7.83 -1.54 -5.16
CA VAL A 19 -8.65 -2.53 -5.86
C VAL A 19 -8.29 -3.96 -5.44
N ARG A 20 -6.99 -4.25 -5.28
CA ARG A 20 -6.57 -5.61 -4.92
C ARG A 20 -5.42 -5.61 -3.89
N TRP A 21 -5.42 -6.62 -3.02
CA TRP A 21 -4.38 -6.77 -1.98
C TRP A 21 -3.64 -8.11 -2.19
N ASP A 22 -2.32 -8.11 -1.99
CA ASP A 22 -1.51 -9.33 -2.13
C ASP A 22 -0.91 -9.77 -0.81
N VAL A 23 -1.24 -9.10 0.29
CA VAL A 23 -0.70 -9.46 1.61
C VAL A 23 -1.80 -9.48 2.66
N LYS A 24 -1.58 -10.23 3.75
CA LYS A 24 -2.55 -10.33 4.83
C LYS A 24 -1.87 -10.38 6.19
N GLU A 25 -2.57 -9.85 7.19
CA GLU A 25 -2.05 -9.82 8.57
C GLU A 25 -1.71 -11.23 9.06
N GLY A 26 -0.59 -11.34 9.79
CA GLY A 26 -0.17 -12.63 10.34
C GLY A 26 0.66 -13.46 9.34
N ASP A 27 1.04 -12.86 8.22
CA ASP A 27 1.82 -13.57 7.20
C ASP A 27 3.15 -12.88 6.91
N MET A 28 4.21 -13.68 6.82
CA MET A 28 5.56 -13.17 6.53
C MET A 28 5.82 -13.26 5.03
N VAL A 29 6.23 -12.14 4.42
CA VAL A 29 6.50 -12.12 2.96
C VAL A 29 7.87 -11.52 2.64
N GLU A 30 8.57 -12.17 1.72
CA GLU A 30 9.89 -11.71 1.29
C GLU A 30 9.76 -10.63 0.21
N LYS A 31 10.80 -9.81 0.07
CA LYS A 31 10.80 -8.74 -0.92
C LYS A 31 11.17 -9.28 -2.30
N ASP A 32 10.35 -8.92 -3.31
CA ASP A 32 10.55 -9.33 -4.71
C ASP A 32 9.25 -9.90 -5.29
N GLN A 33 8.78 -9.28 -6.36
CA GLN A 33 7.57 -9.73 -7.03
C GLN A 33 6.36 -9.70 -6.09
N ASP A 34 5.51 -8.68 -6.23
CA ASP A 34 4.31 -8.56 -5.42
C ASP A 34 3.19 -8.00 -6.28
N LEU A 35 1.96 -8.51 -6.10
CA LEU A 35 0.83 -8.05 -6.91
C LEU A 35 -0.05 -7.07 -6.14
N VAL A 36 0.41 -5.82 -6.08
CA VAL A 36 -0.34 -4.76 -5.42
C VAL A 36 -0.69 -3.71 -6.47
N GLU A 37 -1.98 -3.39 -6.56
CA GLU A 37 -2.46 -2.41 -7.53
C GLU A 37 -3.10 -1.23 -6.81
N VAL A 38 -2.54 -0.04 -6.99
CA VAL A 38 -3.05 1.15 -6.34
C VAL A 38 -3.34 2.24 -7.38
N MET A 39 -4.52 2.85 -7.26
CA MET A 39 -4.93 3.90 -8.19
C MET A 39 -4.63 5.27 -7.60
N THR A 40 -3.87 6.08 -8.33
CA THR A 40 -3.51 7.42 -7.84
C THR A 40 -4.54 8.45 -8.29
N ASP A 41 -4.64 8.65 -9.61
CA ASP A 41 -5.59 9.61 -10.17
C ASP A 41 -6.27 9.02 -11.41
N LYS A 42 -6.98 7.89 -11.24
CA LYS A 42 -7.64 7.25 -12.37
C LYS A 42 -6.62 6.54 -13.25
N VAL A 43 -5.45 6.22 -12.66
CA VAL A 43 -4.39 5.53 -13.38
C VAL A 43 -3.94 4.30 -12.61
N THR A 44 -3.69 3.21 -13.32
CA THR A 44 -3.27 1.96 -12.66
C THR A 44 -1.75 1.86 -12.65
N VAL A 45 -1.19 1.87 -11.45
CA VAL A 45 0.27 1.78 -11.28
C VAL A 45 0.65 0.62 -10.35
N LYS A 46 1.60 -0.20 -10.78
CA LYS A 46 2.05 -1.33 -9.97
C LYS A 46 3.35 -0.97 -9.26
N ILE A 47 3.44 -1.30 -7.97
CA ILE A 47 4.64 -1.00 -7.18
C ILE A 47 5.09 -2.22 -6.39
N PRO A 48 5.88 -3.09 -6.99
CA PRO A 48 6.38 -4.33 -6.30
C PRO A 48 7.58 -4.06 -5.38
N SER A 49 7.71 -4.89 -4.34
CA SER A 49 8.83 -4.78 -3.38
C SER A 49 8.60 -3.68 -2.34
N PRO A 50 7.64 -3.87 -1.46
CA PRO A 50 7.33 -2.89 -0.38
C PRO A 50 8.11 -3.16 0.90
N VAL A 51 9.37 -3.57 0.78
CA VAL A 51 10.21 -3.86 1.95
C VAL A 51 9.63 -5.02 2.78
N ARG A 52 10.37 -6.13 2.85
CA ARG A 52 9.94 -7.31 3.61
C ARG A 52 10.15 -7.12 5.10
N GLY A 53 9.33 -7.80 5.91
CA GLY A 53 9.45 -7.71 7.36
C GLY A 53 8.25 -8.37 8.04
N LYS A 54 7.74 -7.78 9.12
CA LYS A 54 6.60 -8.33 9.84
C LYS A 54 5.37 -7.43 9.69
N ILE A 55 4.25 -8.03 9.30
CA ILE A 55 3.00 -7.28 9.12
C ILE A 55 2.19 -7.36 10.42
N VAL A 56 1.92 -6.19 11.02
CA VAL A 56 1.20 -6.14 12.30
C VAL A 56 -0.32 -5.97 12.15
N LYS A 57 -0.75 -4.97 11.39
CA LYS A 57 -2.19 -4.72 11.25
C LYS A 57 -2.52 -4.05 9.91
N ILE A 58 -3.79 -4.18 9.48
CA ILE A 58 -4.25 -3.59 8.23
C ILE A 58 -5.24 -2.47 8.51
N LEU A 59 -4.92 -1.25 8.04
CA LEU A 59 -5.80 -0.09 8.25
C LEU A 59 -6.66 0.18 7.02
N TYR A 60 -6.27 -0.38 5.87
CA TYR A 60 -7.02 -0.19 4.62
C TYR A 60 -7.74 -1.46 4.21
N ARG A 61 -8.95 -1.31 3.65
CA ARG A 61 -9.75 -2.44 3.21
C ARG A 61 -10.04 -2.34 1.72
N GLU A 62 -10.48 -3.43 1.12
CA GLU A 62 -10.77 -3.46 -0.31
C GLU A 62 -11.83 -2.42 -0.67
N GLY A 63 -11.50 -1.57 -1.66
CA GLY A 63 -12.45 -0.54 -2.11
C GLY A 63 -12.39 0.70 -1.22
N GLN A 64 -11.45 0.72 -0.28
CA GLN A 64 -11.33 1.86 0.62
C GLN A 64 -10.65 3.03 -0.08
N VAL A 65 -11.19 4.24 0.12
CA VAL A 65 -10.64 5.44 -0.49
C VAL A 65 -10.35 6.49 0.59
N VAL A 66 -9.15 7.09 0.55
CA VAL A 66 -8.77 8.08 1.56
C VAL A 66 -7.82 9.15 0.99
N PRO A 67 -7.95 10.42 1.36
CA PRO A 67 -7.01 11.48 0.87
C PRO A 67 -5.57 11.12 1.23
N VAL A 68 -4.62 11.50 0.38
CA VAL A 68 -3.22 11.19 0.64
C VAL A 68 -2.71 11.92 1.88
N GLY A 69 -2.16 11.15 2.82
CA GLY A 69 -1.62 11.70 4.06
C GLY A 69 -1.81 10.73 5.23
N SER A 70 -1.44 9.45 5.03
CA SER A 70 -1.58 8.47 6.10
C SER A 70 -0.78 7.21 5.79
N THR A 71 -0.60 6.36 6.81
CA THR A 71 0.13 5.11 6.64
C THR A 71 -0.83 4.00 6.20
N LEU A 72 -0.59 3.47 5.01
CA LEU A 72 -1.45 2.41 4.48
C LEU A 72 -1.38 1.17 5.36
N LEU A 73 -0.15 0.83 5.75
CA LEU A 73 0.09 -0.34 6.60
C LEU A 73 1.25 -0.02 7.54
N GLN A 74 1.23 -0.56 8.76
CA GLN A 74 2.31 -0.33 9.72
C GLN A 74 3.21 -1.55 9.76
N ILE A 75 4.50 -1.32 9.54
CA ILE A 75 5.48 -2.41 9.51
C ILE A 75 6.65 -2.12 10.44
N ASP A 76 6.93 -3.08 11.32
CA ASP A 76 8.04 -2.96 12.26
C ASP A 76 9.31 -3.48 11.61
N THR A 77 10.44 -2.82 11.90
CA THR A 77 11.72 -3.23 11.32
C THR A 77 12.82 -3.17 12.38
N MET A 1 8.50 0.37 13.56
CA MET A 1 7.14 0.82 13.15
C MET A 1 7.25 1.77 11.97
N TYR A 2 7.83 1.29 10.88
CA TYR A 2 7.99 2.11 9.69
C TYR A 2 6.64 2.24 8.99
N GLU A 3 6.27 3.48 8.63
CA GLU A 3 4.99 3.73 7.97
C GLU A 3 5.16 3.79 6.46
N PHE A 4 4.39 2.98 5.74
CA PHE A 4 4.46 2.97 4.27
C PHE A 4 3.40 3.91 3.70
N LYS A 5 3.86 5.03 3.15
CA LYS A 5 2.94 6.02 2.57
C LYS A 5 3.02 5.96 1.04
N LEU A 6 1.92 6.30 0.38
CA LEU A 6 1.91 6.28 -1.09
C LEU A 6 2.82 7.42 -1.59
N PRO A 7 3.92 7.13 -2.28
CA PRO A 7 4.85 8.20 -2.75
C PRO A 7 4.28 9.02 -3.91
N ASP A 8 4.65 10.30 -3.96
CA ASP A 8 4.18 11.21 -5.00
C ASP A 8 5.06 11.15 -6.25
N ILE A 9 5.85 10.08 -6.39
CA ILE A 9 6.73 9.94 -7.55
C ILE A 9 5.89 9.74 -8.81
N GLY A 10 4.68 9.25 -8.62
CA GLY A 10 3.78 9.01 -9.74
C GLY A 10 3.44 10.30 -10.49
N GLU A 11 2.82 10.15 -11.65
CA GLU A 11 2.44 11.30 -12.47
C GLU A 11 1.49 12.21 -11.70
N GLY A 12 0.57 11.59 -10.97
CA GLY A 12 -0.41 12.34 -10.19
C GLY A 12 -1.23 11.38 -9.33
N VAL A 13 -1.78 11.90 -8.23
CA VAL A 13 -2.59 11.08 -7.33
C VAL A 13 -3.59 11.97 -6.58
N THR A 14 -4.76 12.15 -7.18
CA THR A 14 -5.81 12.96 -6.56
C THR A 14 -6.30 12.28 -5.28
N GLU A 15 -6.26 10.96 -5.27
CA GLU A 15 -6.69 10.19 -4.10
C GLU A 15 -6.18 8.76 -4.20
N GLY A 16 -6.02 8.10 -3.05
CA GLY A 16 -5.53 6.73 -3.01
C GLY A 16 -6.67 5.74 -2.86
N GLU A 17 -6.93 4.95 -3.91
CA GLU A 17 -8.00 3.95 -3.87
C GLU A 17 -7.41 2.55 -4.06
N ILE A 18 -7.71 1.67 -3.11
CA ILE A 18 -7.21 0.30 -3.15
C ILE A 18 -8.30 -0.68 -3.62
N VAL A 19 -8.03 -1.38 -4.72
CA VAL A 19 -8.99 -2.34 -5.26
C VAL A 19 -8.54 -3.79 -5.05
N ARG A 20 -7.23 -4.03 -4.93
CA ARG A 20 -6.75 -5.42 -4.76
C ARG A 20 -5.58 -5.53 -3.79
N TRP A 21 -5.70 -6.47 -2.84
CA TRP A 21 -4.63 -6.77 -1.87
C TRP A 21 -4.11 -8.18 -2.18
N ASP A 22 -2.79 -8.38 -2.11
CA ASP A 22 -2.22 -9.72 -2.40
C ASP A 22 -1.64 -10.38 -1.15
N VAL A 23 -1.76 -9.72 0.00
CA VAL A 23 -1.23 -10.28 1.25
C VAL A 23 -2.24 -10.12 2.38
N LYS A 24 -2.06 -10.91 3.45
CA LYS A 24 -2.97 -10.88 4.59
C LYS A 24 -2.20 -10.78 5.90
N GLU A 25 -2.85 -10.21 6.91
CA GLU A 25 -2.24 -10.04 8.22
C GLU A 25 -1.71 -11.36 8.76
N GLY A 26 -0.55 -11.32 9.42
CA GLY A 26 0.04 -12.52 10.01
C GLY A 26 0.91 -13.32 9.03
N ASP A 27 1.17 -12.77 7.85
CA ASP A 27 2.00 -13.48 6.85
C ASP A 27 3.31 -12.73 6.61
N MET A 28 4.36 -13.49 6.27
CA MET A 28 5.68 -12.91 6.02
C MET A 28 5.89 -12.71 4.51
N VAL A 29 6.67 -11.70 4.14
CA VAL A 29 6.94 -11.43 2.72
C VAL A 29 8.36 -10.90 2.53
N GLU A 30 9.02 -11.37 1.47
CA GLU A 30 10.39 -10.94 1.15
C GLU A 30 10.35 -9.65 0.31
N LYS A 31 11.49 -8.97 0.22
CA LYS A 31 11.57 -7.72 -0.54
C LYS A 31 11.16 -7.96 -1.99
N ASP A 32 9.86 -8.13 -2.20
CA ASP A 32 9.30 -8.37 -3.53
C ASP A 32 7.83 -8.77 -3.39
N GLN A 33 6.97 -7.78 -3.17
CA GLN A 33 5.55 -8.06 -3.02
C GLN A 33 5.07 -9.01 -4.12
N ASP A 34 3.87 -9.53 -3.96
CA ASP A 34 3.31 -10.48 -4.93
C ASP A 34 2.57 -9.74 -6.04
N LEU A 35 1.94 -8.64 -5.68
CA LEU A 35 1.18 -7.81 -6.64
C LEU A 35 0.17 -6.92 -5.91
N VAL A 36 0.48 -5.64 -5.83
CA VAL A 36 -0.41 -4.65 -5.21
C VAL A 36 -0.81 -3.65 -6.29
N GLU A 37 -2.11 -3.36 -6.39
CA GLU A 37 -2.61 -2.44 -7.40
C GLU A 37 -3.27 -1.23 -6.77
N VAL A 38 -2.77 -0.05 -7.14
CA VAL A 38 -3.33 1.22 -6.65
C VAL A 38 -3.64 2.11 -7.85
N MET A 39 -4.87 2.62 -7.89
CA MET A 39 -5.32 3.48 -8.99
C MET A 39 -6.04 4.72 -8.46
N THR A 40 -5.60 5.89 -8.90
CA THR A 40 -6.21 7.13 -8.44
C THR A 40 -7.61 7.29 -9.02
N ASP A 41 -7.75 7.04 -10.33
CA ASP A 41 -9.07 7.17 -10.98
C ASP A 41 -9.18 6.25 -12.20
N LYS A 42 -8.24 6.36 -13.13
CA LYS A 42 -8.24 5.54 -14.33
C LYS A 42 -6.83 5.18 -14.78
N VAL A 43 -5.97 4.85 -13.82
CA VAL A 43 -4.59 4.50 -14.12
C VAL A 43 -4.16 3.29 -13.28
N THR A 44 -3.44 2.36 -13.91
CA THR A 44 -2.97 1.15 -13.20
C THR A 44 -1.49 1.29 -12.87
N VAL A 45 -1.16 1.25 -11.58
CA VAL A 45 0.23 1.36 -11.14
C VAL A 45 0.63 0.17 -10.25
N LYS A 46 1.62 -0.60 -10.70
CA LYS A 46 2.10 -1.75 -9.92
C LYS A 46 3.35 -1.36 -9.13
N ILE A 47 3.22 -1.33 -7.80
CA ILE A 47 4.35 -0.94 -6.94
C ILE A 47 4.58 -1.97 -5.81
N PRO A 48 5.66 -2.74 -5.83
CA PRO A 48 5.96 -3.74 -4.75
C PRO A 48 6.60 -3.08 -3.52
N SER A 49 6.31 -3.62 -2.33
CA SER A 49 6.86 -3.06 -1.09
C SER A 49 8.40 -3.05 -1.11
N PRO A 50 9.04 -1.90 -0.98
CA PRO A 50 10.53 -1.82 -1.00
C PRO A 50 11.20 -2.27 0.31
N VAL A 51 10.41 -2.64 1.33
CA VAL A 51 10.98 -3.07 2.63
C VAL A 51 10.28 -4.34 3.12
N ARG A 52 11.05 -5.40 3.41
CA ARG A 52 10.50 -6.67 3.89
C ARG A 52 10.57 -6.75 5.42
N GLY A 53 9.67 -7.53 6.02
CA GLY A 53 9.67 -7.68 7.47
C GLY A 53 8.46 -8.46 7.95
N LYS A 54 7.75 -7.92 8.96
CA LYS A 54 6.56 -8.58 9.52
C LYS A 54 5.37 -7.63 9.50
N ILE A 55 4.22 -8.12 9.05
CA ILE A 55 3.00 -7.31 8.99
C ILE A 55 2.27 -7.37 10.33
N VAL A 56 2.03 -6.21 10.95
CA VAL A 56 1.37 -6.17 12.25
C VAL A 56 -0.15 -6.24 12.11
N LYS A 57 -0.73 -5.37 11.29
CA LYS A 57 -2.18 -5.36 11.11
C LYS A 57 -2.56 -4.58 9.86
N ILE A 58 -3.77 -4.84 9.35
CA ILE A 58 -4.25 -4.17 8.15
C ILE A 58 -5.03 -2.90 8.53
N LEU A 59 -4.49 -1.74 8.15
CA LEU A 59 -5.14 -0.47 8.46
C LEU A 59 -6.09 -0.05 7.33
N TYR A 60 -5.83 -0.55 6.12
CA TYR A 60 -6.68 -0.22 4.95
C TYR A 60 -7.43 -1.46 4.45
N ARG A 61 -8.70 -1.24 4.08
CA ARG A 61 -9.54 -2.33 3.56
C ARG A 61 -9.90 -2.10 2.10
N GLU A 62 -10.42 -3.13 1.46
CA GLU A 62 -10.79 -3.05 0.05
C GLU A 62 -11.88 -2.01 -0.20
N GLY A 63 -11.63 -1.13 -1.16
CA GLY A 63 -12.61 -0.10 -1.52
C GLY A 63 -12.43 1.20 -0.74
N GLN A 64 -11.38 1.28 0.08
CA GLN A 64 -11.16 2.50 0.86
C GLN A 64 -10.48 3.58 0.01
N VAL A 65 -11.00 4.80 0.12
CA VAL A 65 -10.46 5.94 -0.62
C VAL A 65 -10.11 7.06 0.37
N VAL A 66 -8.85 7.50 0.34
CA VAL A 66 -8.40 8.56 1.25
C VAL A 66 -7.32 9.42 0.57
N PRO A 67 -7.33 10.74 0.74
CA PRO A 67 -6.29 11.61 0.11
C PRO A 67 -4.87 11.17 0.50
N VAL A 68 -3.92 11.38 -0.40
CA VAL A 68 -2.53 11.01 -0.13
C VAL A 68 -1.98 11.72 1.09
N GLY A 69 -1.39 10.95 2.00
CA GLY A 69 -0.80 11.51 3.23
C GLY A 69 -1.18 10.70 4.47
N SER A 70 -1.03 9.38 4.41
CA SER A 70 -1.37 8.54 5.56
C SER A 70 -0.67 7.19 5.46
N THR A 71 -0.62 6.47 6.58
CA THR A 71 0.03 5.16 6.60
C THR A 71 -0.96 4.07 6.19
N LEU A 72 -0.68 3.44 5.04
CA LEU A 72 -1.55 2.40 4.53
C LEU A 72 -1.55 1.18 5.45
N LEU A 73 -0.36 0.82 5.94
CA LEU A 73 -0.20 -0.35 6.81
C LEU A 73 1.00 -0.11 7.72
N GLN A 74 1.02 -0.75 8.90
CA GLN A 74 2.13 -0.57 9.86
C GLN A 74 3.07 -1.76 9.82
N ILE A 75 4.37 -1.46 9.68
CA ILE A 75 5.41 -2.49 9.62
C ILE A 75 6.53 -2.23 10.61
N ASP A 76 6.86 -3.26 11.40
CA ASP A 76 7.94 -3.15 12.38
C ASP A 76 9.23 -3.74 11.78
N THR A 77 10.22 -2.88 11.60
CA THR A 77 11.49 -3.33 11.04
C THR A 77 12.19 -4.29 11.99
N MET A 1 9.96 0.93 12.99
CA MET A 1 8.56 1.35 12.72
C MET A 1 8.51 2.17 11.44
N TYR A 2 8.50 1.47 10.30
CA TYR A 2 8.46 2.13 9.01
C TYR A 2 7.01 2.20 8.52
N GLU A 3 6.65 3.32 7.87
CA GLU A 3 5.29 3.51 7.37
C GLU A 3 5.28 3.64 5.85
N PHE A 4 4.34 2.96 5.21
CA PHE A 4 4.23 3.03 3.74
C PHE A 4 3.31 4.19 3.38
N LYS A 5 3.88 5.17 2.67
CA LYS A 5 3.13 6.37 2.27
C LYS A 5 3.06 6.47 0.75
N LEU A 6 1.85 6.72 0.25
CA LEU A 6 1.67 6.85 -1.21
C LEU A 6 2.26 8.17 -1.69
N PRO A 7 3.29 8.17 -2.51
CA PRO A 7 3.88 9.45 -3.02
C PRO A 7 3.06 10.06 -4.14
N ASP A 8 3.14 11.39 -4.27
CA ASP A 8 2.40 12.09 -5.31
C ASP A 8 3.19 12.13 -6.62
N ILE A 9 3.06 11.06 -7.41
CA ILE A 9 3.75 11.00 -8.69
C ILE A 9 3.18 12.02 -9.65
N GLY A 10 1.86 12.12 -9.68
CA GLY A 10 1.18 13.07 -10.57
C GLY A 10 0.72 14.30 -9.79
N GLU A 11 0.90 15.48 -10.39
CA GLU A 11 0.50 16.73 -9.77
C GLU A 11 -0.98 16.98 -9.99
N GLY A 12 -1.63 17.63 -9.03
CA GLY A 12 -3.04 17.93 -9.13
C GLY A 12 -3.90 16.73 -8.78
N VAL A 13 -3.31 15.78 -8.04
CA VAL A 13 -4.02 14.56 -7.64
C VAL A 13 -3.93 14.38 -6.12
N THR A 14 -5.05 14.09 -5.49
CA THR A 14 -5.08 13.90 -4.04
C THR A 14 -6.15 12.88 -3.65
N GLU A 15 -5.83 11.60 -3.80
CA GLU A 15 -6.77 10.54 -3.46
C GLU A 15 -6.05 9.19 -3.49
N GLY A 16 -6.44 8.30 -2.57
CA GLY A 16 -5.84 6.97 -2.50
C GLY A 16 -6.91 5.89 -2.38
N GLU A 17 -6.89 4.93 -3.32
CA GLU A 17 -7.86 3.83 -3.30
C GLU A 17 -7.15 2.51 -3.56
N ILE A 18 -7.57 1.47 -2.83
CA ILE A 18 -6.96 0.15 -2.98
C ILE A 18 -7.87 -0.77 -3.80
N VAL A 19 -7.36 -1.25 -4.94
CA VAL A 19 -8.15 -2.12 -5.81
C VAL A 19 -7.94 -3.61 -5.51
N ARG A 20 -6.70 -4.02 -5.25
CA ARG A 20 -6.42 -5.43 -4.98
C ARG A 20 -5.31 -5.64 -3.95
N TRP A 21 -5.52 -6.61 -3.05
CA TRP A 21 -4.52 -6.95 -2.02
C TRP A 21 -3.95 -8.33 -2.33
N ASP A 22 -2.64 -8.51 -2.16
CA ASP A 22 -2.01 -9.80 -2.44
C ASP A 22 -1.59 -10.54 -1.17
N VAL A 23 -1.78 -9.92 0.00
CA VAL A 23 -1.39 -10.56 1.25
C VAL A 23 -2.42 -10.30 2.35
N LYS A 24 -2.37 -11.10 3.42
CA LYS A 24 -3.29 -10.97 4.54
C LYS A 24 -2.50 -10.63 5.81
N GLU A 25 -3.14 -9.93 6.73
CA GLU A 25 -2.49 -9.53 7.98
C GLU A 25 -2.03 -10.75 8.78
N GLY A 26 -0.82 -10.66 9.34
CA GLY A 26 -0.28 -11.76 10.16
C GLY A 26 0.57 -12.73 9.33
N ASP A 27 0.82 -12.40 8.07
CA ASP A 27 1.63 -13.27 7.19
C ASP A 27 2.91 -12.57 6.73
N MET A 28 3.95 -13.37 6.46
CA MET A 28 5.24 -12.82 6.02
C MET A 28 5.21 -12.51 4.53
N VAL A 29 6.01 -11.52 4.12
CA VAL A 29 6.10 -11.12 2.70
C VAL A 29 7.54 -10.80 2.33
N GLU A 30 7.94 -11.22 1.12
CA GLU A 30 9.30 -10.97 0.63
C GLU A 30 9.34 -9.73 -0.24
N LYS A 31 10.49 -9.07 -0.28
CA LYS A 31 10.65 -7.86 -1.10
C LYS A 31 10.92 -8.23 -2.55
N ASP A 32 9.86 -8.39 -3.32
CA ASP A 32 9.98 -8.74 -4.74
C ASP A 32 8.62 -8.76 -5.40
N GLN A 33 8.10 -7.58 -5.73
CA GLN A 33 6.80 -7.46 -6.37
C GLN A 33 5.82 -8.51 -5.83
N ASP A 34 5.03 -8.15 -4.81
CA ASP A 34 4.07 -9.09 -4.23
C ASP A 34 2.73 -8.97 -4.95
N LEU A 35 2.76 -8.31 -6.12
CA LEU A 35 1.53 -8.11 -6.92
C LEU A 35 0.51 -7.27 -6.18
N VAL A 36 0.86 -6.00 -5.95
CA VAL A 36 -0.03 -5.05 -5.27
C VAL A 36 -0.37 -3.96 -6.28
N GLU A 37 -1.67 -3.66 -6.42
CA GLU A 37 -2.13 -2.63 -7.36
C GLU A 37 -2.65 -1.41 -6.61
N VAL A 38 -2.05 -0.26 -6.91
CA VAL A 38 -2.42 1.00 -6.29
C VAL A 38 -2.79 2.02 -7.36
N MET A 39 -3.87 2.77 -7.11
CA MET A 39 -4.34 3.79 -8.06
C MET A 39 -4.38 5.16 -7.41
N THR A 40 -4.12 6.19 -8.22
CA THR A 40 -4.11 7.57 -7.75
C THR A 40 -5.31 8.33 -8.28
N ASP A 41 -5.39 8.40 -9.61
CA ASP A 41 -6.49 9.12 -10.29
C ASP A 41 -7.02 8.27 -11.45
N LYS A 42 -7.66 7.14 -11.15
CA LYS A 42 -8.18 6.26 -12.20
C LYS A 42 -7.02 5.73 -13.03
N VAL A 43 -5.91 5.43 -12.35
CA VAL A 43 -4.70 4.91 -12.98
C VAL A 43 -4.29 3.62 -12.30
N THR A 44 -3.87 2.64 -13.08
CA THR A 44 -3.45 1.34 -12.51
C THR A 44 -1.97 1.10 -12.75
N VAL A 45 -1.21 1.02 -11.67
CA VAL A 45 0.24 0.79 -11.74
C VAL A 45 0.71 -0.20 -10.68
N LYS A 46 1.86 -0.82 -10.94
CA LYS A 46 2.44 -1.80 -10.02
C LYS A 46 3.55 -1.14 -9.20
N ILE A 47 3.57 -1.41 -7.90
CA ILE A 47 4.58 -0.83 -7.00
C ILE A 47 5.27 -1.96 -6.19
N PRO A 48 6.59 -1.96 -6.05
CA PRO A 48 7.30 -3.01 -5.25
C PRO A 48 6.74 -3.15 -3.83
N SER A 49 6.69 -4.37 -3.31
CA SER A 49 6.18 -4.61 -1.96
C SER A 49 6.67 -3.53 -0.99
N PRO A 50 6.08 -3.42 0.16
CA PRO A 50 6.46 -2.40 1.19
C PRO A 50 7.67 -2.81 2.03
N VAL A 51 8.74 -3.29 1.39
CA VAL A 51 9.96 -3.70 2.12
C VAL A 51 9.70 -4.94 3.00
N ARG A 52 10.40 -6.03 2.69
CA ARG A 52 10.26 -7.29 3.42
C ARG A 52 10.34 -7.07 4.94
N GLY A 53 9.44 -7.71 5.67
CA GLY A 53 9.40 -7.61 7.13
C GLY A 53 8.19 -8.33 7.71
N LYS A 54 7.63 -7.78 8.80
CA LYS A 54 6.46 -8.39 9.47
C LYS A 54 5.27 -7.45 9.43
N ILE A 55 4.10 -7.97 9.07
CA ILE A 55 2.89 -7.14 8.99
C ILE A 55 2.11 -7.25 10.31
N VAL A 56 1.89 -6.12 10.99
CA VAL A 56 1.17 -6.12 12.26
C VAL A 56 -0.35 -6.16 12.06
N LYS A 57 -0.88 -5.26 11.23
CA LYS A 57 -2.33 -5.22 11.02
C LYS A 57 -2.69 -4.41 9.79
N ILE A 58 -3.85 -4.71 9.22
CA ILE A 58 -4.32 -4.00 8.02
C ILE A 58 -5.16 -2.78 8.41
N LEU A 59 -4.69 -1.60 8.02
CA LEU A 59 -5.41 -0.36 8.35
C LEU A 59 -6.34 0.04 7.19
N TYR A 60 -6.10 -0.51 6.00
CA TYR A 60 -6.92 -0.20 4.81
C TYR A 60 -7.60 -1.47 4.28
N ARG A 61 -8.86 -1.32 3.85
CA ARG A 61 -9.63 -2.45 3.31
C ARG A 61 -9.97 -2.24 1.84
N GLU A 62 -10.44 -3.32 1.20
CA GLU A 62 -10.80 -3.27 -0.21
C GLU A 62 -11.96 -2.30 -0.45
N GLY A 63 -11.80 -1.44 -1.45
CA GLY A 63 -12.84 -0.47 -1.79
C GLY A 63 -12.75 0.76 -0.89
N GLN A 64 -11.74 0.80 -0.02
CA GLN A 64 -11.57 1.93 0.87
C GLN A 64 -10.89 3.08 0.15
N VAL A 65 -11.42 4.29 0.34
CA VAL A 65 -10.87 5.49 -0.30
C VAL A 65 -10.63 6.57 0.75
N VAL A 66 -9.44 7.16 0.74
CA VAL A 66 -9.10 8.21 1.71
C VAL A 66 -8.16 9.25 1.07
N PRO A 67 -8.33 10.54 1.32
CA PRO A 67 -7.42 11.58 0.75
C PRO A 67 -5.95 11.25 1.06
N VAL A 68 -5.06 11.66 0.15
CA VAL A 68 -3.64 11.40 0.33
C VAL A 68 -3.12 12.05 1.62
N GLY A 69 -2.35 11.28 2.39
CA GLY A 69 -1.79 11.79 3.65
C GLY A 69 -2.01 10.80 4.80
N SER A 70 -1.72 9.52 4.58
CA SER A 70 -1.91 8.53 5.64
C SER A 70 -1.13 7.24 5.35
N THR A 71 -0.99 6.40 6.37
CA THR A 71 -0.27 5.13 6.24
C THR A 71 -1.26 4.01 5.99
N LEU A 72 -1.14 3.36 4.83
CA LEU A 72 -2.05 2.26 4.49
C LEU A 72 -1.87 1.06 5.40
N LEU A 73 -0.63 0.80 5.80
CA LEU A 73 -0.31 -0.35 6.66
C LEU A 73 0.92 -0.03 7.52
N GLN A 74 1.02 -0.60 8.73
CA GLN A 74 2.16 -0.34 9.61
C GLN A 74 3.13 -1.52 9.61
N ILE A 75 4.43 -1.23 9.45
CA ILE A 75 5.46 -2.28 9.40
C ILE A 75 6.63 -1.97 10.33
N ASP A 76 6.96 -2.96 11.16
CA ASP A 76 8.09 -2.85 12.09
C ASP A 76 9.34 -3.48 11.49
N THR A 77 10.36 -2.67 11.26
CA THR A 77 11.61 -3.17 10.69
C THR A 77 12.42 -3.93 11.73
N MET A 1 9.32 0.07 12.95
CA MET A 1 8.07 0.87 13.05
C MET A 1 7.95 1.74 11.80
N TYR A 2 8.44 1.22 10.69
CA TYR A 2 8.39 1.97 9.43
C TYR A 2 6.96 1.98 8.87
N GLU A 3 6.49 3.17 8.52
CA GLU A 3 5.14 3.32 7.98
C GLU A 3 5.19 3.49 6.47
N PHE A 4 4.47 2.64 5.74
CA PHE A 4 4.45 2.72 4.28
C PHE A 4 3.38 3.73 3.84
N LYS A 5 3.82 4.81 3.21
CA LYS A 5 2.90 5.86 2.75
C LYS A 5 3.09 6.12 1.27
N LEU A 6 2.00 6.49 0.60
CA LEU A 6 2.04 6.79 -0.83
C LEU A 6 2.68 8.18 -1.04
N PRO A 7 3.86 8.30 -1.61
CA PRO A 7 4.48 9.65 -1.82
C PRO A 7 3.62 10.57 -2.66
N ASP A 8 3.63 11.85 -2.31
CA ASP A 8 2.86 12.85 -3.04
C ASP A 8 3.55 13.22 -4.35
N ILE A 9 4.41 12.33 -4.83
CA ILE A 9 5.15 12.56 -6.08
C ILE A 9 4.67 11.60 -7.17
N GLY A 10 4.37 12.14 -8.33
CA GLY A 10 3.92 11.32 -9.45
C GLY A 10 3.27 12.18 -10.52
N GLU A 11 2.54 11.53 -11.43
CA GLU A 11 1.86 12.26 -12.50
C GLU A 11 0.61 12.96 -11.94
N GLY A 12 0.74 13.47 -10.72
CA GLY A 12 -0.37 14.16 -10.07
C GLY A 12 -1.22 13.19 -9.27
N VAL A 13 -0.97 13.10 -7.96
CA VAL A 13 -1.74 12.19 -7.09
C VAL A 13 -2.22 12.95 -5.85
N THR A 14 -3.55 12.99 -5.67
CA THR A 14 -4.15 13.68 -4.52
C THR A 14 -5.18 12.77 -3.83
N GLU A 15 -5.40 11.60 -4.40
CA GLU A 15 -6.36 10.63 -3.85
C GLU A 15 -5.81 9.22 -3.99
N GLY A 16 -6.07 8.37 -2.99
CA GLY A 16 -5.59 6.99 -3.00
C GLY A 16 -6.76 6.02 -2.86
N GLU A 17 -6.79 4.98 -3.71
CA GLU A 17 -7.85 3.98 -3.65
C GLU A 17 -7.27 2.59 -3.88
N ILE A 18 -7.68 1.64 -3.03
CA ILE A 18 -7.17 0.28 -3.12
C ILE A 18 -8.20 -0.66 -3.76
N VAL A 19 -7.81 -1.26 -4.88
CA VAL A 19 -8.69 -2.18 -5.59
C VAL A 19 -8.37 -3.65 -5.28
N ARG A 20 -7.08 -3.99 -5.11
CA ARG A 20 -6.70 -5.38 -4.83
C ARG A 20 -5.55 -5.50 -3.82
N TRP A 21 -5.72 -6.41 -2.84
CA TRP A 21 -4.70 -6.69 -1.83
C TRP A 21 -4.15 -8.10 -2.10
N ASP A 22 -2.84 -8.33 -1.85
CA ASP A 22 -2.26 -9.65 -2.09
C ASP A 22 -1.48 -10.14 -0.87
N VAL A 23 -1.77 -9.56 0.29
CA VAL A 23 -1.11 -9.96 1.54
C VAL A 23 -2.14 -10.07 2.67
N LYS A 24 -1.80 -10.88 3.68
CA LYS A 24 -2.70 -11.08 4.82
C LYS A 24 -1.95 -10.84 6.13
N GLU A 25 -2.67 -10.28 7.11
CA GLU A 25 -2.08 -10.01 8.41
C GLU A 25 -1.58 -11.28 9.08
N GLY A 26 -0.40 -11.20 9.70
CA GLY A 26 0.19 -12.35 10.39
C GLY A 26 1.03 -13.21 9.45
N ASP A 27 1.26 -12.74 8.22
CA ASP A 27 2.06 -13.49 7.25
C ASP A 27 3.33 -12.73 6.87
N MET A 28 4.39 -13.48 6.58
CA MET A 28 5.67 -12.89 6.20
C MET A 28 5.70 -12.56 4.71
N VAL A 29 6.42 -11.49 4.37
CA VAL A 29 6.55 -11.07 2.95
C VAL A 29 8.01 -10.78 2.63
N GLU A 30 8.48 -11.29 1.49
CA GLU A 30 9.87 -11.09 1.06
C GLU A 30 9.99 -9.85 0.17
N LYS A 31 11.21 -9.30 0.10
CA LYS A 31 11.48 -8.13 -0.71
C LYS A 31 11.26 -8.43 -2.20
N ASP A 32 10.61 -7.50 -2.91
CA ASP A 32 10.34 -7.67 -4.34
C ASP A 32 9.47 -8.89 -4.60
N GLN A 33 8.52 -9.16 -3.71
CA GLN A 33 7.61 -10.31 -3.87
C GLN A 33 6.21 -9.95 -3.38
N ASP A 34 5.39 -9.37 -4.27
CA ASP A 34 4.03 -8.98 -3.90
C ASP A 34 3.27 -8.49 -5.12
N LEU A 35 1.95 -8.44 -5.02
CA LEU A 35 1.11 -7.95 -6.12
C LEU A 35 0.07 -6.99 -5.57
N VAL A 36 0.43 -5.71 -5.54
CA VAL A 36 -0.46 -4.66 -5.06
C VAL A 36 -0.77 -3.71 -6.20
N GLU A 37 -2.06 -3.42 -6.38
CA GLU A 37 -2.51 -2.51 -7.43
C GLU A 37 -3.15 -1.28 -6.81
N VAL A 38 -2.58 -0.11 -7.10
CA VAL A 38 -3.12 1.15 -6.57
C VAL A 38 -3.58 2.04 -7.73
N MET A 39 -4.78 2.59 -7.56
CA MET A 39 -5.38 3.47 -8.58
C MET A 39 -5.50 4.90 -8.05
N THR A 40 -5.07 5.86 -8.86
CA THR A 40 -5.12 7.27 -8.48
C THR A 40 -6.05 8.05 -9.41
N ASP A 41 -5.49 8.55 -10.50
CA ASP A 41 -6.27 9.32 -11.47
C ASP A 41 -6.85 8.37 -12.54
N LYS A 42 -7.51 7.30 -12.09
CA LYS A 42 -8.10 6.33 -13.00
C LYS A 42 -7.04 5.65 -13.85
N VAL A 43 -5.93 5.29 -13.21
CA VAL A 43 -4.82 4.60 -13.89
C VAL A 43 -4.40 3.39 -13.08
N THR A 44 -3.74 2.43 -13.75
CA THR A 44 -3.28 1.21 -13.09
C THR A 44 -1.75 1.20 -13.01
N VAL A 45 -1.23 1.22 -11.79
CA VAL A 45 0.23 1.21 -11.57
C VAL A 45 0.57 0.20 -10.49
N LYS A 46 1.61 -0.60 -10.73
CA LYS A 46 2.04 -1.62 -9.76
C LYS A 46 3.26 -1.15 -8.98
N ILE A 47 3.21 -1.35 -7.66
CA ILE A 47 4.31 -0.95 -6.78
C ILE A 47 4.60 -2.04 -5.74
N PRO A 48 5.46 -2.99 -6.08
CA PRO A 48 5.84 -4.12 -5.16
C PRO A 48 6.45 -3.61 -3.84
N SER A 49 6.18 -4.34 -2.74
CA SER A 49 6.67 -3.95 -1.43
C SER A 49 8.20 -3.70 -1.45
N PRO A 50 8.67 -2.47 -1.35
CA PRO A 50 10.13 -2.18 -1.39
C PRO A 50 10.90 -2.62 -0.13
N VAL A 51 10.21 -2.91 0.99
CA VAL A 51 10.89 -3.31 2.23
C VAL A 51 10.24 -4.56 2.84
N ARG A 52 11.04 -5.60 3.10
CA ARG A 52 10.54 -6.85 3.68
C ARG A 52 10.65 -6.81 5.21
N GLY A 53 9.74 -7.51 5.88
CA GLY A 53 9.75 -7.56 7.35
C GLY A 53 8.52 -8.29 7.88
N LYS A 54 7.87 -7.71 8.90
CA LYS A 54 6.68 -8.32 9.49
C LYS A 54 5.47 -7.40 9.36
N ILE A 55 4.29 -7.99 9.21
CA ILE A 55 3.05 -7.21 9.06
C ILE A 55 2.27 -7.25 10.38
N VAL A 56 2.04 -6.08 10.98
CA VAL A 56 1.32 -6.02 12.25
C VAL A 56 -0.19 -6.17 12.06
N LYS A 57 -0.79 -5.36 11.18
CA LYS A 57 -2.23 -5.43 10.97
C LYS A 57 -2.65 -4.61 9.75
N ILE A 58 -3.78 -5.00 9.15
CA ILE A 58 -4.29 -4.31 7.98
C ILE A 58 -5.07 -3.05 8.40
N LEU A 59 -4.57 -1.88 8.00
CA LEU A 59 -5.22 -0.61 8.37
C LEU A 59 -6.19 -0.14 7.28
N TYR A 60 -6.02 -0.64 6.06
CA TYR A 60 -6.89 -0.26 4.94
C TYR A 60 -7.66 -1.46 4.40
N ARG A 61 -8.92 -1.18 4.00
CA ARG A 61 -9.80 -2.22 3.45
C ARG A 61 -10.08 -1.97 1.96
N GLU A 62 -10.56 -3.00 1.29
CA GLU A 62 -10.87 -2.90 -0.13
C GLU A 62 -11.97 -1.86 -0.41
N GLY A 63 -11.79 -1.09 -1.48
CA GLY A 63 -12.77 -0.08 -1.85
C GLY A 63 -12.61 1.20 -1.03
N GLN A 64 -11.58 1.25 -0.20
CA GLN A 64 -11.35 2.43 0.64
C GLN A 64 -10.71 3.56 -0.16
N VAL A 65 -11.24 4.77 0.00
CA VAL A 65 -10.72 5.96 -0.68
C VAL A 65 -10.32 6.99 0.37
N VAL A 66 -9.09 7.51 0.29
CA VAL A 66 -8.63 8.50 1.28
C VAL A 66 -7.61 9.49 0.69
N PRO A 67 -7.72 10.79 0.96
CA PRO A 67 -6.71 11.79 0.45
C PRO A 67 -5.28 11.44 0.91
N VAL A 68 -4.29 11.80 0.09
CA VAL A 68 -2.89 11.53 0.42
C VAL A 68 -2.58 11.99 1.85
N GLY A 69 -1.66 11.29 2.51
CA GLY A 69 -1.24 11.63 3.88
C GLY A 69 -1.66 10.58 4.90
N SER A 70 -1.40 9.31 4.61
CA SER A 70 -1.75 8.24 5.55
C SER A 70 -0.99 6.95 5.25
N THR A 71 -0.97 6.06 6.24
CA THR A 71 -0.29 4.77 6.10
C THR A 71 -1.30 3.66 5.85
N LEU A 72 -1.18 3.00 4.71
CA LEU A 72 -2.09 1.92 4.35
C LEU A 72 -1.91 0.73 5.29
N LEU A 73 -0.67 0.49 5.69
CA LEU A 73 -0.33 -0.63 6.56
C LEU A 73 0.89 -0.25 7.42
N GLN A 74 0.97 -0.80 8.64
CA GLN A 74 2.09 -0.50 9.55
C GLN A 74 3.09 -1.65 9.58
N ILE A 75 4.37 -1.34 9.44
CA ILE A 75 5.43 -2.37 9.44
C ILE A 75 6.53 -2.06 10.44
N ASP A 76 6.83 -3.05 11.28
CA ASP A 76 7.88 -2.93 12.29
C ASP A 76 9.19 -3.49 11.75
N THR A 77 10.31 -2.83 12.07
CA THR A 77 11.61 -3.29 11.62
C THR A 77 12.31 -4.10 12.70
N MET A 1 10.82 1.55 13.38
CA MET A 1 9.55 1.20 12.67
C MET A 1 9.47 1.93 11.35
N TYR A 2 8.96 1.26 10.32
CA TYR A 2 8.81 1.86 8.99
C TYR A 2 7.32 1.94 8.64
N GLU A 3 6.96 2.98 7.88
CA GLU A 3 5.56 3.18 7.48
C GLU A 3 5.46 3.41 5.98
N PHE A 4 4.51 2.73 5.33
CA PHE A 4 4.33 2.88 3.88
C PHE A 4 3.26 3.95 3.62
N LYS A 5 3.66 5.02 2.94
CA LYS A 5 2.74 6.13 2.62
C LYS A 5 2.75 6.41 1.12
N LEU A 6 1.59 6.78 0.58
CA LEU A 6 1.50 7.10 -0.85
C LEU A 6 1.99 8.54 -1.10
N PRO A 7 3.09 8.75 -1.81
CA PRO A 7 3.60 10.12 -2.07
C PRO A 7 2.83 10.85 -3.16
N ASP A 8 2.76 12.18 -3.06
CA ASP A 8 2.04 13.00 -4.04
C ASP A 8 2.69 12.88 -5.43
N ILE A 9 4.02 12.72 -5.49
CA ILE A 9 4.71 12.61 -6.79
C ILE A 9 4.86 11.14 -7.20
N GLY A 10 4.22 10.79 -8.31
CA GLY A 10 4.29 9.42 -8.81
C GLY A 10 3.74 8.44 -7.78
N GLU A 11 3.22 7.31 -8.26
CA GLU A 11 2.67 6.30 -7.37
C GLU A 11 1.61 6.88 -6.44
N GLY A 12 1.28 8.15 -6.66
CA GLY A 12 0.27 8.81 -5.84
C GLY A 12 0.13 10.27 -6.22
N VAL A 13 -0.99 10.89 -5.81
CA VAL A 13 -1.24 12.29 -6.12
C VAL A 13 -2.09 12.94 -5.02
N THR A 14 -3.41 13.03 -5.25
CA THR A 14 -4.33 13.64 -4.28
C THR A 14 -5.42 12.67 -3.85
N GLU A 15 -5.30 11.41 -4.25
CA GLU A 15 -6.32 10.41 -3.90
C GLU A 15 -5.72 9.01 -3.84
N GLY A 16 -6.29 8.16 -2.98
CA GLY A 16 -5.82 6.79 -2.83
C GLY A 16 -6.98 5.79 -2.85
N GLU A 17 -7.07 4.99 -3.93
CA GLU A 17 -8.15 4.00 -4.05
C GLU A 17 -7.54 2.59 -4.06
N ILE A 18 -8.09 1.73 -3.21
CA ILE A 18 -7.58 0.37 -3.09
C ILE A 18 -8.48 -0.63 -3.82
N VAL A 19 -7.91 -1.34 -4.81
CA VAL A 19 -8.69 -2.31 -5.59
C VAL A 19 -8.30 -3.76 -5.29
N ARG A 20 -7.01 -4.05 -5.10
CA ARG A 20 -6.58 -5.44 -4.87
C ARG A 20 -5.51 -5.57 -3.77
N TRP A 21 -5.56 -6.71 -3.08
CA TRP A 21 -4.59 -7.06 -2.03
C TRP A 21 -4.12 -8.48 -2.27
N ASP A 22 -2.83 -8.77 -2.04
CA ASP A 22 -2.30 -10.13 -2.27
C ASP A 22 -1.54 -10.66 -1.05
N VAL A 23 -1.73 -10.03 0.10
CA VAL A 23 -1.07 -10.47 1.34
C VAL A 23 -2.08 -10.46 2.48
N LYS A 24 -1.77 -11.19 3.55
CA LYS A 24 -2.68 -11.27 4.71
C LYS A 24 -1.95 -10.92 5.99
N GLU A 25 -2.66 -10.24 6.90
CA GLU A 25 -2.06 -9.85 8.17
C GLU A 25 -1.63 -11.06 8.97
N GLY A 26 -0.47 -10.95 9.63
CA GLY A 26 0.06 -12.04 10.44
C GLY A 26 0.90 -13.01 9.62
N ASP A 27 1.16 -12.66 8.35
CA ASP A 27 1.96 -13.52 7.47
C ASP A 27 3.23 -12.79 7.01
N MET A 28 4.28 -13.57 6.77
CA MET A 28 5.55 -13.00 6.32
C MET A 28 5.54 -12.75 4.80
N VAL A 29 6.30 -11.76 4.36
CA VAL A 29 6.39 -11.42 2.93
C VAL A 29 7.85 -11.19 2.54
N GLU A 30 8.20 -11.56 1.31
CA GLU A 30 9.56 -11.42 0.80
C GLU A 30 9.62 -10.34 -0.29
N LYS A 31 10.59 -9.44 -0.17
CA LYS A 31 10.76 -8.36 -1.14
C LYS A 31 10.82 -8.91 -2.57
N ASP A 32 10.13 -8.25 -3.49
CA ASP A 32 10.11 -8.66 -4.90
C ASP A 32 9.07 -9.75 -5.16
N GLN A 33 8.52 -10.34 -4.08
CA GLN A 33 7.49 -11.38 -4.22
C GLN A 33 6.17 -10.90 -3.64
N ASP A 34 5.47 -10.06 -4.39
CA ASP A 34 4.18 -9.53 -3.96
C ASP A 34 3.56 -8.66 -5.03
N LEU A 35 2.27 -8.80 -5.26
CA LEU A 35 1.57 -8.01 -6.27
C LEU A 35 0.46 -7.18 -5.64
N VAL A 36 0.72 -5.87 -5.58
CA VAL A 36 -0.22 -4.89 -5.01
C VAL A 36 -0.55 -3.85 -6.08
N GLU A 37 -1.83 -3.54 -6.23
CA GLU A 37 -2.27 -2.57 -7.23
C GLU A 37 -2.93 -1.37 -6.54
N VAL A 38 -2.36 -0.19 -6.74
CA VAL A 38 -2.87 1.04 -6.15
C VAL A 38 -3.17 2.08 -7.23
N MET A 39 -4.28 2.81 -7.06
CA MET A 39 -4.69 3.84 -8.01
C MET A 39 -4.88 5.19 -7.32
N THR A 40 -4.53 6.25 -8.02
CA THR A 40 -4.67 7.61 -7.49
C THR A 40 -5.42 8.50 -8.48
N ASP A 41 -4.68 9.08 -9.42
CA ASP A 41 -5.29 9.93 -10.44
C ASP A 41 -5.86 9.08 -11.57
N LYS A 42 -6.59 8.03 -11.21
CA LYS A 42 -7.19 7.14 -12.19
C LYS A 42 -6.10 6.47 -13.03
N VAL A 43 -5.00 6.10 -12.37
CA VAL A 43 -3.87 5.45 -13.05
C VAL A 43 -3.55 4.13 -12.34
N THR A 44 -3.34 3.08 -13.12
CA THR A 44 -3.03 1.77 -12.57
C THR A 44 -1.52 1.55 -12.55
N VAL A 45 -0.96 1.35 -11.36
CA VAL A 45 0.48 1.12 -11.23
C VAL A 45 0.76 -0.02 -10.26
N LYS A 46 1.91 -0.68 -10.44
CA LYS A 46 2.32 -1.78 -9.58
C LYS A 46 3.65 -1.44 -8.90
N ILE A 47 3.72 -1.68 -7.59
CA ILE A 47 4.93 -1.37 -6.81
C ILE A 47 5.42 -2.62 -6.05
N PRO A 48 6.72 -2.90 -6.00
CA PRO A 48 7.25 -4.06 -5.23
C PRO A 48 6.75 -4.06 -3.78
N SER A 49 6.69 -5.24 -3.15
CA SER A 49 6.21 -5.37 -1.77
C SER A 49 6.71 -4.18 -0.92
N PRO A 50 6.13 -3.98 0.24
CA PRO A 50 6.50 -2.87 1.16
C PRO A 50 7.75 -3.17 2.03
N VAL A 51 8.83 -3.64 1.40
CA VAL A 51 10.07 -3.95 2.14
C VAL A 51 9.92 -5.17 3.05
N ARG A 52 10.69 -6.23 2.78
CA ARG A 52 10.64 -7.46 3.56
C ARG A 52 10.67 -7.15 5.06
N GLY A 53 9.81 -7.84 5.81
CA GLY A 53 9.74 -7.65 7.25
C GLY A 53 8.51 -8.36 7.82
N LYS A 54 7.87 -7.76 8.83
CA LYS A 54 6.67 -8.36 9.44
C LYS A 54 5.48 -7.41 9.33
N ILE A 55 4.29 -7.98 9.14
CA ILE A 55 3.07 -7.19 9.00
C ILE A 55 2.29 -7.23 10.32
N VAL A 56 2.04 -6.05 10.90
CA VAL A 56 1.33 -5.97 12.17
C VAL A 56 -0.19 -6.09 11.98
N LYS A 57 -0.76 -5.28 11.09
CA LYS A 57 -2.20 -5.34 10.86
C LYS A 57 -2.58 -4.54 9.61
N ILE A 58 -3.73 -4.88 9.02
CA ILE A 58 -4.20 -4.20 7.81
C ILE A 58 -4.98 -2.94 8.18
N LEU A 59 -4.45 -1.78 7.77
CA LEU A 59 -5.11 -0.51 8.09
C LEU A 59 -6.16 -0.14 7.03
N TYR A 60 -5.95 -0.57 5.79
CA TYR A 60 -6.90 -0.28 4.70
C TYR A 60 -7.49 -1.56 4.11
N ARG A 61 -8.76 -1.47 3.69
CA ARG A 61 -9.48 -2.60 3.09
C ARG A 61 -10.06 -2.18 1.74
N GLU A 62 -10.60 -3.16 1.01
CA GLU A 62 -11.19 -2.89 -0.30
C GLU A 62 -12.40 -1.97 -0.19
N GLY A 63 -12.60 -1.12 -1.21
CA GLY A 63 -13.74 -0.21 -1.22
C GLY A 63 -13.45 1.08 -0.46
N GLN A 64 -12.21 1.25 -0.01
CA GLN A 64 -11.83 2.45 0.74
C GLN A 64 -11.11 3.47 -0.12
N VAL A 65 -11.66 4.68 -0.14
CA VAL A 65 -11.10 5.81 -0.89
C VAL A 65 -10.88 6.97 0.08
N VAL A 66 -9.66 7.51 0.10
CA VAL A 66 -9.34 8.60 1.02
C VAL A 66 -8.27 9.55 0.43
N PRO A 67 -8.39 10.87 0.62
CA PRO A 67 -7.34 11.80 0.11
C PRO A 67 -5.95 11.42 0.65
N VAL A 68 -4.91 11.69 -0.14
CA VAL A 68 -3.55 11.37 0.27
C VAL A 68 -3.25 11.90 1.67
N GLY A 69 -2.71 11.03 2.52
CA GLY A 69 -2.36 11.42 3.90
C GLY A 69 -2.81 10.38 4.92
N SER A 70 -2.43 9.12 4.71
CA SER A 70 -2.83 8.05 5.64
C SER A 70 -1.87 6.88 5.56
N THR A 71 -1.92 6.00 6.57
CA THR A 71 -1.05 4.82 6.61
C THR A 71 -1.79 3.60 6.05
N LEU A 72 -1.32 3.13 4.90
CA LEU A 72 -1.92 1.98 4.26
C LEU A 72 -1.74 0.74 5.13
N LEU A 73 -0.55 0.61 5.71
CA LEU A 73 -0.22 -0.54 6.55
C LEU A 73 1.00 -0.19 7.41
N GLN A 74 1.06 -0.73 8.64
CA GLN A 74 2.20 -0.44 9.54
C GLN A 74 3.15 -1.63 9.59
N ILE A 75 4.46 -1.35 9.41
CA ILE A 75 5.48 -2.40 9.40
C ILE A 75 6.62 -2.09 10.37
N ASP A 76 6.93 -3.07 11.21
CA ASP A 76 8.03 -2.94 12.17
C ASP A 76 9.29 -3.57 11.60
N THR A 77 10.43 -2.91 11.83
CA THR A 77 11.71 -3.41 11.33
C THR A 77 12.32 -4.40 12.33
N MET A 1 9.62 0.30 13.02
CA MET A 1 8.31 1.01 13.04
C MET A 1 8.21 1.90 11.80
N TYR A 2 8.50 1.32 10.64
CA TYR A 2 8.45 2.04 9.39
C TYR A 2 7.01 2.16 8.90
N GLU A 3 6.70 3.25 8.23
CA GLU A 3 5.33 3.46 7.72
C GLU A 3 5.35 3.66 6.21
N PHE A 4 4.67 2.77 5.48
CA PHE A 4 4.62 2.87 4.02
C PHE A 4 3.52 3.86 3.62
N LYS A 5 3.94 5.06 3.22
CA LYS A 5 2.99 6.11 2.82
C LYS A 5 2.92 6.22 1.30
N LEU A 6 1.75 6.60 0.79
CA LEU A 6 1.57 6.73 -0.66
C LEU A 6 2.29 8.00 -1.16
N PRO A 7 3.29 7.89 -2.02
CA PRO A 7 4.01 9.10 -2.54
C PRO A 7 3.20 9.81 -3.63
N ASP A 8 3.49 11.09 -3.85
CA ASP A 8 2.78 11.86 -4.86
C ASP A 8 3.21 11.44 -6.25
N ILE A 9 2.68 10.30 -6.70
CA ILE A 9 3.03 9.78 -8.02
C ILE A 9 2.57 10.75 -9.11
N GLY A 10 1.36 11.27 -8.95
CA GLY A 10 0.80 12.20 -9.92
C GLY A 10 0.99 13.65 -9.49
N GLU A 11 1.00 14.56 -10.46
CA GLU A 11 1.16 15.98 -10.17
C GLU A 11 -0.06 16.50 -9.42
N GLY A 12 -1.24 16.01 -9.80
CA GLY A 12 -2.50 16.41 -9.17
C GLY A 12 -3.30 15.18 -8.78
N VAL A 13 -3.48 14.97 -7.48
CA VAL A 13 -4.23 13.82 -6.98
C VAL A 13 -5.27 14.26 -5.95
N THR A 14 -6.50 13.77 -6.09
CA THR A 14 -7.58 14.12 -5.17
C THR A 14 -7.60 13.15 -3.99
N GLU A 15 -7.87 11.87 -4.24
CA GLU A 15 -7.88 10.86 -3.17
C GLU A 15 -7.31 9.54 -3.66
N GLY A 16 -6.80 8.71 -2.75
CA GLY A 16 -6.23 7.42 -3.14
C GLY A 16 -7.29 6.33 -3.07
N GLU A 17 -7.06 5.19 -3.71
CA GLU A 17 -8.02 4.10 -3.70
C GLU A 17 -7.33 2.77 -3.95
N ILE A 18 -7.70 1.76 -3.17
CA ILE A 18 -7.12 0.43 -3.29
C ILE A 18 -8.05 -0.53 -4.02
N VAL A 19 -7.57 -1.09 -5.13
CA VAL A 19 -8.38 -2.03 -5.92
C VAL A 19 -8.16 -3.48 -5.51
N ARG A 20 -6.90 -3.89 -5.30
CA ARG A 20 -6.61 -5.30 -4.93
C ARG A 20 -5.50 -5.44 -3.89
N TRP A 21 -5.71 -6.35 -2.93
CA TRP A 21 -4.71 -6.66 -1.88
C TRP A 21 -4.21 -8.10 -2.14
N ASP A 22 -2.91 -8.36 -1.94
CA ASP A 22 -2.37 -9.71 -2.16
C ASP A 22 -1.63 -10.23 -0.92
N VAL A 23 -1.89 -9.61 0.24
CA VAL A 23 -1.23 -10.04 1.48
C VAL A 23 -2.26 -10.15 2.60
N LYS A 24 -1.95 -10.97 3.62
CA LYS A 24 -2.87 -11.15 4.75
C LYS A 24 -2.13 -10.94 6.06
N GLU A 25 -2.79 -10.28 7.00
CA GLU A 25 -2.20 -10.01 8.30
C GLU A 25 -1.78 -11.30 9.00
N GLY A 26 -0.63 -11.25 9.67
CA GLY A 26 -0.12 -12.42 10.39
C GLY A 26 0.79 -13.27 9.50
N ASP A 27 1.08 -12.80 8.29
CA ASP A 27 1.95 -13.54 7.37
C ASP A 27 3.29 -12.84 7.19
N MET A 28 4.12 -13.35 6.29
CA MET A 28 5.45 -12.78 6.04
C MET A 28 5.58 -12.35 4.57
N VAL A 29 6.43 -11.34 4.33
CA VAL A 29 6.64 -10.81 2.98
C VAL A 29 8.14 -10.77 2.67
N GLU A 30 8.47 -10.69 1.37
CA GLU A 30 9.87 -10.65 0.93
C GLU A 30 10.08 -9.51 -0.05
N LYS A 31 11.34 -9.05 -0.15
CA LYS A 31 11.69 -7.97 -1.05
C LYS A 31 11.51 -8.40 -2.50
N ASP A 32 10.99 -7.49 -3.34
CA ASP A 32 10.78 -7.78 -4.75
C ASP A 32 9.80 -8.96 -4.94
N GLN A 33 8.85 -9.09 -4.02
CA GLN A 33 7.87 -10.17 -4.09
C GLN A 33 6.54 -9.70 -3.50
N ASP A 34 5.69 -9.09 -4.34
CA ASP A 34 4.41 -8.58 -3.87
C ASP A 34 3.56 -8.11 -5.05
N LEU A 35 2.30 -8.57 -5.09
CA LEU A 35 1.38 -8.18 -6.18
C LEU A 35 0.31 -7.25 -5.65
N VAL A 36 0.66 -5.97 -5.59
CA VAL A 36 -0.28 -4.93 -5.11
C VAL A 36 -0.57 -3.94 -6.24
N GLU A 37 -1.85 -3.64 -6.42
CA GLU A 37 -2.27 -2.69 -7.45
C GLU A 37 -2.80 -1.43 -6.80
N VAL A 38 -2.13 -0.30 -7.03
CA VAL A 38 -2.53 0.97 -6.45
C VAL A 38 -3.01 1.93 -7.54
N MET A 39 -4.17 2.54 -7.30
CA MET A 39 -4.76 3.48 -8.25
C MET A 39 -4.73 4.90 -7.67
N THR A 40 -3.92 5.76 -8.29
CA THR A 40 -3.83 7.14 -7.82
C THR A 40 -5.18 7.83 -7.96
N ASP A 41 -5.79 7.68 -9.14
CA ASP A 41 -7.09 8.29 -9.43
C ASP A 41 -7.86 7.42 -10.42
N LYS A 42 -7.35 7.37 -11.65
CA LYS A 42 -7.96 6.57 -12.71
C LYS A 42 -6.89 5.86 -13.53
N VAL A 43 -5.81 5.44 -12.86
CA VAL A 43 -4.71 4.74 -13.52
C VAL A 43 -4.29 3.53 -12.71
N THR A 44 -4.04 2.42 -13.40
CA THR A 44 -3.63 1.18 -12.74
C THR A 44 -2.13 0.97 -12.91
N VAL A 45 -1.40 0.95 -11.79
CA VAL A 45 0.05 0.75 -11.84
C VAL A 45 0.51 -0.27 -10.79
N LYS A 46 1.67 -0.89 -11.04
CA LYS A 46 2.23 -1.88 -10.12
C LYS A 46 3.30 -1.24 -9.25
N ILE A 47 3.30 -1.60 -7.96
CA ILE A 47 4.28 -1.06 -7.02
C ILE A 47 4.87 -2.19 -6.15
N PRO A 48 6.14 -2.49 -6.27
CA PRO A 48 6.78 -3.58 -5.46
C PRO A 48 7.11 -3.13 -4.04
N SER A 49 6.94 -4.05 -3.07
CA SER A 49 7.22 -3.74 -1.66
C SER A 49 8.69 -3.32 -1.51
N PRO A 50 8.97 -2.05 -1.23
CA PRO A 50 10.39 -1.60 -1.11
C PRO A 50 11.15 -2.17 0.12
N VAL A 51 10.44 -2.59 1.17
CA VAL A 51 11.10 -3.12 2.38
C VAL A 51 10.38 -4.37 2.89
N ARG A 52 11.14 -5.47 3.11
CA ARG A 52 10.55 -6.71 3.61
C ARG A 52 10.64 -6.78 5.13
N GLY A 53 9.67 -7.44 5.76
CA GLY A 53 9.67 -7.57 7.23
C GLY A 53 8.45 -8.35 7.71
N LYS A 54 7.75 -7.82 8.73
CA LYS A 54 6.57 -8.48 9.28
C LYS A 54 5.38 -7.54 9.28
N ILE A 55 4.18 -8.11 9.09
CA ILE A 55 2.95 -7.31 9.04
C ILE A 55 2.18 -7.46 10.36
N VAL A 56 1.97 -6.34 11.06
CA VAL A 56 1.25 -6.38 12.35
C VAL A 56 -0.27 -6.48 12.16
N LYS A 57 -0.85 -5.57 11.36
CA LYS A 57 -2.30 -5.60 11.15
C LYS A 57 -2.69 -4.76 9.93
N ILE A 58 -3.86 -5.05 9.38
CA ILE A 58 -4.34 -4.34 8.20
C ILE A 58 -5.14 -3.08 8.59
N LEU A 59 -4.64 -1.92 8.17
CA LEU A 59 -5.32 -0.64 8.49
C LEU A 59 -6.20 -0.19 7.33
N TYR A 60 -5.96 -0.74 6.14
CA TYR A 60 -6.75 -0.38 4.94
C TYR A 60 -7.59 -1.57 4.46
N ARG A 61 -8.77 -1.27 3.91
CA ARG A 61 -9.68 -2.31 3.42
C ARG A 61 -10.02 -2.05 1.95
N GLU A 62 -10.50 -3.08 1.26
CA GLU A 62 -10.83 -2.96 -0.15
C GLU A 62 -11.93 -1.92 -0.40
N GLY A 63 -11.75 -1.13 -1.45
CA GLY A 63 -12.73 -0.11 -1.82
C GLY A 63 -12.57 1.14 -0.97
N GLN A 64 -11.53 1.18 -0.14
CA GLN A 64 -11.30 2.33 0.72
C GLN A 64 -10.73 3.50 -0.07
N VAL A 65 -11.36 4.66 0.09
CA VAL A 65 -10.93 5.90 -0.57
C VAL A 65 -10.57 6.93 0.49
N VAL A 66 -9.38 7.51 0.40
CA VAL A 66 -8.95 8.50 1.39
C VAL A 66 -7.98 9.53 0.78
N PRO A 67 -7.91 10.72 1.35
CA PRO A 67 -6.99 11.80 0.87
C PRO A 67 -5.52 11.48 1.13
N VAL A 68 -4.64 11.91 0.22
CA VAL A 68 -3.21 11.67 0.38
C VAL A 68 -2.72 12.23 1.71
N GLY A 69 -1.98 11.39 2.45
CA GLY A 69 -1.45 11.79 3.76
C GLY A 69 -1.96 10.89 4.87
N SER A 70 -1.76 9.57 4.72
CA SER A 70 -2.23 8.62 5.72
C SER A 70 -1.32 7.39 5.78
N THR A 71 -1.58 6.53 6.76
CA THR A 71 -0.80 5.31 6.94
C THR A 71 -1.58 4.10 6.41
N LEU A 72 -1.04 3.50 5.35
CA LEU A 72 -1.68 2.33 4.74
C LEU A 72 -1.67 1.12 5.66
N LEU A 73 -0.50 0.84 6.22
CA LEU A 73 -0.32 -0.31 7.09
C LEU A 73 0.92 -0.08 7.98
N GLN A 74 1.01 -0.79 9.10
CA GLN A 74 2.13 -0.61 10.02
C GLN A 74 3.14 -1.76 9.91
N ILE A 75 4.42 -1.41 9.72
CA ILE A 75 5.47 -2.42 9.58
C ILE A 75 6.64 -2.15 10.51
N ASP A 76 7.02 -3.17 11.28
CA ASP A 76 8.15 -3.07 12.22
C ASP A 76 9.40 -3.70 11.61
N THR A 77 10.44 -2.89 11.45
CA THR A 77 11.69 -3.38 10.87
C THR A 77 12.46 -4.24 11.88
N MET A 1 10.58 1.23 13.02
CA MET A 1 9.42 0.67 12.27
C MET A 1 9.26 1.42 10.96
N TYR A 2 9.25 0.67 9.86
CA TYR A 2 9.08 1.28 8.53
C TYR A 2 7.61 1.56 8.29
N GLU A 3 7.30 2.77 7.84
CA GLU A 3 5.93 3.17 7.57
C GLU A 3 5.73 3.41 6.07
N PHE A 4 4.77 2.70 5.46
CA PHE A 4 4.50 2.88 4.03
C PHE A 4 3.36 3.86 3.83
N LYS A 5 3.64 4.93 3.09
CA LYS A 5 2.65 5.98 2.81
C LYS A 5 2.59 6.25 1.31
N LEU A 6 1.38 6.23 0.77
CA LEU A 6 1.19 6.48 -0.66
C LEU A 6 2.03 7.70 -1.09
N PRO A 7 3.14 7.52 -1.79
CA PRO A 7 3.98 8.68 -2.23
C PRO A 7 3.18 9.69 -3.05
N ASP A 8 3.51 10.97 -2.89
CA ASP A 8 2.81 12.03 -3.60
C ASP A 8 3.14 12.00 -5.10
N ILE A 9 4.01 11.09 -5.52
CA ILE A 9 4.38 10.99 -6.93
C ILE A 9 4.84 12.34 -7.49
N GLY A 10 4.90 13.36 -6.63
CA GLY A 10 5.35 14.68 -7.06
C GLY A 10 4.29 15.42 -7.86
N GLU A 11 3.02 15.07 -7.65
CA GLU A 11 1.91 15.72 -8.36
C GLU A 11 0.68 15.78 -7.47
N GLY A 12 -0.22 16.72 -7.76
CA GLY A 12 -1.44 16.85 -6.96
C GLY A 12 -2.34 15.64 -7.15
N VAL A 13 -2.89 15.13 -6.05
CA VAL A 13 -3.77 13.95 -6.09
C VAL A 13 -5.07 14.23 -5.33
N THR A 14 -6.20 13.94 -5.97
CA THR A 14 -7.50 14.16 -5.35
C THR A 14 -7.81 13.08 -4.30
N GLU A 15 -7.59 11.81 -4.66
CA GLU A 15 -7.85 10.71 -3.73
C GLU A 15 -7.31 9.40 -4.27
N GLY A 16 -7.03 8.44 -3.37
CA GLY A 16 -6.50 7.14 -3.78
C GLY A 16 -7.52 6.04 -3.51
N GLU A 17 -7.43 4.94 -4.26
CA GLU A 17 -8.36 3.82 -4.09
C GLU A 17 -7.60 2.50 -4.25
N ILE A 18 -7.95 1.52 -3.42
CA ILE A 18 -7.30 0.21 -3.45
C ILE A 18 -8.18 -0.83 -4.15
N VAL A 19 -7.62 -1.47 -5.19
CA VAL A 19 -8.37 -2.49 -5.95
C VAL A 19 -7.97 -3.92 -5.58
N ARG A 20 -6.66 -4.20 -5.46
CA ARG A 20 -6.22 -5.57 -5.16
C ARG A 20 -5.09 -5.63 -4.12
N TRP A 21 -5.16 -6.65 -3.25
CA TRP A 21 -4.13 -6.89 -2.24
C TRP A 21 -3.55 -8.28 -2.45
N ASP A 22 -2.23 -8.42 -2.38
CA ASP A 22 -1.59 -9.74 -2.56
C ASP A 22 -1.07 -10.28 -1.23
N VAL A 23 -1.20 -9.50 -0.18
CA VAL A 23 -0.74 -9.91 1.15
C VAL A 23 -1.80 -9.54 2.19
N LYS A 24 -1.77 -10.20 3.34
CA LYS A 24 -2.76 -9.93 4.39
C LYS A 24 -2.15 -10.06 5.79
N GLU A 25 -2.83 -9.47 6.77
CA GLU A 25 -2.36 -9.50 8.16
C GLU A 25 -2.16 -10.93 8.65
N GLY A 26 -1.08 -11.14 9.40
CA GLY A 26 -0.79 -12.46 9.98
C GLY A 26 0.12 -13.30 9.08
N ASP A 27 0.67 -12.71 8.02
CA ASP A 27 1.55 -13.44 7.10
C ASP A 27 2.88 -12.73 6.88
N MET A 28 3.90 -13.50 6.53
CA MET A 28 5.24 -12.97 6.27
C MET A 28 5.41 -12.55 4.82
N VAL A 29 6.33 -11.61 4.56
CA VAL A 29 6.56 -11.13 3.19
C VAL A 29 8.07 -11.05 2.90
N GLU A 30 8.43 -11.23 1.62
CA GLU A 30 9.83 -11.19 1.20
C GLU A 30 10.12 -9.97 0.33
N LYS A 31 11.40 -9.60 0.24
CA LYS A 31 11.79 -8.44 -0.56
C LYS A 31 11.66 -8.72 -2.04
N ASP A 32 10.47 -8.48 -2.58
CA ASP A 32 10.22 -8.68 -4.00
C ASP A 32 8.83 -8.19 -4.37
N GLN A 33 8.65 -7.93 -5.66
CA GLN A 33 7.37 -7.47 -6.17
C GLN A 33 6.22 -8.28 -5.56
N ASP A 34 5.62 -7.76 -4.48
CA ASP A 34 4.52 -8.45 -3.83
C ASP A 34 3.29 -8.34 -4.71
N LEU A 35 3.45 -7.61 -5.80
CA LEU A 35 2.37 -7.39 -6.75
C LEU A 35 1.20 -6.68 -6.07
N VAL A 36 1.34 -5.37 -5.94
CA VAL A 36 0.31 -4.51 -5.34
C VAL A 36 -0.13 -3.50 -6.38
N GLU A 37 -1.44 -3.34 -6.55
CA GLU A 37 -1.98 -2.39 -7.51
C GLU A 37 -2.66 -1.24 -6.76
N VAL A 38 -2.19 -0.02 -7.00
CA VAL A 38 -2.74 1.15 -6.31
C VAL A 38 -3.08 2.26 -7.32
N MET A 39 -4.22 2.90 -7.12
CA MET A 39 -4.66 3.99 -7.98
C MET A 39 -4.43 5.31 -7.26
N THR A 40 -3.45 6.08 -7.72
CA THR A 40 -3.14 7.34 -7.08
C THR A 40 -4.29 8.34 -7.27
N ASP A 41 -4.79 8.45 -8.50
CA ASP A 41 -5.89 9.38 -8.80
C ASP A 41 -6.90 8.75 -9.75
N LYS A 42 -6.46 8.46 -10.98
CA LYS A 42 -7.36 7.84 -11.98
C LYS A 42 -6.56 6.97 -12.94
N VAL A 43 -5.66 6.16 -12.40
CA VAL A 43 -4.85 5.26 -13.21
C VAL A 43 -4.32 4.12 -12.37
N THR A 44 -4.20 2.94 -12.98
CA THR A 44 -3.70 1.76 -12.26
C THR A 44 -2.23 1.54 -12.58
N VAL A 45 -1.40 1.56 -11.54
CA VAL A 45 0.05 1.36 -11.71
C VAL A 45 0.56 0.30 -10.74
N LYS A 46 1.69 -0.32 -11.10
CA LYS A 46 2.30 -1.36 -10.26
C LYS A 46 3.62 -0.84 -9.68
N ILE A 47 3.83 -1.09 -8.39
CA ILE A 47 5.06 -0.65 -7.72
C ILE A 47 5.74 -1.83 -6.99
N PRO A 48 6.91 -2.27 -7.41
CA PRO A 48 7.62 -3.39 -6.72
C PRO A 48 7.81 -3.07 -5.23
N SER A 49 7.86 -4.11 -4.40
CA SER A 49 8.02 -3.94 -2.94
C SER A 49 9.45 -4.28 -2.47
N PRO A 50 10.32 -3.30 -2.31
CA PRO A 50 11.71 -3.52 -1.83
C PRO A 50 11.80 -3.52 -0.30
N VAL A 51 10.83 -4.16 0.36
CA VAL A 51 10.78 -4.17 1.83
C VAL A 51 10.61 -5.59 2.37
N ARG A 52 11.02 -5.80 3.62
CA ARG A 52 10.91 -7.12 4.26
C ARG A 52 10.75 -6.96 5.77
N GLY A 53 10.03 -7.89 6.39
CA GLY A 53 9.80 -7.85 7.84
C GLY A 53 8.53 -8.60 8.20
N LYS A 54 7.72 -8.04 9.10
CA LYS A 54 6.48 -8.68 9.52
C LYS A 54 5.32 -7.70 9.47
N ILE A 55 4.12 -8.22 9.16
CA ILE A 55 2.93 -7.38 9.10
C ILE A 55 2.18 -7.51 10.42
N VAL A 56 2.03 -6.39 11.13
CA VAL A 56 1.37 -6.40 12.44
C VAL A 56 -0.14 -6.13 12.33
N LYS A 57 -0.52 -5.09 11.58
CA LYS A 57 -1.95 -4.75 11.47
C LYS A 57 -2.29 -4.06 10.16
N ILE A 58 -3.58 -4.15 9.77
CA ILE A 58 -4.08 -3.53 8.56
C ILE A 58 -5.36 -2.76 8.89
N LEU A 59 -5.38 -1.48 8.52
CA LEU A 59 -6.53 -0.61 8.80
C LEU A 59 -7.38 -0.36 7.55
N TYR A 60 -6.82 -0.64 6.37
CA TYR A 60 -7.53 -0.42 5.10
C TYR A 60 -7.96 -1.74 4.45
N ARG A 61 -9.14 -1.70 3.82
CA ARG A 61 -9.70 -2.87 3.14
C ARG A 61 -10.16 -2.49 1.74
N GLU A 62 -10.42 -3.50 0.92
CA GLU A 62 -10.86 -3.26 -0.46
C GLU A 62 -12.12 -2.39 -0.52
N GLY A 63 -12.14 -1.46 -1.47
CA GLY A 63 -13.30 -0.58 -1.66
C GLY A 63 -13.17 0.71 -0.86
N GLN A 64 -12.03 0.92 -0.21
CA GLN A 64 -11.83 2.13 0.59
C GLN A 64 -11.09 3.21 -0.20
N VAL A 65 -11.65 4.42 -0.16
CA VAL A 65 -11.05 5.58 -0.85
C VAL A 65 -10.84 6.69 0.17
N VAL A 66 -9.62 7.22 0.23
CA VAL A 66 -9.30 8.27 1.21
C VAL A 66 -8.27 9.28 0.67
N PRO A 67 -8.41 10.57 0.95
CA PRO A 67 -7.39 11.57 0.49
C PRO A 67 -5.99 11.20 0.99
N VAL A 68 -4.99 11.51 0.18
CA VAL A 68 -3.60 11.21 0.53
C VAL A 68 -3.17 11.95 1.79
N GLY A 69 -2.61 11.19 2.74
CA GLY A 69 -2.14 11.77 4.00
C GLY A 69 -2.50 10.88 5.20
N SER A 70 -2.17 9.59 5.11
CA SER A 70 -2.47 8.66 6.20
C SER A 70 -1.62 7.40 6.12
N THR A 71 -1.53 6.67 7.23
CA THR A 71 -0.75 5.43 7.28
C THR A 71 -1.64 4.24 6.97
N LEU A 72 -1.32 3.56 5.88
CA LEU A 72 -2.09 2.40 5.44
C LEU A 72 -1.64 1.13 6.17
N LEU A 73 -0.45 1.14 6.76
CA LEU A 73 0.02 -0.06 7.45
C LEU A 73 1.26 0.25 8.32
N GLN A 74 1.35 -0.42 9.46
CA GLN A 74 2.52 -0.26 10.36
C GLN A 74 3.35 -1.53 10.24
N ILE A 75 4.60 -1.40 9.80
CA ILE A 75 5.46 -2.56 9.60
C ILE A 75 6.79 -2.43 10.32
N ASP A 76 7.10 -3.46 11.12
CA ASP A 76 8.35 -3.49 11.87
C ASP A 76 9.49 -4.05 11.01
N THR A 77 10.70 -3.53 11.22
CA THR A 77 11.86 -3.98 10.47
C THR A 77 12.48 -5.20 11.13
N MET A 1 10.27 1.10 13.53
CA MET A 1 8.86 1.34 13.12
C MET A 1 8.85 2.12 11.82
N TYR A 2 8.57 1.43 10.71
CA TYR A 2 8.53 2.06 9.39
C TYR A 2 7.09 2.08 8.89
N GLU A 3 6.73 3.17 8.21
CA GLU A 3 5.38 3.31 7.68
C GLU A 3 5.43 3.45 6.16
N PHE A 4 4.61 2.67 5.46
CA PHE A 4 4.59 2.71 3.99
C PHE A 4 3.47 3.62 3.52
N LYS A 5 3.85 4.68 2.80
CA LYS A 5 2.89 5.65 2.27
C LYS A 5 3.03 5.73 0.76
N LEU A 6 1.89 5.81 0.08
CA LEU A 6 1.90 5.90 -1.38
C LEU A 6 2.56 7.23 -1.80
N PRO A 7 3.69 7.20 -2.48
CA PRO A 7 4.40 8.44 -2.90
C PRO A 7 3.71 9.14 -4.08
N ASP A 8 3.99 10.43 -4.24
CA ASP A 8 3.38 11.20 -5.32
C ASP A 8 4.22 11.10 -6.60
N ILE A 9 3.70 10.36 -7.59
CA ILE A 9 4.39 10.22 -8.85
C ILE A 9 4.48 11.57 -9.56
N GLY A 10 3.38 12.32 -9.52
CA GLY A 10 3.31 13.63 -10.15
C GLY A 10 2.45 13.59 -11.40
N GLU A 11 1.78 12.46 -11.62
CA GLU A 11 0.93 12.30 -12.79
C GLU A 11 -0.24 13.28 -12.73
N GLY A 12 -0.77 13.48 -11.52
CA GLY A 12 -1.90 14.39 -11.34
C GLY A 12 -2.56 14.17 -9.98
N VAL A 13 -2.74 12.91 -9.60
CA VAL A 13 -3.35 12.57 -8.31
C VAL A 13 -4.74 13.21 -8.19
N THR A 14 -5.64 12.49 -7.53
CA THR A 14 -7.01 12.96 -7.31
C THR A 14 -7.56 12.36 -6.02
N GLU A 15 -7.18 11.11 -5.75
CA GLU A 15 -7.62 10.41 -4.54
C GLU A 15 -6.91 9.06 -4.43
N GLY A 16 -6.85 8.50 -3.21
CA GLY A 16 -6.21 7.21 -2.99
C GLY A 16 -7.24 6.12 -2.82
N GLU A 17 -7.24 5.12 -3.70
CA GLU A 17 -8.20 4.01 -3.62
C GLU A 17 -7.51 2.68 -3.79
N ILE A 18 -7.91 1.71 -2.97
CA ILE A 18 -7.31 0.36 -3.01
C ILE A 18 -8.25 -0.61 -3.70
N VAL A 19 -7.78 -1.25 -4.78
CA VAL A 19 -8.61 -2.21 -5.52
C VAL A 19 -8.23 -3.66 -5.20
N ARG A 20 -6.93 -3.97 -5.08
CA ARG A 20 -6.50 -5.36 -4.82
C ARG A 20 -5.36 -5.45 -3.81
N TRP A 21 -5.38 -6.56 -3.04
CA TRP A 21 -4.35 -6.86 -2.05
C TRP A 21 -3.84 -8.29 -2.32
N ASP A 22 -2.53 -8.51 -2.16
CA ASP A 22 -1.96 -9.86 -2.40
C ASP A 22 -1.18 -10.35 -1.19
N VAL A 23 -1.49 -9.79 -0.02
CA VAL A 23 -0.83 -10.18 1.22
C VAL A 23 -1.87 -10.37 2.33
N LYS A 24 -1.53 -11.18 3.33
CA LYS A 24 -2.45 -11.44 4.45
C LYS A 24 -1.81 -11.02 5.76
N GLU A 25 -2.58 -10.33 6.60
CA GLU A 25 -2.06 -9.87 7.88
C GLU A 25 -1.58 -11.05 8.72
N GLY A 26 -0.43 -10.87 9.38
CA GLY A 26 0.13 -11.91 10.23
C GLY A 26 1.03 -12.86 9.43
N ASP A 27 1.27 -12.54 8.16
CA ASP A 27 2.11 -13.36 7.30
C ASP A 27 3.38 -12.60 6.90
N MET A 28 4.42 -13.35 6.54
CA MET A 28 5.70 -12.73 6.16
C MET A 28 5.64 -12.25 4.70
N VAL A 29 6.37 -11.17 4.42
CA VAL A 29 6.39 -10.59 3.08
C VAL A 29 7.81 -10.56 2.53
N GLU A 30 7.98 -10.94 1.26
CA GLU A 30 9.31 -10.95 0.63
C GLU A 30 9.39 -9.85 -0.43
N LYS A 31 10.52 -9.16 -0.45
CA LYS A 31 10.73 -8.07 -1.40
C LYS A 31 10.83 -8.62 -2.84
N ASP A 32 10.17 -7.92 -3.78
CA ASP A 32 10.19 -8.33 -5.19
C ASP A 32 9.11 -9.39 -5.48
N GLN A 33 8.51 -9.94 -4.42
CA GLN A 33 7.47 -10.97 -4.59
C GLN A 33 6.15 -10.49 -3.99
N ASP A 34 5.39 -9.71 -4.76
CA ASP A 34 4.12 -9.20 -4.28
C ASP A 34 3.35 -8.54 -5.42
N LEU A 35 2.04 -8.78 -5.45
CA LEU A 35 1.18 -8.20 -6.49
C LEU A 35 0.21 -7.21 -5.87
N VAL A 36 0.66 -5.95 -5.79
CA VAL A 36 -0.16 -4.88 -5.21
C VAL A 36 -0.44 -3.83 -6.28
N GLU A 37 -1.71 -3.46 -6.41
CA GLU A 37 -2.13 -2.45 -7.39
C GLU A 37 -2.80 -1.29 -6.68
N VAL A 38 -2.31 -0.08 -6.94
CA VAL A 38 -2.88 1.12 -6.32
C VAL A 38 -3.23 2.13 -7.40
N MET A 39 -4.25 2.94 -7.14
CA MET A 39 -4.70 3.95 -8.10
C MET A 39 -4.57 5.35 -7.52
N THR A 40 -4.05 6.28 -8.33
CA THR A 40 -3.86 7.66 -7.90
C THR A 40 -4.80 8.60 -8.65
N ASP A 41 -4.68 8.59 -9.97
CA ASP A 41 -5.52 9.45 -10.83
C ASP A 41 -6.13 8.62 -11.97
N LYS A 42 -6.93 7.61 -11.63
CA LYS A 42 -7.54 6.74 -12.64
C LYS A 42 -6.44 6.01 -13.43
N VAL A 43 -5.35 5.70 -12.74
CA VAL A 43 -4.22 4.99 -13.34
C VAL A 43 -3.87 3.78 -12.50
N THR A 44 -3.63 2.65 -13.16
CA THR A 44 -3.28 1.41 -12.45
C THR A 44 -1.80 1.09 -12.62
N VAL A 45 -1.08 1.02 -11.50
CA VAL A 45 0.36 0.73 -11.53
C VAL A 45 0.74 -0.33 -10.51
N LYS A 46 1.85 -1.01 -10.75
CA LYS A 46 2.36 -2.06 -9.86
C LYS A 46 3.73 -1.66 -9.31
N ILE A 47 3.92 -1.86 -8.00
CA ILE A 47 5.19 -1.52 -7.36
C ILE A 47 5.63 -2.65 -6.39
N PRO A 48 6.91 -2.80 -6.09
CA PRO A 48 7.39 -3.88 -5.16
C PRO A 48 6.73 -3.78 -3.78
N SER A 49 6.52 -4.93 -3.14
CA SER A 49 5.90 -4.97 -1.81
C SER A 49 6.44 -3.84 -0.92
N PRO A 50 5.80 -3.58 0.19
CA PRO A 50 6.21 -2.48 1.13
C PRO A 50 7.41 -2.88 2.01
N VAL A 51 8.52 -3.30 1.38
CA VAL A 51 9.73 -3.69 2.13
C VAL A 51 9.46 -4.93 3.00
N ARG A 52 10.12 -6.05 2.66
CA ARG A 52 9.97 -7.29 3.41
C ARG A 52 10.20 -7.09 4.91
N GLY A 53 9.46 -7.84 5.71
CA GLY A 53 9.59 -7.76 7.17
C GLY A 53 8.42 -8.47 7.85
N LYS A 54 7.84 -7.83 8.86
CA LYS A 54 6.70 -8.41 9.59
C LYS A 54 5.48 -7.49 9.50
N ILE A 55 4.34 -8.05 9.12
CA ILE A 55 3.11 -7.27 9.01
C ILE A 55 2.29 -7.41 10.29
N VAL A 56 2.04 -6.30 10.98
CA VAL A 56 1.28 -6.34 12.23
C VAL A 56 -0.22 -6.50 11.95
N LYS A 57 -0.78 -5.63 11.12
CA LYS A 57 -2.21 -5.71 10.83
C LYS A 57 -2.57 -4.86 9.62
N ILE A 58 -3.75 -5.16 9.05
CA ILE A 58 -4.24 -4.43 7.88
C ILE A 58 -5.09 -3.24 8.33
N LEU A 59 -4.53 -2.04 8.19
CA LEU A 59 -5.24 -0.84 8.61
C LEU A 59 -6.37 -0.46 7.63
N TYR A 60 -6.17 -0.75 6.34
CA TYR A 60 -7.18 -0.42 5.31
C TYR A 60 -7.72 -1.67 4.62
N ARG A 61 -9.00 -1.59 4.23
CA ARG A 61 -9.67 -2.69 3.54
C ARG A 61 -10.20 -2.22 2.19
N GLU A 62 -10.48 -3.16 1.30
CA GLU A 62 -10.98 -2.83 -0.03
C GLU A 62 -12.25 -1.99 0.03
N GLY A 63 -12.37 -1.03 -0.88
CA GLY A 63 -13.56 -0.16 -0.96
C GLY A 63 -13.33 1.18 -0.27
N GLN A 64 -12.12 1.42 0.21
CA GLN A 64 -11.82 2.69 0.90
C GLN A 64 -11.15 3.69 -0.04
N VAL A 65 -11.68 4.91 -0.02
CA VAL A 65 -11.15 6.01 -0.84
C VAL A 65 -10.76 7.17 0.08
N VAL A 66 -9.49 7.59 0.03
CA VAL A 66 -9.02 8.67 0.88
C VAL A 66 -7.91 9.49 0.18
N PRO A 67 -7.89 10.81 0.29
CA PRO A 67 -6.81 11.62 -0.36
C PRO A 67 -5.41 11.13 0.03
N VAL A 68 -4.49 11.20 -0.95
CA VAL A 68 -3.10 10.76 -0.72
C VAL A 68 -2.46 11.55 0.42
N GLY A 69 -1.89 10.81 1.38
CA GLY A 69 -1.21 11.43 2.53
C GLY A 69 -1.46 10.65 3.82
N SER A 70 -1.21 9.34 3.80
CA SER A 70 -1.41 8.52 5.00
C SER A 70 -0.78 7.14 4.85
N THR A 71 -0.71 6.41 5.96
CA THR A 71 -0.14 5.05 5.96
C THR A 71 -1.25 4.01 6.01
N LEU A 72 -1.30 3.15 5.00
CA LEU A 72 -2.34 2.14 4.92
C LEU A 72 -1.97 0.83 5.64
N LEU A 73 -0.72 0.72 6.09
CA LEU A 73 -0.29 -0.50 6.80
C LEU A 73 0.93 -0.19 7.67
N GLN A 74 1.03 -0.83 8.84
CA GLN A 74 2.15 -0.58 9.77
C GLN A 74 3.16 -1.73 9.73
N ILE A 75 4.45 -1.38 9.64
CA ILE A 75 5.51 -2.40 9.56
C ILE A 75 6.64 -2.10 10.54
N ASP A 76 7.01 -3.11 11.33
CA ASP A 76 8.12 -2.99 12.28
C ASP A 76 9.38 -3.64 11.72
N THR A 77 10.40 -2.82 11.45
CA THR A 77 11.64 -3.35 10.91
C THR A 77 12.19 -4.45 11.81
N MET A 1 9.75 0.08 13.50
CA MET A 1 8.36 0.56 13.23
C MET A 1 8.39 1.58 12.10
N TYR A 2 8.61 1.11 10.87
CA TYR A 2 8.65 1.99 9.71
C TYR A 2 7.25 2.12 9.13
N GLU A 3 6.85 3.35 8.84
CA GLU A 3 5.52 3.62 8.30
C GLU A 3 5.56 3.72 6.78
N PHE A 4 4.77 2.86 6.12
CA PHE A 4 4.71 2.87 4.65
C PHE A 4 3.59 3.79 4.20
N LYS A 5 3.96 4.90 3.55
CA LYS A 5 3.01 5.88 3.06
C LYS A 5 3.03 5.94 1.54
N LEU A 6 1.87 6.20 0.95
CA LEU A 6 1.77 6.30 -0.51
C LEU A 6 2.70 7.42 -1.01
N PRO A 7 3.79 7.12 -1.70
CA PRO A 7 4.71 8.19 -2.19
C PRO A 7 4.00 9.25 -3.02
N ASP A 8 4.40 10.50 -2.83
CA ASP A 8 3.80 11.62 -3.54
C ASP A 8 4.41 11.76 -4.95
N ILE A 9 4.98 10.67 -5.47
CA ILE A 9 5.61 10.70 -6.80
C ILE A 9 4.72 9.96 -7.81
N GLY A 10 4.48 10.61 -8.95
CA GLY A 10 3.65 10.02 -9.99
C GLY A 10 3.04 11.10 -10.88
N GLU A 11 2.20 10.69 -11.83
CA GLU A 11 1.56 11.65 -12.73
C GLU A 11 0.60 12.53 -11.95
N GLY A 12 -0.13 11.92 -11.02
CA GLY A 12 -1.09 12.66 -10.20
C GLY A 12 -1.84 11.71 -9.28
N VAL A 13 -2.39 12.25 -8.20
CA VAL A 13 -3.15 11.43 -7.24
C VAL A 13 -4.21 12.26 -6.54
N THR A 14 -5.38 12.39 -7.17
CA THR A 14 -6.47 13.15 -6.59
C THR A 14 -6.95 12.46 -5.31
N GLU A 15 -6.71 11.16 -5.23
CA GLU A 15 -7.10 10.37 -4.06
C GLU A 15 -6.56 8.95 -4.18
N GLY A 16 -6.35 8.29 -3.04
CA GLY A 16 -5.81 6.93 -3.02
C GLY A 16 -6.92 5.89 -2.95
N GLU A 17 -7.01 5.02 -3.97
CA GLU A 17 -8.02 3.96 -3.99
C GLU A 17 -7.34 2.62 -4.19
N ILE A 18 -7.73 1.64 -3.39
CA ILE A 18 -7.14 0.29 -3.45
C ILE A 18 -8.06 -0.69 -4.17
N VAL A 19 -7.55 -1.29 -5.25
CA VAL A 19 -8.32 -2.26 -6.01
C VAL A 19 -8.11 -3.69 -5.50
N ARG A 20 -6.86 -4.07 -5.23
CA ARG A 20 -6.56 -5.43 -4.75
C ARG A 20 -5.38 -5.47 -3.75
N TRP A 21 -5.46 -6.42 -2.80
CA TRP A 21 -4.38 -6.65 -1.82
C TRP A 21 -3.82 -8.05 -2.07
N ASP A 22 -2.50 -8.20 -2.05
CA ASP A 22 -1.89 -9.53 -2.29
C ASP A 22 -1.35 -10.15 -1.00
N VAL A 23 -1.52 -9.45 0.12
CA VAL A 23 -1.05 -9.96 1.41
C VAL A 23 -2.08 -9.75 2.50
N LYS A 24 -1.98 -10.52 3.58
CA LYS A 24 -2.91 -10.42 4.71
C LYS A 24 -2.15 -10.46 6.03
N GLU A 25 -2.74 -9.83 7.04
CA GLU A 25 -2.14 -9.81 8.37
C GLU A 25 -1.88 -11.22 8.89
N GLY A 26 -0.74 -11.40 9.57
CA GLY A 26 -0.41 -12.71 10.14
C GLY A 26 0.49 -13.53 9.22
N ASP A 27 0.99 -12.92 8.13
CA ASP A 27 1.85 -13.64 7.19
C ASP A 27 3.11 -12.84 6.88
N MET A 28 4.26 -13.52 6.88
CA MET A 28 5.54 -12.88 6.62
C MET A 28 5.78 -12.71 5.12
N VAL A 29 6.53 -11.66 4.74
CA VAL A 29 6.82 -11.42 3.33
C VAL A 29 8.24 -10.87 3.16
N GLU A 30 8.87 -11.22 2.03
CA GLU A 30 10.25 -10.79 1.75
C GLU A 30 10.30 -9.62 0.76
N LYS A 31 11.44 -8.94 0.74
CA LYS A 31 11.65 -7.78 -0.14
C LYS A 31 11.41 -8.14 -1.61
N ASP A 32 10.73 -7.24 -2.33
CA ASP A 32 10.43 -7.45 -3.74
C ASP A 32 9.59 -8.71 -3.96
N GLN A 33 8.56 -8.89 -3.12
CA GLN A 33 7.67 -10.05 -3.24
C GLN A 33 6.25 -9.68 -2.83
N ASP A 34 5.46 -9.20 -3.80
CA ASP A 34 4.08 -8.81 -3.53
C ASP A 34 3.51 -8.09 -4.76
N LEU A 35 2.21 -8.23 -4.97
CA LEU A 35 1.53 -7.57 -6.11
C LEU A 35 0.44 -6.66 -5.57
N VAL A 36 0.74 -5.37 -5.54
CA VAL A 36 -0.21 -4.36 -5.06
C VAL A 36 -0.56 -3.42 -6.21
N GLU A 37 -1.86 -3.20 -6.39
CA GLU A 37 -2.34 -2.32 -7.45
C GLU A 37 -3.08 -1.13 -6.85
N VAL A 38 -2.69 0.08 -7.25
CA VAL A 38 -3.30 1.31 -6.75
C VAL A 38 -3.90 2.08 -7.93
N MET A 39 -5.16 2.46 -7.79
CA MET A 39 -5.87 3.21 -8.84
C MET A 39 -6.08 4.66 -8.41
N THR A 40 -5.75 5.59 -9.29
CA THR A 40 -5.89 7.02 -9.01
C THR A 40 -6.93 7.64 -9.94
N ASP A 41 -6.50 8.03 -11.14
CA ASP A 41 -7.40 8.63 -12.13
C ASP A 41 -7.84 7.57 -13.13
N LYS A 42 -8.33 6.44 -12.61
CA LYS A 42 -8.76 5.33 -13.45
C LYS A 42 -7.57 4.74 -14.20
N VAL A 43 -6.41 4.74 -13.53
CA VAL A 43 -5.18 4.18 -14.11
C VAL A 43 -4.57 3.18 -13.15
N THR A 44 -4.14 2.04 -13.67
CA THR A 44 -3.55 0.99 -12.84
C THR A 44 -2.03 1.07 -12.88
N VAL A 45 -1.41 1.31 -11.72
CA VAL A 45 0.05 1.40 -11.62
C VAL A 45 0.57 0.41 -10.59
N LYS A 46 1.59 -0.35 -10.98
CA LYS A 46 2.18 -1.36 -10.09
C LYS A 46 3.37 -0.76 -9.34
N ILE A 47 3.43 -1.04 -8.04
CA ILE A 47 4.52 -0.54 -7.19
C ILE A 47 4.97 -1.61 -6.19
N PRO A 48 6.01 -2.37 -6.49
CA PRO A 48 6.52 -3.43 -5.56
C PRO A 48 6.89 -2.82 -4.19
N SER A 49 6.66 -3.60 -3.13
CA SER A 49 6.98 -3.13 -1.78
C SER A 49 8.48 -2.94 -1.61
N PRO A 50 8.98 -1.73 -1.42
CA PRO A 50 10.45 -1.51 -1.28
C PRO A 50 11.05 -2.10 0.01
N VAL A 51 10.22 -2.27 1.05
CA VAL A 51 10.70 -2.81 2.33
C VAL A 51 9.71 -3.85 2.88
N ARG A 52 10.20 -5.06 3.17
CA ARG A 52 9.34 -6.14 3.69
C ARG A 52 10.00 -6.84 4.86
N GLY A 53 9.18 -7.44 5.73
CA GLY A 53 9.67 -8.14 6.91
C GLY A 53 8.51 -8.80 7.64
N LYS A 54 7.84 -8.03 8.51
CA LYS A 54 6.70 -8.55 9.27
C LYS A 54 5.50 -7.60 9.15
N ILE A 55 4.31 -8.16 8.95
CA ILE A 55 3.09 -7.37 8.84
C ILE A 55 2.28 -7.50 10.14
N VAL A 56 2.07 -6.37 10.82
CA VAL A 56 1.37 -6.39 12.12
C VAL A 56 -0.15 -6.29 11.97
N LYS A 57 -0.64 -5.29 11.24
CA LYS A 57 -2.10 -5.13 11.09
C LYS A 57 -2.45 -4.27 9.88
N ILE A 58 -3.65 -4.49 9.35
CA ILE A 58 -4.13 -3.75 8.18
C ILE A 58 -5.23 -2.75 8.59
N LEU A 59 -5.01 -1.46 8.31
CA LEU A 59 -5.98 -0.42 8.66
C LEU A 59 -6.87 -0.06 7.47
N TYR A 60 -6.43 -0.43 6.26
CA TYR A 60 -7.18 -0.14 5.04
C TYR A 60 -7.83 -1.40 4.48
N ARG A 61 -9.06 -1.26 3.97
CA ARG A 61 -9.80 -2.38 3.39
C ARG A 61 -10.17 -2.09 1.93
N GLU A 62 -10.52 -3.15 1.21
CA GLU A 62 -10.88 -3.05 -0.20
C GLU A 62 -11.99 -2.02 -0.44
N GLY A 63 -11.82 -1.19 -1.46
CA GLY A 63 -12.84 -0.20 -1.81
C GLY A 63 -12.71 1.09 -1.00
N GLN A 64 -11.65 1.23 -0.21
CA GLN A 64 -11.48 2.45 0.59
C GLN A 64 -10.78 3.55 -0.20
N VAL A 65 -11.35 4.74 -0.11
CA VAL A 65 -10.82 5.92 -0.80
C VAL A 65 -10.50 7.00 0.21
N VAL A 66 -9.25 7.48 0.21
CA VAL A 66 -8.83 8.51 1.16
C VAL A 66 -7.75 9.43 0.56
N PRO A 67 -7.82 10.75 0.74
CA PRO A 67 -6.76 11.68 0.22
C PRO A 67 -5.36 11.36 0.77
N VAL A 68 -4.33 11.70 0.01
CA VAL A 68 -2.94 11.45 0.42
C VAL A 68 -2.68 12.07 1.80
N GLY A 69 -2.05 11.29 2.68
CA GLY A 69 -1.72 11.75 4.03
C GLY A 69 -2.24 10.80 5.10
N SER A 70 -1.92 9.51 4.98
CA SER A 70 -2.38 8.52 5.96
C SER A 70 -1.44 7.31 6.02
N THR A 71 -1.66 6.47 7.03
CA THR A 71 -0.85 5.26 7.20
C THR A 71 -1.66 4.05 6.77
N LEU A 72 -1.25 3.43 5.67
CA LEU A 72 -1.96 2.26 5.16
C LEU A 72 -1.69 1.03 6.02
N LEU A 73 -0.43 0.82 6.38
CA LEU A 73 -0.04 -0.35 7.16
C LEU A 73 1.22 -0.03 7.97
N GLN A 74 1.35 -0.64 9.15
CA GLN A 74 2.52 -0.42 10.00
C GLN A 74 3.44 -1.64 9.90
N ILE A 75 4.74 -1.37 9.71
CA ILE A 75 5.72 -2.45 9.54
C ILE A 75 6.88 -2.32 10.51
N ASP A 76 7.18 -3.42 11.22
CA ASP A 76 8.28 -3.46 12.18
C ASP A 76 9.53 -4.03 11.51
N THR A 77 10.54 -3.19 11.32
CA THR A 77 11.78 -3.63 10.69
C THR A 77 12.58 -4.51 11.64
N MET A 1 9.45 0.01 13.22
CA MET A 1 8.29 0.96 13.21
C MET A 1 8.38 1.84 11.98
N TYR A 2 8.62 1.22 10.83
CA TYR A 2 8.75 1.95 9.57
C TYR A 2 7.37 2.14 8.96
N GLU A 3 7.04 3.40 8.66
CA GLU A 3 5.73 3.73 8.08
C GLU A 3 5.80 3.74 6.55
N PHE A 4 4.82 3.11 5.91
CA PHE A 4 4.76 3.06 4.44
C PHE A 4 3.61 3.93 3.97
N LYS A 5 3.96 5.07 3.37
CA LYS A 5 2.97 6.01 2.86
C LYS A 5 3.05 6.10 1.35
N LEU A 6 1.90 6.20 0.70
CA LEU A 6 1.87 6.29 -0.77
C LEU A 6 2.43 7.67 -1.20
N PRO A 7 3.59 7.73 -1.84
CA PRO A 7 4.20 9.04 -2.25
C PRO A 7 3.45 9.73 -3.38
N ASP A 8 3.59 11.05 -3.47
CA ASP A 8 2.91 11.81 -4.51
C ASP A 8 3.58 11.59 -5.86
N ILE A 9 3.01 10.71 -6.67
CA ILE A 9 3.57 10.43 -7.99
C ILE A 9 3.49 11.70 -8.84
N GLY A 10 2.34 12.37 -8.73
CA GLY A 10 2.11 13.61 -9.47
C GLY A 10 1.10 14.48 -8.74
N GLU A 11 1.07 15.77 -9.09
CA GLU A 11 0.16 16.70 -8.45
C GLU A 11 -1.30 16.36 -8.79
N GLY A 12 -1.51 15.81 -9.96
CA GLY A 12 -2.87 15.45 -10.39
C GLY A 12 -3.41 14.26 -9.59
N VAL A 13 -2.92 14.10 -8.36
CA VAL A 13 -3.37 12.99 -7.49
C VAL A 13 -3.82 13.55 -6.14
N THR A 14 -5.05 13.23 -5.75
CA THR A 14 -5.60 13.70 -4.47
C THR A 14 -6.38 12.59 -3.77
N GLU A 15 -6.48 11.42 -4.39
CA GLU A 15 -7.21 10.28 -3.80
C GLU A 15 -6.47 8.98 -4.07
N GLY A 16 -6.51 8.07 -3.09
CA GLY A 16 -5.85 6.77 -3.21
C GLY A 16 -6.85 5.65 -2.93
N GLU A 17 -6.99 4.71 -3.88
CA GLU A 17 -7.93 3.59 -3.72
C GLU A 17 -7.23 2.26 -3.96
N ILE A 18 -7.54 1.27 -3.12
CA ILE A 18 -6.93 -0.06 -3.24
C ILE A 18 -7.90 -1.04 -3.89
N VAL A 19 -7.54 -1.51 -5.08
CA VAL A 19 -8.37 -2.47 -5.80
C VAL A 19 -8.06 -3.90 -5.35
N ARG A 20 -6.77 -4.20 -5.17
CA ARG A 20 -6.35 -5.54 -4.73
C ARG A 20 -5.18 -5.46 -3.75
N TRP A 21 -5.14 -6.41 -2.80
CA TRP A 21 -4.05 -6.47 -1.81
C TRP A 21 -3.17 -7.67 -2.11
N ASP A 22 -1.86 -7.48 -2.01
CA ASP A 22 -0.92 -8.57 -2.28
C ASP A 22 -0.94 -9.59 -1.16
N VAL A 23 -1.01 -9.11 0.08
CA VAL A 23 -0.98 -9.99 1.25
C VAL A 23 -1.99 -9.56 2.31
N LYS A 24 -2.26 -10.44 3.27
CA LYS A 24 -3.21 -10.15 4.34
C LYS A 24 -2.54 -10.22 5.71
N GLU A 25 -3.04 -9.42 6.65
CA GLU A 25 -2.50 -9.38 8.00
C GLU A 25 -2.24 -10.78 8.52
N GLY A 26 -1.12 -10.96 9.21
CA GLY A 26 -0.77 -12.26 9.80
C GLY A 26 0.10 -13.12 8.89
N ASP A 27 0.58 -12.59 7.77
CA ASP A 27 1.43 -13.37 6.87
C ASP A 27 2.64 -12.56 6.41
N MET A 28 3.72 -13.28 6.07
CA MET A 28 4.97 -12.65 5.63
C MET A 28 4.90 -12.19 4.17
N VAL A 29 5.71 -11.19 3.83
CA VAL A 29 5.79 -10.67 2.46
C VAL A 29 7.25 -10.52 2.04
N GLU A 30 7.51 -10.59 0.74
CA GLU A 30 8.88 -10.46 0.22
C GLU A 30 9.02 -9.19 -0.61
N LYS A 31 10.22 -8.60 -0.58
CA LYS A 31 10.49 -7.38 -1.34
C LYS A 31 10.89 -7.70 -2.77
N ASP A 32 9.90 -7.89 -3.63
CA ASP A 32 10.17 -8.18 -5.03
C ASP A 32 8.92 -8.02 -5.89
N GLN A 33 8.63 -6.77 -6.25
CA GLN A 33 7.47 -6.46 -7.08
C GLN A 33 6.17 -6.83 -6.37
N ASP A 34 5.96 -8.13 -6.16
CA ASP A 34 4.75 -8.60 -5.51
C ASP A 34 3.54 -8.22 -6.38
N LEU A 35 2.33 -8.35 -5.82
CA LEU A 35 1.11 -8.01 -6.59
C LEU A 35 0.24 -7.01 -5.83
N VAL A 36 0.67 -5.75 -5.83
CA VAL A 36 -0.10 -4.67 -5.20
C VAL A 36 -0.42 -3.65 -6.29
N GLU A 37 -1.71 -3.30 -6.39
CA GLU A 37 -2.17 -2.36 -7.41
C GLU A 37 -2.91 -1.19 -6.78
N VAL A 38 -2.51 0.02 -7.14
CA VAL A 38 -3.15 1.23 -6.64
C VAL A 38 -3.73 2.00 -7.83
N MET A 39 -4.98 2.44 -7.66
CA MET A 39 -5.69 3.17 -8.71
C MET A 39 -6.07 4.57 -8.21
N THR A 40 -5.48 5.59 -8.81
CA THR A 40 -5.77 6.96 -8.41
C THR A 40 -7.23 7.28 -8.68
N ASP A 41 -7.66 7.02 -9.91
CA ASP A 41 -9.05 7.24 -10.32
C ASP A 41 -9.46 6.19 -11.35
N LYS A 42 -8.60 6.00 -12.34
CA LYS A 42 -8.85 5.01 -13.39
C LYS A 42 -7.55 4.68 -14.12
N VAL A 43 -6.51 4.35 -13.36
CA VAL A 43 -5.21 4.02 -13.94
C VAL A 43 -4.63 2.78 -13.25
N THR A 44 -3.68 2.13 -13.92
CA THR A 44 -3.02 0.94 -13.36
C THR A 44 -1.57 1.27 -13.01
N VAL A 45 -1.26 1.22 -11.72
CA VAL A 45 0.09 1.52 -11.25
C VAL A 45 0.63 0.42 -10.33
N LYS A 46 1.70 -0.23 -10.76
CA LYS A 46 2.33 -1.30 -9.98
C LYS A 46 3.52 -0.73 -9.20
N ILE A 47 3.64 -1.12 -7.92
CA ILE A 47 4.74 -0.61 -7.08
C ILE A 47 5.30 -1.75 -6.19
N PRO A 48 6.61 -1.84 -5.99
CA PRO A 48 7.19 -2.91 -5.11
C PRO A 48 6.53 -2.92 -3.73
N SER A 49 6.40 -4.11 -3.15
CA SER A 49 5.77 -4.25 -1.82
C SER A 49 6.35 -3.21 -0.83
N PRO A 50 5.87 -3.19 0.39
CA PRO A 50 6.33 -2.22 1.42
C PRO A 50 7.56 -2.69 2.22
N VAL A 51 8.60 -3.15 1.52
CA VAL A 51 9.84 -3.59 2.19
C VAL A 51 9.60 -4.85 3.03
N ARG A 52 10.35 -5.92 2.73
CA ARG A 52 10.24 -7.19 3.44
C ARG A 52 10.30 -7.00 4.95
N GLY A 53 9.42 -7.69 5.67
CA GLY A 53 9.38 -7.60 7.12
C GLY A 53 8.22 -8.40 7.69
N LYS A 54 7.57 -7.87 8.74
CA LYS A 54 6.44 -8.57 9.37
C LYS A 54 5.23 -7.63 9.42
N ILE A 55 4.09 -8.10 8.89
CA ILE A 55 2.88 -7.28 8.88
C ILE A 55 2.08 -7.57 10.15
N VAL A 56 1.86 -6.55 10.97
CA VAL A 56 1.15 -6.73 12.25
C VAL A 56 -0.31 -6.27 12.20
N LYS A 57 -0.60 -5.14 11.55
CA LYS A 57 -1.97 -4.63 11.50
C LYS A 57 -2.27 -3.94 10.18
N ILE A 58 -3.56 -3.92 9.83
CA ILE A 58 -4.01 -3.31 8.58
C ILE A 58 -5.13 -2.30 8.86
N LEU A 59 -4.96 -1.08 8.36
CA LEU A 59 -5.94 -0.02 8.56
C LEU A 59 -6.83 0.16 7.32
N TYR A 60 -6.33 -0.29 6.18
CA TYR A 60 -7.07 -0.16 4.91
C TYR A 60 -7.66 -1.50 4.47
N ARG A 61 -8.87 -1.45 3.91
CA ARG A 61 -9.55 -2.64 3.43
C ARG A 61 -9.88 -2.49 1.95
N GLU A 62 -10.24 -3.60 1.32
CA GLU A 62 -10.57 -3.61 -0.10
C GLU A 62 -11.65 -2.58 -0.43
N GLY A 63 -11.37 -1.73 -1.42
CA GLY A 63 -12.34 -0.72 -1.85
C GLY A 63 -12.26 0.55 -1.00
N GLN A 64 -11.28 0.63 -0.11
CA GLN A 64 -11.15 1.81 0.74
C GLN A 64 -10.49 2.95 -0.02
N VAL A 65 -11.05 4.16 0.12
CA VAL A 65 -10.52 5.35 -0.55
C VAL A 65 -10.26 6.44 0.50
N VAL A 66 -9.07 7.04 0.43
CA VAL A 66 -8.68 8.09 1.39
C VAL A 66 -7.72 9.10 0.74
N PRO A 67 -7.88 10.39 0.95
CA PRO A 67 -6.93 11.39 0.37
C PRO A 67 -5.46 11.05 0.68
N VAL A 68 -4.60 11.21 -0.32
CA VAL A 68 -3.18 10.91 -0.14
C VAL A 68 -2.60 11.74 1.01
N GLY A 69 -1.93 11.06 1.93
CA GLY A 69 -1.30 11.72 3.09
C GLY A 69 -1.54 10.96 4.39
N SER A 70 -1.28 9.65 4.40
CA SER A 70 -1.49 8.85 5.60
C SER A 70 -0.80 7.50 5.47
N THR A 71 -0.65 6.79 6.59
CA THR A 71 -0.02 5.46 6.60
C THR A 71 -1.11 4.39 6.60
N LEU A 72 -1.07 3.53 5.59
CA LEU A 72 -2.09 2.48 5.47
C LEU A 72 -1.70 1.20 6.17
N LEU A 73 -0.48 1.15 6.71
CA LEU A 73 -0.02 -0.06 7.39
C LEU A 73 1.19 0.25 8.28
N GLN A 74 1.26 -0.39 9.45
CA GLN A 74 2.38 -0.19 10.36
C GLN A 74 3.29 -1.42 10.26
N ILE A 75 4.57 -1.20 9.96
CA ILE A 75 5.53 -2.30 9.79
C ILE A 75 6.72 -2.17 10.73
N ASP A 76 6.96 -3.25 11.47
CA ASP A 76 8.08 -3.29 12.42
C ASP A 76 9.28 -3.99 11.80
N THR A 77 10.34 -3.24 11.53
CA THR A 77 11.53 -3.81 10.92
C THR A 77 12.04 -4.99 11.74
N MET A 1 10.10 0.02 13.62
CA MET A 1 8.81 0.75 13.48
C MET A 1 8.88 1.68 12.27
N TYR A 2 8.34 1.22 11.14
CA TYR A 2 8.33 2.00 9.90
C TYR A 2 6.91 2.11 9.38
N GLU A 3 6.60 3.22 8.71
CA GLU A 3 5.26 3.45 8.15
C GLU A 3 5.33 3.60 6.64
N PHE A 4 4.50 2.83 5.94
CA PHE A 4 4.48 2.90 4.47
C PHE A 4 3.52 3.99 4.01
N LYS A 5 4.02 4.89 3.17
CA LYS A 5 3.23 6.00 2.65
C LYS A 5 3.16 5.93 1.14
N LEU A 6 1.96 6.10 0.59
CA LEU A 6 1.80 6.05 -0.86
C LEU A 6 2.58 7.20 -1.50
N PRO A 7 3.51 6.94 -2.41
CA PRO A 7 4.32 8.01 -3.04
C PRO A 7 3.49 8.83 -4.04
N ASP A 8 3.81 10.11 -4.17
CA ASP A 8 3.07 10.97 -5.08
C ASP A 8 3.34 10.55 -6.53
N ILE A 9 2.27 10.25 -7.27
CA ILE A 9 2.39 9.83 -8.67
C ILE A 9 1.64 10.81 -9.57
N GLY A 10 2.28 11.23 -10.65
CA GLY A 10 1.67 12.15 -11.60
C GLY A 10 1.44 13.51 -10.95
N GLU A 11 0.77 14.40 -11.69
CA GLU A 11 0.50 15.75 -11.19
C GLU A 11 -0.83 15.77 -10.43
N GLY A 12 -0.91 16.62 -9.41
CA GLY A 12 -2.12 16.73 -8.61
C GLY A 12 -2.33 15.47 -7.77
N VAL A 13 -3.38 14.71 -8.11
CA VAL A 13 -3.69 13.48 -7.37
C VAL A 13 -3.95 13.84 -5.90
N THR A 14 -5.23 13.79 -5.50
CA THR A 14 -5.63 14.12 -4.13
C THR A 14 -6.41 12.99 -3.50
N GLU A 15 -6.42 11.82 -4.12
CA GLU A 15 -7.15 10.66 -3.57
C GLU A 15 -6.43 9.36 -3.88
N GLY A 16 -6.47 8.43 -2.91
CA GLY A 16 -5.84 7.12 -3.06
C GLY A 16 -6.88 6.01 -2.91
N GLU A 17 -7.06 5.19 -3.96
CA GLU A 17 -8.03 4.10 -3.93
C GLU A 17 -7.35 2.76 -4.10
N ILE A 18 -7.75 1.77 -3.29
CA ILE A 18 -7.16 0.43 -3.35
C ILE A 18 -8.09 -0.53 -4.10
N VAL A 19 -7.58 -1.11 -5.19
CA VAL A 19 -8.37 -2.04 -6.00
C VAL A 19 -8.18 -3.49 -5.52
N ARG A 20 -6.94 -3.91 -5.27
CA ARG A 20 -6.68 -5.30 -4.82
C ARG A 20 -5.55 -5.39 -3.79
N TRP A 21 -5.67 -6.37 -2.89
CA TRP A 21 -4.66 -6.64 -1.86
C TRP A 21 -4.13 -8.08 -2.10
N ASP A 22 -2.83 -8.31 -1.86
CA ASP A 22 -2.26 -9.66 -2.05
C ASP A 22 -1.58 -10.17 -0.78
N VAL A 23 -1.81 -9.50 0.34
CA VAL A 23 -1.20 -9.92 1.62
C VAL A 23 -2.25 -9.92 2.75
N LYS A 24 -2.00 -10.74 3.77
CA LYS A 24 -2.90 -10.85 4.90
C LYS A 24 -2.17 -10.51 6.19
N GLU A 25 -2.90 -10.05 7.20
CA GLU A 25 -2.28 -9.70 8.47
C GLU A 25 -1.68 -10.94 9.13
N GLY A 26 -0.41 -10.83 9.53
CA GLY A 26 0.27 -11.94 10.19
C GLY A 26 1.05 -12.79 9.19
N ASP A 27 1.09 -12.36 7.93
CA ASP A 27 1.82 -13.12 6.89
C ASP A 27 3.17 -12.46 6.60
N MET A 28 4.13 -13.28 6.17
CA MET A 28 5.48 -12.79 5.85
C MET A 28 5.57 -12.40 4.37
N VAL A 29 6.41 -11.40 4.09
CA VAL A 29 6.61 -10.94 2.70
C VAL A 29 8.08 -10.62 2.48
N GLU A 30 8.59 -10.96 1.29
CA GLU A 30 10.01 -10.73 0.96
C GLU A 30 10.16 -9.62 -0.08
N LYS A 31 11.36 -9.04 -0.15
CA LYS A 31 11.65 -7.97 -1.10
C LYS A 31 11.41 -8.45 -2.53
N ASP A 32 10.76 -7.62 -3.34
CA ASP A 32 10.47 -7.98 -4.72
C ASP A 32 9.63 -9.25 -4.81
N GLN A 33 8.80 -9.49 -3.79
CA GLN A 33 7.94 -10.68 -3.76
C GLN A 33 6.54 -10.30 -3.24
N ASP A 34 5.72 -9.72 -4.13
CA ASP A 34 4.37 -9.31 -3.75
C ASP A 34 3.61 -8.83 -4.98
N LEU A 35 2.37 -8.40 -4.78
CA LEU A 35 1.55 -7.91 -5.87
C LEU A 35 0.50 -6.93 -5.35
N VAL A 36 0.80 -5.63 -5.48
CA VAL A 36 -0.11 -4.58 -5.02
C VAL A 36 -0.47 -3.68 -6.19
N GLU A 37 -1.78 -3.42 -6.36
CA GLU A 37 -2.25 -2.54 -7.44
C GLU A 37 -2.89 -1.31 -6.84
N VAL A 38 -2.35 -0.14 -7.19
CA VAL A 38 -2.87 1.14 -6.68
C VAL A 38 -3.32 2.01 -7.85
N MET A 39 -4.50 2.61 -7.70
CA MET A 39 -5.07 3.47 -8.74
C MET A 39 -5.53 4.79 -8.14
N THR A 40 -5.10 5.89 -8.75
CA THR A 40 -5.46 7.21 -8.26
C THR A 40 -6.92 7.51 -8.58
N ASP A 41 -7.34 7.16 -9.80
CA ASP A 41 -8.72 7.40 -10.23
C ASP A 41 -9.11 6.43 -11.34
N LYS A 42 -8.48 6.57 -12.50
CA LYS A 42 -8.76 5.68 -13.64
C LYS A 42 -7.44 5.18 -14.25
N VAL A 43 -6.45 4.92 -13.39
CA VAL A 43 -5.15 4.44 -13.85
C VAL A 43 -4.69 3.27 -12.99
N THR A 44 -4.17 2.23 -13.64
CA THR A 44 -3.70 1.04 -12.92
C THR A 44 -2.20 0.86 -13.09
N VAL A 45 -1.47 0.87 -11.97
CA VAL A 45 -0.02 0.69 -12.00
C VAL A 45 0.42 -0.30 -10.92
N LYS A 46 1.58 -0.92 -11.13
CA LYS A 46 2.12 -1.90 -10.19
C LYS A 46 3.43 -1.40 -9.58
N ILE A 47 3.58 -1.55 -8.27
CA ILE A 47 4.78 -1.10 -7.57
C ILE A 47 5.27 -2.19 -6.60
N PRO A 48 6.53 -2.56 -6.61
CA PRO A 48 7.08 -3.63 -5.70
C PRO A 48 7.28 -3.13 -4.26
N SER A 49 7.07 -4.03 -3.28
CA SER A 49 7.25 -3.67 -1.88
C SER A 49 8.71 -3.24 -1.65
N PRO A 50 8.99 -1.97 -1.37
CA PRO A 50 10.40 -1.50 -1.18
C PRO A 50 11.09 -2.00 0.09
N VAL A 51 10.33 -2.46 1.10
CA VAL A 51 10.93 -2.95 2.34
C VAL A 51 10.25 -4.22 2.85
N ARG A 52 11.05 -5.28 3.05
CA ARG A 52 10.51 -6.56 3.55
C ARG A 52 10.59 -6.59 5.08
N GLY A 53 9.69 -7.34 5.71
CA GLY A 53 9.70 -7.43 7.17
C GLY A 53 8.51 -8.24 7.68
N LYS A 54 7.81 -7.72 8.71
CA LYS A 54 6.66 -8.42 9.28
C LYS A 54 5.44 -7.51 9.27
N ILE A 55 4.27 -8.11 9.03
CA ILE A 55 3.01 -7.35 8.99
C ILE A 55 2.26 -7.61 10.30
N VAL A 56 2.02 -6.57 11.09
CA VAL A 56 1.34 -6.74 12.38
C VAL A 56 -0.18 -6.63 12.26
N LYS A 57 -0.68 -5.53 11.71
CA LYS A 57 -2.15 -5.33 11.59
C LYS A 57 -2.52 -4.63 10.29
N ILE A 58 -3.75 -4.89 9.83
CA ILE A 58 -4.26 -4.26 8.62
C ILE A 58 -5.20 -3.12 8.97
N LEU A 59 -4.80 -1.90 8.62
CA LEU A 59 -5.63 -0.72 8.92
C LEU A 59 -6.46 -0.32 7.70
N TYR A 60 -6.07 -0.82 6.53
CA TYR A 60 -6.78 -0.50 5.28
C TYR A 60 -7.54 -1.73 4.77
N ARG A 61 -8.73 -1.48 4.21
CA ARG A 61 -9.57 -2.55 3.67
C ARG A 61 -9.96 -2.25 2.23
N GLU A 62 -10.48 -3.24 1.53
CA GLU A 62 -10.87 -3.07 0.12
C GLU A 62 -11.95 -1.99 0.00
N GLY A 63 -11.88 -1.23 -1.10
CA GLY A 63 -12.87 -0.18 -1.35
C GLY A 63 -12.50 1.12 -0.63
N GLN A 64 -11.33 1.13 -0.01
CA GLN A 64 -10.89 2.31 0.73
C GLN A 64 -10.55 3.46 -0.22
N VAL A 65 -11.06 4.63 0.13
CA VAL A 65 -10.82 5.86 -0.62
C VAL A 65 -10.41 6.95 0.37
N VAL A 66 -9.21 7.48 0.23
CA VAL A 66 -8.73 8.51 1.18
C VAL A 66 -7.75 9.49 0.52
N PRO A 67 -7.64 10.70 1.05
CA PRO A 67 -6.71 11.74 0.52
C PRO A 67 -5.25 11.38 0.80
N VAL A 68 -4.38 11.65 -0.16
CA VAL A 68 -2.96 11.35 0.05
C VAL A 68 -2.46 12.01 1.32
N GLY A 69 -1.89 11.20 2.21
CA GLY A 69 -1.36 11.71 3.48
C GLY A 69 -1.74 10.80 4.64
N SER A 70 -1.42 9.50 4.51
CA SER A 70 -1.75 8.55 5.57
C SER A 70 -0.94 7.26 5.40
N THR A 71 -0.96 6.41 6.44
CA THR A 71 -0.22 5.15 6.39
C THR A 71 -1.21 3.99 6.20
N LEU A 72 -0.92 3.15 5.20
CA LEU A 72 -1.80 2.02 4.92
C LEU A 72 -1.83 1.04 6.09
N LEU A 73 -0.67 0.79 6.67
CA LEU A 73 -0.57 -0.14 7.79
C LEU A 73 0.73 0.07 8.57
N GLN A 74 0.92 -0.68 9.68
CA GLN A 74 2.12 -0.52 10.51
C GLN A 74 3.08 -1.69 10.32
N ILE A 75 4.35 -1.39 10.02
CA ILE A 75 5.36 -2.42 9.79
C ILE A 75 6.55 -2.24 10.72
N ASP A 76 6.87 -3.30 11.46
CA ASP A 76 8.01 -3.29 12.37
C ASP A 76 9.25 -3.77 11.65
N THR A 77 10.39 -3.14 11.94
CA THR A 77 11.65 -3.54 11.29
C THR A 77 12.35 -4.61 12.13
#